data_2YLC
# 
_entry.id   2YLC 
# 
_audit_conform.dict_name       mmcif_pdbx.dic 
_audit_conform.dict_version    5.383 
_audit_conform.dict_location   http://mmcif.pdb.org/dictionaries/ascii/mmcif_pdbx.dic 
# 
loop_
_database_2.database_id 
_database_2.database_code 
_database_2.pdbx_database_accession 
_database_2.pdbx_DOI 
PDB   2YLC         pdb_00002ylc 10.2210/pdb2ylc/pdb 
PDBE  EBI-48508    ?            ?                   
WWPDB D_1290048508 ?            ?                   
# 
_pdbx_database_related.db_name        PDB 
_pdbx_database_related.db_id          2YLB 
_pdbx_database_related.content_type   unspecified 
_pdbx_database_related.details        'STRUCTURE OF SALMONELLA TYPHIMURIUM HFQ AT 1.15 A' 
# 
_pdbx_database_status.status_code                     REL 
_pdbx_database_status.entry_id                        2YLC 
_pdbx_database_status.deposit_site                    PDBE 
_pdbx_database_status.process_site                    PDBE 
_pdbx_database_status.SG_entry                        . 
_pdbx_database_status.recvd_initial_deposition_date   2011-06-01 
_pdbx_database_status.pdb_format_compatible           Y 
_pdbx_database_status.status_code_sf                  REL 
_pdbx_database_status.status_code_mr                  ? 
_pdbx_database_status.status_code_cs                  ? 
_pdbx_database_status.methods_development_category    ? 
_pdbx_database_status.status_code_nmr_data            ? 
# 
loop_
_audit_author.name 
_audit_author.pdbx_ordinal 
'Sauer, E.'         1 
'Weichenrieder, O.' 2 
# 
_citation.id                        primary 
_citation.title                     
;Structural Basis for RNA 3' End Recognition by Hfq
;
_citation.journal_abbrev            Proc.Natl.Acad.Sci.USA 
_citation.journal_volume            108 
_citation.page_first                13065 
_citation.page_last                 ? 
_citation.year                      2011 
_citation.journal_id_ASTM           PNASA6 
_citation.country                   US 
_citation.journal_id_ISSN           0027-8424 
_citation.journal_id_CSD            0040 
_citation.book_publisher            ? 
_citation.pdbx_database_id_PubMed   21737752 
_citation.pdbx_database_id_DOI      10.1073/PNAS.1103420108 
# 
loop_
_citation_author.citation_id 
_citation_author.name 
_citation_author.ordinal 
_citation_author.identifier_ORCID 
primary 'Sauer, E.'         1 ? 
primary 'Weichenrieder, O.' 2 ? 
# 
_cell.entry_id           2YLC 
_cell.length_a           61.190 
_cell.length_b           61.190 
_cell.length_c           28.350 
_cell.angle_alpha        90.00 
_cell.angle_beta         90.00 
_cell.angle_gamma        120.00 
_cell.Z_PDB              6 
_cell.pdbx_unique_axis   ? 
# 
_symmetry.entry_id                         2YLC 
_symmetry.space_group_name_H-M             'P 6' 
_symmetry.pdbx_full_space_group_name_H-M   ? 
_symmetry.cell_setting                     ? 
_symmetry.Int_Tables_number                168 
# 
loop_
_entity.id 
_entity.type 
_entity.src_method 
_entity.pdbx_description 
_entity.formula_weight 
_entity.pdbx_number_of_molecules 
_entity.pdbx_ec 
_entity.pdbx_mutation 
_entity.pdbx_fragment 
_entity.details 
1 polymer     man 'PROTEIN HFQ'              8257.572 1  ? ? 'RESIDUES 1-72' 
'THE SEQUENCE IS PRECEDED BY A GA TAG REMAINING FROM THE PURIFICATION TAG.' 
2 non-polymer syn 'THIOCYANATE ION'          58.082   2  ? ? ?               ? 
3 non-polymer syn "URIDINE-5'-MONOPHOSPHATE" 324.181  1  ? ? ?               ? 
4 water       nat water                      18.015   50 ? ? ?               ? 
# 
_entity_name_com.entity_id   1 
_entity_name_com.name        'HOST FACTOR-I PROTEIN, HF-I, HFQ PROTEIN' 
# 
_entity_poly.entity_id                      1 
_entity_poly.type                           'polypeptide(L)' 
_entity_poly.nstd_linkage                   no 
_entity_poly.nstd_monomer                   no 
_entity_poly.pdbx_seq_one_letter_code       GAMAKGQSLQDPFLNALRRERVPVSIYLVNGIKLQGQIESFDQFVILLKNTVSQMVYKHAISTVVPSRPVSHHS 
_entity_poly.pdbx_seq_one_letter_code_can   GAMAKGQSLQDPFLNALRRERVPVSIYLVNGIKLQGQIESFDQFVILLKNTVSQMVYKHAISTVVPSRPVSHHS 
_entity_poly.pdbx_strand_id                 A 
_entity_poly.pdbx_target_identifier         ? 
# 
loop_
_entity_poly_seq.entity_id 
_entity_poly_seq.num 
_entity_poly_seq.mon_id 
_entity_poly_seq.hetero 
1 1  GLY n 
1 2  ALA n 
1 3  MET n 
1 4  ALA n 
1 5  LYS n 
1 6  GLY n 
1 7  GLN n 
1 8  SER n 
1 9  LEU n 
1 10 GLN n 
1 11 ASP n 
1 12 PRO n 
1 13 PHE n 
1 14 LEU n 
1 15 ASN n 
1 16 ALA n 
1 17 LEU n 
1 18 ARG n 
1 19 ARG n 
1 20 GLU n 
1 21 ARG n 
1 22 VAL n 
1 23 PRO n 
1 24 VAL n 
1 25 SER n 
1 26 ILE n 
1 27 TYR n 
1 28 LEU n 
1 29 VAL n 
1 30 ASN n 
1 31 GLY n 
1 32 ILE n 
1 33 LYS n 
1 34 LEU n 
1 35 GLN n 
1 36 GLY n 
1 37 GLN n 
1 38 ILE n 
1 39 GLU n 
1 40 SER n 
1 41 PHE n 
1 42 ASP n 
1 43 GLN n 
1 44 PHE n 
1 45 VAL n 
1 46 ILE n 
1 47 LEU n 
1 48 LEU n 
1 49 LYS n 
1 50 ASN n 
1 51 THR n 
1 52 VAL n 
1 53 SER n 
1 54 GLN n 
1 55 MET n 
1 56 VAL n 
1 57 TYR n 
1 58 LYS n 
1 59 HIS n 
1 60 ALA n 
1 61 ILE n 
1 62 SER n 
1 63 THR n 
1 64 VAL n 
1 65 VAL n 
1 66 PRO n 
1 67 SER n 
1 68 ARG n 
1 69 PRO n 
1 70 VAL n 
1 71 SER n 
1 72 HIS n 
1 73 HIS n 
1 74 SER n 
# 
_entity_src_gen.entity_id                          1 
_entity_src_gen.pdbx_src_id                        1 
_entity_src_gen.pdbx_alt_source_flag               sample 
_entity_src_gen.pdbx_seq_type                      ? 
_entity_src_gen.pdbx_beg_seq_num                   ? 
_entity_src_gen.pdbx_end_seq_num                   ? 
_entity_src_gen.gene_src_common_name               ? 
_entity_src_gen.gene_src_genus                     ? 
_entity_src_gen.pdbx_gene_src_gene                 ? 
_entity_src_gen.gene_src_species                   ? 
_entity_src_gen.gene_src_strain                    LT2 
_entity_src_gen.gene_src_tissue                    ? 
_entity_src_gen.gene_src_tissue_fraction           ? 
_entity_src_gen.gene_src_details                   ? 
_entity_src_gen.pdbx_gene_src_fragment             ? 
_entity_src_gen.pdbx_gene_src_scientific_name      'SALMONELLA ENTERICA SUBSP. ENTERICA SEROVAR TYPHIMURIUM' 
_entity_src_gen.pdbx_gene_src_ncbi_taxonomy_id     99287 
_entity_src_gen.pdbx_gene_src_variant              ? 
_entity_src_gen.pdbx_gene_src_cell_line            ? 
_entity_src_gen.pdbx_gene_src_atcc                 700720 
_entity_src_gen.pdbx_gene_src_organ                ? 
_entity_src_gen.pdbx_gene_src_organelle            ? 
_entity_src_gen.pdbx_gene_src_cell                 ? 
_entity_src_gen.pdbx_gene_src_cellular_location    ? 
_entity_src_gen.host_org_common_name               ? 
_entity_src_gen.pdbx_host_org_scientific_name      'ESCHERICHIA COLI' 
_entity_src_gen.pdbx_host_org_ncbi_taxonomy_id     469008 
_entity_src_gen.host_org_genus                     ? 
_entity_src_gen.pdbx_host_org_gene                 ? 
_entity_src_gen.pdbx_host_org_organ                ? 
_entity_src_gen.host_org_species                   ? 
_entity_src_gen.pdbx_host_org_tissue               ? 
_entity_src_gen.pdbx_host_org_tissue_fraction      ? 
_entity_src_gen.pdbx_host_org_strain               'BL21(DE3)GOLD' 
_entity_src_gen.pdbx_host_org_variant              ? 
_entity_src_gen.pdbx_host_org_cell_line            ? 
_entity_src_gen.pdbx_host_org_atcc                 ? 
_entity_src_gen.pdbx_host_org_culture_collection   ? 
_entity_src_gen.pdbx_host_org_cell                 ? 
_entity_src_gen.pdbx_host_org_organelle            ? 
_entity_src_gen.pdbx_host_org_cellular_location    ? 
_entity_src_gen.pdbx_host_org_vector_type          PLASMID 
_entity_src_gen.pdbx_host_org_vector               ? 
_entity_src_gen.host_org_details                   ? 
_entity_src_gen.expression_system_id               ? 
_entity_src_gen.plasmid_name                       'PET M60' 
_entity_src_gen.plasmid_details                    ? 
_entity_src_gen.pdbx_description                   ? 
# 
_struct_ref.id                         1 
_struct_ref.db_name                    UNP 
_struct_ref.db_code                    HFQ_SALTY 
_struct_ref.entity_id                  1 
_struct_ref.pdbx_seq_one_letter_code   ? 
_struct_ref.pdbx_align_begin           ? 
_struct_ref.pdbx_db_accession          P0A1R0 
_struct_ref.pdbx_db_isoform            ? 
# 
_struct_ref_seq.align_id                      1 
_struct_ref_seq.ref_id                        1 
_struct_ref_seq.pdbx_PDB_id_code              2YLC 
_struct_ref_seq.pdbx_strand_id                A 
_struct_ref_seq.seq_align_beg                 3 
_struct_ref_seq.pdbx_seq_align_beg_ins_code   ? 
_struct_ref_seq.seq_align_end                 74 
_struct_ref_seq.pdbx_seq_align_end_ins_code   ? 
_struct_ref_seq.pdbx_db_accession             P0A1R0 
_struct_ref_seq.db_align_beg                  1 
_struct_ref_seq.pdbx_db_align_beg_ins_code    ? 
_struct_ref_seq.db_align_end                  72 
_struct_ref_seq.pdbx_db_align_end_ins_code    ? 
_struct_ref_seq.pdbx_auth_seq_align_beg       1 
_struct_ref_seq.pdbx_auth_seq_align_end       72 
# 
loop_
_struct_ref_seq_dif.align_id 
_struct_ref_seq_dif.pdbx_pdb_id_code 
_struct_ref_seq_dif.mon_id 
_struct_ref_seq_dif.pdbx_pdb_strand_id 
_struct_ref_seq_dif.seq_num 
_struct_ref_seq_dif.pdbx_pdb_ins_code 
_struct_ref_seq_dif.pdbx_seq_db_name 
_struct_ref_seq_dif.pdbx_seq_db_accession_code 
_struct_ref_seq_dif.db_mon_id 
_struct_ref_seq_dif.pdbx_seq_db_seq_num 
_struct_ref_seq_dif.details 
_struct_ref_seq_dif.pdbx_auth_seq_num 
_struct_ref_seq_dif.pdbx_ordinal 
1 2YLC GLY A 1 ? UNP P0A1R0 ? ? 'expression tag' -1 1 
1 2YLC ALA A 2 ? UNP P0A1R0 ? ? 'expression tag' 0  2 
# 
loop_
_chem_comp.id 
_chem_comp.type 
_chem_comp.mon_nstd_flag 
_chem_comp.name 
_chem_comp.pdbx_synonyms 
_chem_comp.formula 
_chem_comp.formula_weight 
ALA 'L-peptide linking' y ALANINE                    ? 'C3 H7 N O2'     89.093  
ARG 'L-peptide linking' y ARGININE                   ? 'C6 H15 N4 O2 1' 175.209 
ASN 'L-peptide linking' y ASPARAGINE                 ? 'C4 H8 N2 O3'    132.118 
ASP 'L-peptide linking' y 'ASPARTIC ACID'            ? 'C4 H7 N O4'     133.103 
GLN 'L-peptide linking' y GLUTAMINE                  ? 'C5 H10 N2 O3'   146.144 
GLU 'L-peptide linking' y 'GLUTAMIC ACID'            ? 'C5 H9 N O4'     147.129 
GLY 'peptide linking'   y GLYCINE                    ? 'C2 H5 N O2'     75.067  
HIS 'L-peptide linking' y HISTIDINE                  ? 'C6 H10 N3 O2 1' 156.162 
HOH non-polymer         . WATER                      ? 'H2 O'           18.015  
ILE 'L-peptide linking' y ISOLEUCINE                 ? 'C6 H13 N O2'    131.173 
LEU 'L-peptide linking' y LEUCINE                    ? 'C6 H13 N O2'    131.173 
LYS 'L-peptide linking' y LYSINE                     ? 'C6 H15 N2 O2 1' 147.195 
MET 'L-peptide linking' y METHIONINE                 ? 'C5 H11 N O2 S'  149.211 
PHE 'L-peptide linking' y PHENYLALANINE              ? 'C9 H11 N O2'    165.189 
PRO 'L-peptide linking' y PROLINE                    ? 'C5 H9 N O2'     115.130 
SCN non-polymer         . 'THIOCYANATE ION'          ? 'C N S -1'       58.082  
SER 'L-peptide linking' y SERINE                     ? 'C3 H7 N O3'     105.093 
THR 'L-peptide linking' y THREONINE                  ? 'C4 H9 N O3'     119.119 
TYR 'L-peptide linking' y TYROSINE                   ? 'C9 H11 N O3'    181.189 
U   'RNA linking'       y "URIDINE-5'-MONOPHOSPHATE" ? 'C9 H13 N2 O9 P' 324.181 
VAL 'L-peptide linking' y VALINE                     ? 'C5 H11 N O2'    117.146 
# 
_exptl.entry_id          2YLC 
_exptl.method            'X-RAY DIFFRACTION' 
_exptl.crystals_number   1 
# 
_exptl_crystal.id                    1 
_exptl_crystal.density_meas          ? 
_exptl_crystal.density_Matthews      2.1 
_exptl_crystal.density_percent_sol   40 
_exptl_crystal.description           NONE 
# 
_exptl_crystal_grow.crystal_id      1 
_exptl_crystal_grow.method          ? 
_exptl_crystal_grow.temp            ? 
_exptl_crystal_grow.temp_details    ? 
_exptl_crystal_grow.pH              8.0 
_exptl_crystal_grow.pdbx_pH_range   ? 
_exptl_crystal_grow.pdbx_details    '0.2 M NASCN, 20% PEG3350, pH 8.0' 
# 
_diffrn.id                     1 
_diffrn.ambient_temp           90 
_diffrn.ambient_temp_details   ? 
_diffrn.crystal_id             1 
# 
_diffrn_detector.diffrn_id              1 
_diffrn_detector.detector               PIXEL 
_diffrn_detector.type                   'DECTRIS PILATUS 6M' 
_diffrn_detector.pdbx_collection_date   2010-06-23 
_diffrn_detector.details                MIRRORS 
# 
_diffrn_radiation.diffrn_id                        1 
_diffrn_radiation.wavelength_id                    1 
_diffrn_radiation.pdbx_monochromatic_or_laue_m_l   M 
_diffrn_radiation.monochromator                    'SI(111)' 
_diffrn_radiation.pdbx_diffrn_protocol             'SINGLE WAVELENGTH' 
_diffrn_radiation.pdbx_scattering_type             x-ray 
# 
_diffrn_radiation_wavelength.id           1 
_diffrn_radiation_wavelength.wavelength   0.9790 
_diffrn_radiation_wavelength.wt           1.0 
# 
_diffrn_source.diffrn_id                   1 
_diffrn_source.source                      SYNCHROTRON 
_diffrn_source.type                        'SLS BEAMLINE X10SA' 
_diffrn_source.pdbx_synchrotron_site       SLS 
_diffrn_source.pdbx_synchrotron_beamline   X10SA 
_diffrn_source.pdbx_wavelength             0.9790 
_diffrn_source.pdbx_wavelength_list        ? 
# 
_reflns.pdbx_diffrn_id               1 
_reflns.pdbx_ordinal                 1 
_reflns.entry_id                     2YLC 
_reflns.observed_criterion_sigma_I   -3.0 
_reflns.observed_criterion_sigma_F   ? 
_reflns.d_resolution_low             30.60 
_reflns.d_resolution_high            1.30 
_reflns.number_obs                   15112 
_reflns.number_all                   ? 
_reflns.percent_possible_obs         100.0 
_reflns.pdbx_Rmerge_I_obs            ? 
_reflns.pdbx_Rsym_value              0.077 
_reflns.pdbx_netI_over_sigmaI        16.60 
_reflns.B_iso_Wilson_estimate        13.31 
_reflns.pdbx_redundancy              9.1 
# 
_reflns_shell.pdbx_diffrn_id         1 
_reflns_shell.pdbx_ordinal           1 
_reflns_shell.d_res_high             1.30 
_reflns_shell.d_res_low              1.40 
_reflns_shell.percent_possible_all   100.0 
_reflns_shell.Rmerge_I_obs           ? 
_reflns_shell.pdbx_Rsym_value        0.69 
_reflns_shell.meanI_over_sigI_obs    3.60 
_reflns_shell.pdbx_redundancy        7.4 
# 
_refine.pdbx_refine_id                           'X-RAY DIFFRACTION' 
_refine.entry_id                                 2YLC 
_refine.pdbx_diffrn_id                           1 
_refine.pdbx_TLS_residual_ADP_flag               ? 
_refine.ls_number_reflns_obs                     15112 
_refine.ls_number_reflns_all                     ? 
_refine.pdbx_ls_sigma_I                          ? 
_refine.pdbx_ls_sigma_F                          1.99 
_refine.pdbx_data_cutoff_high_absF               ? 
_refine.pdbx_data_cutoff_low_absF                ? 
_refine.pdbx_data_cutoff_high_rms_absF           ? 
_refine.ls_d_res_low                             30.595 
_refine.ls_d_res_high                            1.30 
_refine.ls_percent_reflns_obs                    99.93 
_refine.ls_R_factor_obs                          0.1342 
_refine.ls_R_factor_all                          ? 
_refine.ls_R_factor_R_work                       0.1317 
_refine.ls_R_factor_R_free                       0.1816 
_refine.ls_R_factor_R_free_error                 ? 
_refine.ls_R_factor_R_free_error_details         ? 
_refine.ls_percent_reflns_R_free                 5.0 
_refine.ls_number_reflns_R_free                  762 
_refine.ls_number_parameters                     ? 
_refine.ls_number_restraints                     ? 
_refine.occupancy_min                            ? 
_refine.occupancy_max                            ? 
_refine.correlation_coeff_Fo_to_Fc               ? 
_refine.correlation_coeff_Fo_to_Fc_free          ? 
_refine.B_iso_mean                               19.4 
_refine.aniso_B[1][1]                            -0.6328 
_refine.aniso_B[2][2]                            -0.6328 
_refine.aniso_B[3][3]                            1.2656 
_refine.aniso_B[1][2]                            0.0000 
_refine.aniso_B[1][3]                            0.0000 
_refine.aniso_B[2][3]                            0.0000 
_refine.solvent_model_details                    'FLAT BULK SOLVENT MODEL' 
_refine.solvent_model_param_ksol                 0.447 
_refine.solvent_model_param_bsol                 46.967 
_refine.pdbx_solvent_vdw_probe_radii             1.00 
_refine.pdbx_solvent_ion_probe_radii             ? 
_refine.pdbx_solvent_shrinkage_radii             0.89 
_refine.pdbx_ls_cross_valid_method               ? 
_refine.details                                  
;HYDROGENS WERE REFINED IN THE RIDING POSITIONS. B FACTORS WERE REFINED ANISOTROPICALLY FOR NON-HYDROGEN ATOMS. THE FOLLOWING RESIDUES WERE MODELED AS DOUBLE CONFORMATIONS. CHAIN A, RESIDUE 27. THE FOLLOWING RESIDUES ARE DISORDERED. CHAIN A, RESIDUES 1 TO 4, 71 TO 72. THE DENSITY FOR THE HEXAURIDINE RNA IS AVERAGED AROUND THE SIXFOLD AXIS. THE ASYMMETRIC UNIT CONTAINS ONLY ONE OF THE SIX URIDINES WITH A PHOSPHATE OCCUPANCY OF 5 OUT OF 6, AND WITH COVALENT BONDS TO ITS NUCLEOTIDE NEIGHBORS. THE BIOLOGICAL UNIT IS AN HFQ HEXAMER BOUND TO THE HEXAURIDINE RNA SUBSTRATE.
;
_refine.pdbx_starting_model                      'PDB ENTRY 2YLB' 
_refine.pdbx_method_to_determine_struct          'MOLECULAR REPLACEMENT' 
_refine.pdbx_isotropic_thermal_model             ? 
_refine.pdbx_stereochemistry_target_values       ML 
_refine.pdbx_stereochem_target_val_spec_case     ? 
_refine.pdbx_R_Free_selection_details            ? 
_refine.pdbx_overall_ESU_R                       ? 
_refine.pdbx_overall_ESU_R_Free                  ? 
_refine.overall_SU_ML                            0.14 
_refine.pdbx_overall_phase_error                 18.33 
_refine.overall_SU_B                             ? 
_refine.overall_SU_R_Cruickshank_DPI             ? 
_refine.pdbx_overall_SU_R_free_Cruickshank_DPI   ? 
_refine.pdbx_overall_SU_R_Blow_DPI               ? 
_refine.pdbx_overall_SU_R_free_Blow_DPI          ? 
# 
_refine_hist.pdbx_refine_id                   'X-RAY DIFFRACTION' 
_refine_hist.cycle_id                         LAST 
_refine_hist.pdbx_number_atoms_protein        529 
_refine_hist.pdbx_number_atoms_nucleic_acid   0 
_refine_hist.pdbx_number_atoms_ligand         26 
_refine_hist.number_atoms_solvent             50 
_refine_hist.number_atoms_total               605 
_refine_hist.d_res_high                       1.30 
_refine_hist.d_res_low                        30.595 
# 
loop_
_refine_ls_restr.type 
_refine_ls_restr.dev_ideal 
_refine_ls_restr.dev_ideal_target 
_refine_ls_restr.weight 
_refine_ls_restr.number 
_refine_ls_restr.pdbx_refine_id 
_refine_ls_restr.pdbx_restraint_function 
f_bond_d           0.013  ? ? 570 'X-RAY DIFFRACTION' ? 
f_angle_d          1.500  ? ? 774 'X-RAY DIFFRACTION' ? 
f_dihedral_angle_d 14.853 ? ? 216 'X-RAY DIFFRACTION' ? 
f_chiral_restr     0.088  ? ? 94  'X-RAY DIFFRACTION' ? 
f_plane_restr      0.010  ? ? 95  'X-RAY DIFFRACTION' ? 
# 
loop_
_refine_ls_shell.pdbx_refine_id 
_refine_ls_shell.pdbx_total_number_of_bins_used 
_refine_ls_shell.d_res_high 
_refine_ls_shell.d_res_low 
_refine_ls_shell.number_reflns_R_work 
_refine_ls_shell.R_factor_R_work 
_refine_ls_shell.percent_reflns_obs 
_refine_ls_shell.R_factor_R_free 
_refine_ls_shell.R_factor_R_free_error 
_refine_ls_shell.percent_reflns_R_free 
_refine_ls_shell.number_reflns_R_free 
_refine_ls_shell.number_reflns_all 
_refine_ls_shell.R_factor_all 
'X-RAY DIFFRACTION' . 1.3001 1.4005  2854 0.1730 100.00 0.2290 . . 139 . . 
'X-RAY DIFFRACTION' . 1.4005 1.5414  2847 0.1427 100.00 0.2025 . . 149 . . 
'X-RAY DIFFRACTION' . 1.5414 1.7645  2857 0.1194 100.00 0.1712 . . 164 . . 
'X-RAY DIFFRACTION' . 1.7645 2.2230  2845 0.1003 100.00 0.1723 . . 156 . . 
'X-RAY DIFFRACTION' . 2.2230 30.6035 2947 0.1407 100.00 0.1798 . . 154 . . 
# 
_struct.entry_id                  2YLC 
_struct.title                     'Structure of Salmonella typhimurium Hfq in complex with U6 RNA' 
_struct.pdbx_model_details        ? 
_struct.pdbx_CASP_flag            ? 
_struct.pdbx_model_type_details   ? 
# 
_struct_keywords.entry_id        2YLC 
_struct_keywords.pdbx_keywords   'RNA BINDING PROTEIN' 
_struct_keywords.text            'RNA-BINDING PROTEIN, LSM PROTEIN, RNA CHAPERONE, RNA BINDING PROTEIN' 
# 
loop_
_struct_asym.id 
_struct_asym.pdbx_blank_PDB_chainid_flag 
_struct_asym.pdbx_modified 
_struct_asym.entity_id 
_struct_asym.details 
A N N 1 ? 
B N N 2 ? 
C N N 2 ? 
D N N 3 ? 
E N N 4 ? 
# 
_struct_biol.id   1 
# 
_struct_conf.conf_type_id            HELX_P 
_struct_conf.id                      HELX_P1 
_struct_conf.pdbx_PDB_helix_id       1 
_struct_conf.beg_label_comp_id       GLN 
_struct_conf.beg_label_asym_id       A 
_struct_conf.beg_label_seq_id        10 
_struct_conf.pdbx_beg_PDB_ins_code   ? 
_struct_conf.end_label_comp_id       GLU 
_struct_conf.end_label_asym_id       A 
_struct_conf.end_label_seq_id        20 
_struct_conf.pdbx_end_PDB_ins_code   ? 
_struct_conf.beg_auth_comp_id        GLN 
_struct_conf.beg_auth_asym_id        A 
_struct_conf.beg_auth_seq_id         8 
_struct_conf.end_auth_comp_id        GLU 
_struct_conf.end_auth_asym_id        A 
_struct_conf.end_auth_seq_id         18 
_struct_conf.pdbx_PDB_helix_class    1 
_struct_conf.details                 ? 
_struct_conf.pdbx_PDB_helix_length   11 
# 
_struct_conf_type.id          HELX_P 
_struct_conf_type.criteria    ? 
_struct_conf_type.reference   ? 
# 
_struct_sheet.id               AA 
_struct_sheet.type             ? 
_struct_sheet.number_strands   5 
_struct_sheet.details          ? 
# 
loop_
_struct_sheet_order.sheet_id 
_struct_sheet_order.range_id_1 
_struct_sheet_order.range_id_2 
_struct_sheet_order.offset 
_struct_sheet_order.sense 
AA 1 2 ? anti-parallel 
AA 2 3 ? anti-parallel 
AA 3 4 ? anti-parallel 
AA 4 5 ? anti-parallel 
# 
loop_
_struct_sheet_range.sheet_id 
_struct_sheet_range.id 
_struct_sheet_range.beg_label_comp_id 
_struct_sheet_range.beg_label_asym_id 
_struct_sheet_range.beg_label_seq_id 
_struct_sheet_range.pdbx_beg_PDB_ins_code 
_struct_sheet_range.end_label_comp_id 
_struct_sheet_range.end_label_asym_id 
_struct_sheet_range.end_label_seq_id 
_struct_sheet_range.pdbx_end_PDB_ins_code 
_struct_sheet_range.beg_auth_comp_id 
_struct_sheet_range.beg_auth_asym_id 
_struct_sheet_range.beg_auth_seq_id 
_struct_sheet_range.end_auth_comp_id 
_struct_sheet_range.end_auth_asym_id 
_struct_sheet_range.end_auth_seq_id 
AA 1 SER A 53 ? TYR A 57 ? SER A 51 TYR A 55 
AA 2 VAL A 45 ? LYS A 49 ? VAL A 43 LYS A 47 
AA 3 LYS A 33 ? PHE A 41 ? LYS A 31 PHE A 39 
AA 4 VAL A 24 ? LEU A 28 ? VAL A 22 LEU A 26 
AA 5 ILE A 61 ? PRO A 66 ? ILE A 59 PRO A 64 
# 
loop_
_pdbx_struct_sheet_hbond.sheet_id 
_pdbx_struct_sheet_hbond.range_id_1 
_pdbx_struct_sheet_hbond.range_id_2 
_pdbx_struct_sheet_hbond.range_1_label_atom_id 
_pdbx_struct_sheet_hbond.range_1_label_comp_id 
_pdbx_struct_sheet_hbond.range_1_label_asym_id 
_pdbx_struct_sheet_hbond.range_1_label_seq_id 
_pdbx_struct_sheet_hbond.range_1_PDB_ins_code 
_pdbx_struct_sheet_hbond.range_1_auth_atom_id 
_pdbx_struct_sheet_hbond.range_1_auth_comp_id 
_pdbx_struct_sheet_hbond.range_1_auth_asym_id 
_pdbx_struct_sheet_hbond.range_1_auth_seq_id 
_pdbx_struct_sheet_hbond.range_2_label_atom_id 
_pdbx_struct_sheet_hbond.range_2_label_comp_id 
_pdbx_struct_sheet_hbond.range_2_label_asym_id 
_pdbx_struct_sheet_hbond.range_2_label_seq_id 
_pdbx_struct_sheet_hbond.range_2_PDB_ins_code 
_pdbx_struct_sheet_hbond.range_2_auth_atom_id 
_pdbx_struct_sheet_hbond.range_2_auth_comp_id 
_pdbx_struct_sheet_hbond.range_2_auth_asym_id 
_pdbx_struct_sheet_hbond.range_2_auth_seq_id 
AA 1 2 N VAL A 56 ? N VAL A 54 O ILE A 46 ? O ILE A 44 
AA 2 3 N LYS A 49 ? N LYS A 47 O GLN A 37 ? O GLN A 35 
AA 3 4 N GLY A 36 ? N GLY A 34 O VAL A 24 ? O VAL A 22 
AA 4 5 O TYR A 27 ? O TYR A 25 N SER A 62 ? N SER A 60 
# 
loop_
_struct_site.id 
_struct_site.pdbx_evidence_code 
_struct_site.pdbx_auth_asym_id 
_struct_site.pdbx_auth_comp_id 
_struct_site.pdbx_auth_seq_id 
_struct_site.pdbx_auth_ins_code 
_struct_site.pdbx_num_residues 
_struct_site.details 
AC1 Software A SCN 1071 ? 3  'BINDING SITE FOR RESIDUE SCN A 1071' 
AC2 Software A SCN 1072 ? 6  'BINDING SITE FOR RESIDUE SCN A 1072' 
AC3 Software A U   1073 ? 13 'BINDING SITE FOR RESIDUE U A 1073'   
# 
loop_
_struct_site_gen.id 
_struct_site_gen.site_id 
_struct_site_gen.pdbx_num_res 
_struct_site_gen.label_comp_id 
_struct_site_gen.label_asym_id 
_struct_site_gen.label_seq_id 
_struct_site_gen.pdbx_auth_ins_code 
_struct_site_gen.auth_comp_id 
_struct_site_gen.auth_asym_id 
_struct_site_gen.auth_seq_id 
_struct_site_gen.label_atom_id 
_struct_site_gen.label_alt_id 
_struct_site_gen.symmetry 
_struct_site_gen.details 
1  AC1 3  GLN A 10 ? GLN A 8    . ? 5_555 ? 
2  AC1 3  LYS A 58 ? LYS A 56   . ? 5_555 ? 
3  AC1 3  U   D .  ? U   A 1073 . ? 1_555 ? 
4  AC2 6  ARG A 21 ? ARG A 19   . ? 4_545 ? 
5  AC2 6  GLN A 37 ? GLN A 35   . ? 4_545 ? 
6  AC2 6  LYS A 49 ? LYS A 47   . ? 1_555 ? 
7  AC2 6  SER A 53 ? SER A 51   . ? 1_555 ? 
8  AC2 6  VAL A 70 ? VAL A 68   . ? 5_555 ? 
9  AC2 6  HIS A 72 ? HIS A 70   . ? 5_555 ? 
10 AC3 13 GLN A 10 ? GLN A 8    . ? 5_555 ? 
11 AC3 13 GLN A 43 ? GLN A 41   . ? 5_555 ? 
12 AC3 13 PHE A 44 ? PHE A 42   . ? 5_555 ? 
13 AC3 13 PHE A 44 ? PHE A 42   . ? 1_555 ? 
14 AC3 13 TYR A 57 ? TYR A 55   . ? 1_555 ? 
15 AC3 13 LYS A 58 ? LYS A 56   . ? 5_555 ? 
16 AC3 13 HIS A 59 ? HIS A 57   . ? 1_555 ? 
17 AC3 13 HIS A 59 ? HIS A 57   . ? 5_555 ? 
18 AC3 13 SCN B .  ? SCN A 1071 . ? 1_555 ? 
19 AC3 13 HOH E .  ? HOH A 2035 . ? 1_555 ? 
20 AC3 13 HOH E .  ? HOH A 2048 . ? 6_555 ? 
21 AC3 13 HOH E .  ? HOH A 2048 . ? 1_555 ? 
22 AC3 13 HOH E .  ? HOH A 2049 . ? 1_555 ? 
# 
_atom_sites.entry_id                    2YLC 
_atom_sites.fract_transf_matrix[1][1]   -0.00202256 
_atom_sites.fract_transf_matrix[1][2]   -0.00210818 
_atom_sites.fract_transf_matrix[1][3]   -0.01864344 
_atom_sites.fract_transf_matrix[2][1]   -0.01687227 
_atom_sites.fract_transf_matrix[2][2]   -0.00438895 
_atom_sites.fract_transf_matrix[2][3]   -0.00722345 
_atom_sites.fract_transf_matrix[3][1]   -0.00761675 
_atom_sites.fract_transf_matrix[3][2]   0.03430524 
_atom_sites.fract_transf_matrix[3][3]   -0.00305288 
_atom_sites.fract_transf_vector[1]      0.112450 
_atom_sites.fract_transf_vector[2]      -0.241838 
_atom_sites.fract_transf_vector[3]      -0.217892 
# 
loop_
_atom_type.symbol 
C 
H 
N 
O 
P 
S 
# 
loop_
_atom_site.group_PDB 
_atom_site.id 
_atom_site.type_symbol 
_atom_site.label_atom_id 
_atom_site.label_alt_id 
_atom_site.label_comp_id 
_atom_site.label_asym_id 
_atom_site.label_entity_id 
_atom_site.label_seq_id 
_atom_site.pdbx_PDB_ins_code 
_atom_site.Cartn_x 
_atom_site.Cartn_y 
_atom_site.Cartn_z 
_atom_site.occupancy 
_atom_site.B_iso_or_equiv 
_atom_site.pdbx_formal_charge 
_atom_site.auth_seq_id 
_atom_site.auth_comp_id 
_atom_site.auth_asym_id 
_atom_site.auth_atom_id 
_atom_site.pdbx_PDB_model_num 
ATOM   1    N N      . GLN A 1 7  ? -3.312  -18.173 -5.414  1.00 35.08 ? 5    GLN A N      1 
ATOM   2    C CA     . GLN A 1 7  ? -4.355  -17.995 -4.403  1.00 33.16 ? 5    GLN A CA     1 
ATOM   3    C C      . GLN A 1 7  ? -4.793  -16.547 -4.268  1.00 30.20 ? 5    GLN A C      1 
ATOM   4    O O      . GLN A 1 7  ? -5.922  -16.266 -3.867  1.00 36.44 ? 5    GLN A O      1 
ATOM   5    C CB     . GLN A 1 7  ? -3.876  -18.493 -3.033  1.00 35.27 ? 5    GLN A CB     1 
ATOM   6    C CG     . GLN A 1 7  ? -3.697  -20.000 -2.968  1.00 32.13 ? 5    GLN A CG     1 
ATOM   7    C CD     . GLN A 1 7  ? -4.100  -20.564 -1.629  1.00 26.07 ? 5    GLN A CD     1 
ATOM   8    O OE1    . GLN A 1 7  ? -4.511  -19.815 -0.722  1.00 29.17 ? 5    GLN A OE1    1 
ATOM   9    N NE2    . GLN A 1 7  ? -3.989  -21.874 -1.478  1.00 25.03 ? 5    GLN A NE2    1 
ATOM   10   H HA     . GLN A 1 7  ? -5.139  -18.524 -4.660  1.00 39.79 ? 5    GLN A HA     1 
ATOM   11   H HB2    . GLN A 1 7  ? -3.020  -18.084 -2.830  1.00 42.33 ? 5    GLN A HB2    1 
ATOM   12   H HB3    . GLN A 1 7  ? -4.529  -18.242 -2.361  1.00 42.33 ? 5    GLN A HB3    1 
ATOM   13   H HG2    . GLN A 1 7  ? -4.250  -20.415 -3.649  1.00 38.55 ? 5    GLN A HG2    1 
ATOM   14   H HG3    . GLN A 1 7  ? -2.764  -20.216 -3.118  1.00 38.55 ? 5    GLN A HG3    1 
ATOM   15   H HE21   . GLN A 1 7  ? -3.697  -22.358 -2.125  1.00 30.04 ? 5    GLN A HE21   1 
ATOM   16   H HE22   . GLN A 1 7  ? -4.207  -22.240 -0.731  1.00 30.04 ? 5    GLN A HE22   1 
ATOM   17   N N      . SER A 1 8  ? -3.894  -15.631 -4.599  1.00 23.93 ? 6    SER A N      1 
ATOM   18   C CA     . SER A 1 8  ? -4.103  -14.230 -4.339  1.00 20.82 ? 6    SER A CA     1 
ATOM   19   C C      . SER A 1 8  ? -3.563  -13.427 -5.520  1.00 18.37 ? 6    SER A C      1 
ATOM   20   O O      . SER A 1 8  ? -2.479  -13.735 -6.038  1.00 21.29 ? 6    SER A O      1 
ATOM   21   C CB     . SER A 1 8  ? -3.285  -13.897 -3.078  1.00 24.71 ? 6    SER A CB     1 
ATOM   22   O OG     . SER A 1 8  ? -3.385  -12.559 -2.671  1.00 20.69 ? 6    SER A OG     1 
ATOM   23   H H      . SER A 1 8  ? -3.143  -15.806 -4.982  1.00 28.72 ? 6    SER A H      1 
ATOM   24   H HA     . SER A 1 8  ? -5.053  -14.031 -4.194  1.00 24.98 ? 6    SER A HA     1 
ATOM   25   H HB2    . SER A 1 8  ? -3.597  -14.461 -2.354  1.00 29.65 ? 6    SER A HB2    1 
ATOM   26   H HB3    . SER A 1 8  ? -2.352  -14.091 -3.260  1.00 29.65 ? 6    SER A HB3    1 
ATOM   27   H HG     . SER A 1 8  ? -2.932  -12.437 -1.999  1.00 24.83 ? 6    SER A HG     1 
ATOM   28   N N      . LEU A 1 9  ? -4.273  -12.374 -5.908  1.00 15.81 ? 7    LEU A N      1 
ATOM   29   C CA     . LEU A 1 9  ? -3.727  -11.304 -6.732  1.00 15.18 ? 7    LEU A CA     1 
ATOM   30   C C      . LEU A 1 9  ? -3.226  -10.133 -5.866  1.00 14.67 ? 7    LEU A C      1 
ATOM   31   O O      . LEU A 1 9  ? -2.269  -9.432  -6.201  1.00 13.52 ? 7    LEU A O      1 
ATOM   32   C CB     . LEU A 1 9  ? -4.776  -10.822 -7.710  1.00 21.17 ? 7    LEU A CB     1 
ATOM   33   C CG     . LEU A 1 9  ? -5.039  -11.932 -8.729  1.00 26.28 ? 7    LEU A CG     1 
ATOM   34   C CD1    . LEU A 1 9  ? -6.132  -11.525 -9.675  1.00 34.08 ? 7    LEU A CD1    1 
ATOM   35   C CD2    . LEU A 1 9  ? -3.777  -12.322 -9.518  1.00 31.13 ? 7    LEU A CD2    1 
ATOM   36   H H      . LEU A 1 9  ? -5.098  -12.255 -5.699  1.00 18.98 ? 7    LEU A H      1 
ATOM   37   H HA     . LEU A 1 9  ? -2.968  -11.650 -7.245  1.00 18.22 ? 7    LEU A HA     1 
ATOM   38   H HB2    . LEU A 1 9  ? -5.601  -10.629 -7.238  1.00 25.41 ? 7    LEU A HB2    1 
ATOM   39   H HB3    . LEU A 1 9  ? -4.454  -10.037 -8.178  1.00 25.41 ? 7    LEU A HB3    1 
ATOM   40   H HG     . LEU A 1 9  ? -5.342  -12.721 -8.254  1.00 31.54 ? 7    LEU A HG     1 
ATOM   41   H HD11   . LEU A 1 9  ? -5.864  -10.728 -10.137 1.00 40.89 ? 7    LEU A HD11   1 
ATOM   42   H HD12   . LEU A 1 9  ? -6.278  -12.235 -10.305 1.00 40.89 ? 7    LEU A HD12   1 
ATOM   43   H HD13   . LEU A 1 9  ? -6.933  -11.361 -9.173  1.00 40.89 ? 7    LEU A HD13   1 
ATOM   44   H HD21   . LEU A 1 9  ? -3.109  -12.634 -8.903  1.00 37.36 ? 7    LEU A HD21   1 
ATOM   45   H HD22   . LEU A 1 9  ? -4.001  -13.018 -10.140 1.00 37.36 ? 7    LEU A HD22   1 
ATOM   46   H HD23   . LEU A 1 9  ? -3.454  -11.552 -9.991  1.00 37.36 ? 7    LEU A HD23   1 
ATOM   47   N N      . GLN A 1 10 ? -3.857  -9.939  -4.717  1.00 11.79 ? 8    GLN A N      1 
ATOM   48   C CA     . GLN A 1 10 ? -3.449  -8.908  -3.792  1.00 11.36 ? 8    GLN A CA     1 
ATOM   49   C C      . GLN A 1 10 ? -1.996  -9.046  -3.336  1.00 10.95 ? 8    GLN A C      1 
ATOM   50   O O      . GLN A 1 10 ? -1.238  -8.064  -3.337  1.00 12.82 ? 8    GLN A O      1 
ATOM   51   C CB     . GLN A 1 10 ? -4.353  -8.966  -2.576  1.00 11.18 ? 8    GLN A CB     1 
ATOM   52   C CG     . GLN A 1 10 ? -4.011  -7.896  -1.525  1.00 12.14 ? 8    GLN A CG     1 
ATOM   53   C CD     . GLN A 1 10 ? -4.757  -7.988  -0.230  1.00 11.83 ? 8    GLN A CD     1 
ATOM   54   O OE1    . GLN A 1 10 ? -4.494  -7.203  0.665   1.00 13.13 ? 8    GLN A OE1    1 
ATOM   55   N NE2    . GLN A 1 10 ? -5.665  -8.941  -0.101  1.00 13.46 ? 8    GLN A NE2    1 
ATOM   56   H H      . GLN A 1 10 ? -4.532  -10.400 -4.452  1.00 14.15 ? 8    GLN A H      1 
ATOM   57   H HA     . GLN A 1 10 ? -3.557  -8.031  -4.214  1.00 13.63 ? 8    GLN A HA     1 
ATOM   58   H HB2    . GLN A 1 10 ? -5.271  -8.826  -2.858  1.00 13.42 ? 8    GLN A HB2    1 
ATOM   59   H HB3    . GLN A 1 10 ? -4.263  -9.837  -2.157  1.00 13.42 ? 8    GLN A HB3    1 
ATOM   60   H HG2    . GLN A 1 10 ? -3.065  -7.963  -1.319  1.00 14.57 ? 8    GLN A HG2    1 
ATOM   61   H HG3    . GLN A 1 10 ? -4.198  -7.025  -1.906  1.00 14.57 ? 8    GLN A HG3    1 
ATOM   62   H HE21   . GLN A 1 10 ? -5.811  -9.486  -0.751  1.00 16.16 ? 8    GLN A HE21   1 
ATOM   63   H HE22   . GLN A 1 10 ? -6.108  -9.016  0.631   1.00 16.16 ? 8    GLN A HE22   1 
ATOM   64   N N      . ASP A 1 11 ? -1.606  -10.257 -2.963  1.00 11.54 ? 9    ASP A N      1 
ATOM   65   C CA     . ASP A 1 11 ? -0.261  -10.470 -2.435  1.00 14.18 ? 9    ASP A CA     1 
ATOM   66   C C      . ASP A 1 11 ? 0.821   -10.145 -3.502  1.00 12.88 ? 9    ASP A C      1 
ATOM   67   O O      . ASP A 1 11 ? 1.719   -9.370  -3.242  1.00 13.56 ? 9    ASP A O      1 
ATOM   68   C CB     . ASP A 1 11 ? -0.164  -11.908 -1.885  1.00 14.80 ? 9    ASP A CB     1 
ATOM   69   C CG     . ASP A 1 11 ? 1.223   -12.316 -1.506  1.00 22.83 ? 9    ASP A CG     1 
ATOM   70   O OD1    . ASP A 1 11 ? 1.770   -11.783 -0.540  1.00 30.10 ? 9    ASP A OD1    1 
ATOM   71   O OD2    . ASP A 1 11 ? 1.752   -13.219 -2.164  1.00 35.35 ? 9    ASP A OD2    1 
ATOM   72   H H      . ASP A 1 11 ? -2.091  -10.966 -3.003  1.00 13.85 ? 9    ASP A H      1 
ATOM   73   H HA     . ASP A 1 11 ? -0.123  -9.857  -1.682  1.00 17.02 ? 9    ASP A HA     1 
ATOM   74   H HB2    . ASP A 1 11 ? -0.720  -11.978 -1.094  1.00 17.77 ? 9    ASP A HB2    1 
ATOM   75   H HB3    . ASP A 1 11 ? -0.479  -12.524 -2.565  1.00 17.77 ? 9    ASP A HB3    1 
ATOM   76   N N      . PRO A 1 12 ? 0.723   -10.696 -4.734  1.00 13.42 ? 10   PRO A N      1 
ATOM   77   C CA     . PRO A 1 12 ? 1.763   -10.331 -5.691  1.00 14.39 ? 10   PRO A CA     1 
ATOM   78   C C      . PRO A 1 12 ? 1.746   -8.864  -6.094  1.00 13.54 ? 10   PRO A C      1 
ATOM   79   O O      . PRO A 1 12 ? 2.795   -8.346  -6.414  1.00 14.69 ? 10   PRO A O      1 
ATOM   80   C CB     . PRO A 1 12 ? 1.485   -11.243 -6.888  1.00 19.07 ? 10   PRO A CB     1 
ATOM   81   C CG     . PRO A 1 12 ? 0.195   -11.903 -6.642  1.00 20.58 ? 10   PRO A CG     1 
ATOM   82   C CD     . PRO A 1 12 ? -0.068  -11.857 -5.180  1.00 15.73 ? 10   PRO A CD     1 
ATOM   83   H HA     . PRO A 1 12 ? 2.645   -10.549 -5.325  1.00 17.27 ? 10   PRO A HA     1 
ATOM   84   H HB2    . PRO A 1 12 ? 1.441   -10.706 -7.695  1.00 22.88 ? 10   PRO A HB2    1 
ATOM   85   H HB3    . PRO A 1 12 ? 2.193   -11.902 -6.959  1.00 22.88 ? 10   PRO A HB3    1 
ATOM   86   H HG2    . PRO A 1 12 ? -0.502  -11.429 -7.123  1.00 24.70 ? 10   PRO A HG2    1 
ATOM   87   H HG3    . PRO A 1 12 ? 0.245   -12.823 -6.945  1.00 24.70 ? 10   PRO A HG3    1 
ATOM   88   H HD2    . PRO A 1 12 ? -1.011  -11.710 -5.009  1.00 18.88 ? 10   PRO A HD2    1 
ATOM   89   H HD3    . PRO A 1 12 ? 0.249   -12.668 -4.752  1.00 18.88 ? 10   PRO A HD3    1 
ATOM   90   N N      . PHE A 1 13 ? 0.596   -8.205  -6.087  1.00 12.44 ? 11   PHE A N      1 
ATOM   91   C CA     . PHE A 1 13 ? 0.535   -6.784  -6.388  1.00 11.23 ? 11   PHE A CA     1 
ATOM   92   C C      . PHE A 1 13 ? 1.246   -5.972  -5.321  1.00 10.97 ? 11   PHE A C      1 
ATOM   93   O O      . PHE A 1 13 ? 2.096   -5.124  -5.647  1.00 13.04 ? 11   PHE A O      1 
ATOM   94   C CB     . PHE A 1 13 ? -0.916  -6.337  -6.562  1.00 13.07 ? 11   PHE A CB     1 
ATOM   95   C CG     . PHE A 1 13 ? -1.074  -4.965  -7.120  1.00 13.01 ? 11   PHE A CG     1 
ATOM   96   C CD1    . PHE A 1 13 ? -0.899  -4.746  -8.478  1.00 16.66 ? 11   PHE A CD1    1 
ATOM   97   C CD2    . PHE A 1 13 ? -1.419  -3.889  -6.315  1.00 16.09 ? 11   PHE A CD2    1 
ATOM   98   C CE1    . PHE A 1 13 ? -1.077  -3.474  -9.012  1.00 18.76 ? 11   PHE A CE1    1 
ATOM   99   C CE2    . PHE A 1 13 ? -1.608  -2.630  -6.845  1.00 15.58 ? 11   PHE A CE2    1 
ATOM   100  C CZ     . PHE A 1 13 ? -1.421  -2.421  -8.184  1.00 17.88 ? 11   PHE A CZ     1 
ATOM   101  H H      . PHE A 1 13 ? -0.167  -8.559  -5.910  1.00 14.92 ? 11   PHE A H      1 
ATOM   102  H HA     . PHE A 1 13 ? 0.997   -6.624  -7.237  1.00 13.48 ? 11   PHE A HA     1 
ATOM   103  H HB2    . PHE A 1 13 ? -1.359  -6.953  -7.166  1.00 15.69 ? 11   PHE A HB2    1 
ATOM   104  H HB3    . PHE A 1 13 ? -1.352  -6.356  -5.696  1.00 15.69 ? 11   PHE A HB3    1 
ATOM   105  H HD1    . PHE A 1 13 ? -0.671  -5.454  -9.035  1.00 20.00 ? 11   PHE A HD1    1 
ATOM   106  H HD2    . PHE A 1 13 ? -1.553  -4.025  -5.404  1.00 19.31 ? 11   PHE A HD2    1 
ATOM   107  H HE1    . PHE A 1 13 ? -0.954  -3.329  -9.923  1.00 22.52 ? 11   PHE A HE1    1 
ATOM   108  H HE2    . PHE A 1 13 ? -1.832  -1.919  -6.289  1.00 18.69 ? 11   PHE A HE2    1 
ATOM   109  H HZ     . PHE A 1 13 ? -1.534  -1.570  -8.540  1.00 21.46 ? 11   PHE A HZ     1 
ATOM   110  N N      . LEU A 1 14 ? 0.885   -6.174  -4.059  1.00 11.16 ? 12   LEU A N      1 
ATOM   111  C CA     . LEU A 1 14 ? 1.548   -5.458  -2.975  1.00 11.64 ? 12   LEU A CA     1 
ATOM   112  C C      . LEU A 1 14 ? 3.042   -5.785  -2.922  1.00 11.53 ? 12   LEU A C      1 
ATOM   113  O O      . LEU A 1 14 ? 3.882   -4.932  -2.623  1.00 12.23 ? 12   LEU A O      1 
ATOM   114  C CB     . LEU A 1 14 ? 0.877   -5.770  -1.643  1.00 11.96 ? 12   LEU A CB     1 
ATOM   115  C CG     . LEU A 1 14 ? -0.548  -5.238  -1.478  1.00 11.69 ? 12   LEU A CG     1 
ATOM   116  C CD1    . LEU A 1 14 ? -1.119  -5.657  -0.126  1.00 12.98 ? 12   LEU A CD1    1 
ATOM   117  C CD2    . LEU A 1 14 ? -0.595  -3.728  -1.624  1.00 15.04 ? 12   LEU A CD2    1 
ATOM   118  H H      . LEU A 1 14 ? 0.266   -6.716  -3.805  1.00 13.39 ? 12   LEU A H      1 
ATOM   119  H HA     . LEU A 1 14 ? 1.460   -4.495  -3.135  1.00 13.97 ? 12   LEU A HA     1 
ATOM   120  H HB2    . LEU A 1 14 ? 0.842   -6.734  -1.536  1.00 14.35 ? 12   LEU A HB2    1 
ATOM   121  H HB3    . LEU A 1 14 ? 1.415   -5.386  -0.932  1.00 14.35 ? 12   LEU A HB3    1 
ATOM   122  H HG     . LEU A 1 14 ? -1.110  -5.621  -2.170  1.00 14.02 ? 12   LEU A HG     1 
ATOM   123  H HD11   . LEU A 1 14 ? -0.565  -5.299  0.571   1.00 15.58 ? 12   LEU A HD11   1 
ATOM   124  H HD12   . LEU A 1 14 ? -2.012  -5.314  -0.044  1.00 15.58 ? 12   LEU A HD12   1 
ATOM   125  H HD13   . LEU A 1 14 ? -1.130  -6.616  -0.076  1.00 15.58 ? 12   LEU A HD13   1 
ATOM   126  H HD21   . LEU A 1 14 ? -0.274  -3.490  -2.497  1.00 18.05 ? 12   LEU A HD21   1 
ATOM   127  H HD22   . LEU A 1 14 ? -1.501  -3.431  -1.516  1.00 18.05 ? 12   LEU A HD22   1 
ATOM   128  H HD23   . LEU A 1 14 ? -0.036  -3.332  -0.951  1.00 18.05 ? 12   LEU A HD23   1 
ATOM   129  N N      . ASN A 1 15 ? 3.376   -7.030  -3.202  1.00 11.83 ? 13   ASN A N      1 
ATOM   130  C CA     . ASN A 1 15 ? 4.768   -7.408  -3.171  1.00 12.29 ? 13   ASN A CA     1 
ATOM   131  C C      . ASN A 1 15 ? 5.568   -6.720  -4.271  1.00 13.03 ? 13   ASN A C      1 
ATOM   132  O O      . ASN A 1 15 ? 6.746   -6.399  -4.061  1.00 14.29 ? 13   ASN A O      1 
ATOM   133  C CB     . ASN A 1 15 ? 4.940   -8.914  -3.285  1.00 15.17 ? 13   ASN A CB     1 
ATOM   134  C CG     . ASN A 1 15 ? 6.340   -9.320  -3.051  1.00 24.76 ? 13   ASN A CG     1 
ATOM   135  O OD1    . ASN A 1 15 ? 6.853   -9.130  -1.947  1.00 29.93 ? 13   ASN A OD1    1 
ATOM   136  N ND2    . ASN A 1 15 ? 6.993   -9.865  -4.078  1.00 36.80 ? 13   ASN A ND2    1 
ATOM   137  H H      . ASN A 1 15 ? 2.829   -7.660  -3.409  1.00 14.20 ? 13   ASN A H      1 
ATOM   138  H HA     . ASN A 1 15 ? 5.148   -7.130  -2.311  1.00 14.74 ? 13   ASN A HA     1 
ATOM   139  H HB2    . ASN A 1 15 ? 4.382   -9.351  -2.622  1.00 18.20 ? 13   ASN A HB2    1 
ATOM   140  H HB3    . ASN A 1 15 ? 4.686   -9.199  -4.177  1.00 18.20 ? 13   ASN A HB3    1 
ATOM   141  H HD21   . ASN A 1 15 ? 6.597   -9.966  -4.835  1.00 44.16 ? 13   ASN A HD21   1 
ATOM   142  H HD22   . ASN A 1 15 ? 7.811   -10.115 -3.984  1.00 44.16 ? 13   ASN A HD22   1 
ATOM   143  N N      . ALA A 1 16 ? 4.968   -6.515  -5.453  1.00 12.69 ? 14   ALA A N      1 
ATOM   144  C CA     . ALA A 1 16 ? 5.661   -5.830  -6.533  1.00 14.46 ? 14   ALA A CA     1 
ATOM   145  C C      . ALA A 1 16 ? 5.897   -4.391  -6.127  1.00 14.47 ? 14   ALA A C      1 
ATOM   146  O O      . ALA A 1 16 ? 6.964   -3.835  -6.364  1.00 14.71 ? 14   ALA A O      1 
ATOM   147  C CB     . ALA A 1 16 ? 4.822   -5.886  -7.807  1.00 14.59 ? 14   ALA A CB     1 
ATOM   148  H H      . ALA A 1 16 ? 4.167   -6.764  -5.645  1.00 15.23 ? 14   ALA A H      1 
ATOM   149  H HA     . ALA A 1 16 ? 6.526   -6.258  -6.702  1.00 17.35 ? 14   ALA A HA     1 
ATOM   150  H HB1    . ALA A 1 16 ? 3.977   -5.458  -7.644  1.00 17.50 ? 14   ALA A HB1    1 
ATOM   151  H HB2    . ALA A 1 16 ? 5.290   -5.430  -8.509  1.00 17.50 ? 14   ALA A HB2    1 
ATOM   152  H HB3    . ALA A 1 16 ? 4.682   -6.805  -8.048  1.00 17.50 ? 14   ALA A HB3    1 
ATOM   153  N N      . LEU A 1 17 ? 4.893   -3.789  -5.494  1.00 13.51 ? 15   LEU A N      1 
ATOM   154  C CA     . LEU A 1 17 ? 5.020   -2.415  -5.027  1.00 13.70 ? 15   LEU A CA     1 
ATOM   155  C C      . LEU A 1 17 ? 6.115   -2.292  -3.978  1.00 14.25 ? 15   LEU A C      1 
ATOM   156  O O      . LEU A 1 17 ? 6.916   -1.360  -4.015  1.00 13.60 ? 15   LEU A O      1 
ATOM   157  C CB     . LEU A 1 17 ? 3.699   -1.877  -4.501  1.00 14.30 ? 15   LEU A CB     1 
ATOM   158  C CG     . LEU A 1 17 ? 2.592   -1.712  -5.557  1.00 17.68 ? 15   LEU A CG     1 
ATOM   159  C CD1    . LEU A 1 17 ? 1.286   -1.426  -4.895  1.00 15.67 ? 15   LEU A CD1    1 
ATOM   160  C CD2    . LEU A 1 17 ? 2.895   -0.622  -6.583  1.00 25.63 ? 15   LEU A CD2    1 
ATOM   161  H H      . LEU A 1 17 ? 4.132   -4.152  -5.325  1.00 16.22 ? 15   LEU A H      1 
ATOM   162  H HA     . LEU A 1 17 ? 5.281   -1.855  -5.788  1.00 16.43 ? 15   LEU A HA     1 
ATOM   163  H HB2    . LEU A 1 17 ? 3.367   -2.486  -3.824  1.00 17.16 ? 15   LEU A HB2    1 
ATOM   164  H HB3    . LEU A 1 17 ? 3.857   -1.006  -4.106  1.00 17.16 ? 15   LEU A HB3    1 
ATOM   165  H HG     . LEU A 1 17 ? 2.498   -2.549  -6.038  1.00 21.21 ? 15   LEU A HG     1 
ATOM   166  H HD11   . LEU A 1 17 ? 1.365   -0.615  -4.386  1.00 18.80 ? 15   LEU A HD11   1 
ATOM   167  H HD12   . LEU A 1 17 ? 0.610   -1.326  -5.568  1.00 18.80 ? 15   LEU A HD12   1 
ATOM   168  H HD13   . LEU A 1 17 ? 1.065   -2.157  -4.312  1.00 18.80 ? 15   LEU A HD13   1 
ATOM   169  H HD21   . LEU A 1 17 ? 3.709   -0.844  -7.043  1.00 30.75 ? 15   LEU A HD21   1 
ATOM   170  H HD22   . LEU A 1 17 ? 2.169   -0.572  -7.209  1.00 30.75 ? 15   LEU A HD22   1 
ATOM   171  H HD23   . LEU A 1 17 ? 2.994   0.216   -6.128  1.00 30.75 ? 15   LEU A HD23   1 
ATOM   172  N N      . ARG A 1 18 ? 6.180   -3.262  -3.076  1.00 13.20 ? 16   ARG A N      1 
ATOM   173  C CA     . ARG A 1 18 ? 7.202   -3.277  -2.032  1.00 12.33 ? 16   ARG A CA     1 
ATOM   174  C C      . ARG A 1 18 ? 8.582   -3.472  -2.645  1.00 15.64 ? 16   ARG A C      1 
ATOM   175  O O      . ARG A 1 18 ? 9.518   -2.714  -2.369  1.00 14.92 ? 16   ARG A O      1 
ATOM   176  C CB     . ARG A 1 18 ? 6.884   -4.436  -1.088  1.00 12.95 ? 16   ARG A CB     1 
ATOM   177  C CG     . ARG A 1 18 ? 7.863   -4.545  0.053   1.00 15.19 ? 16   ARG A CG     1 
ATOM   178  C CD     . ARG A 1 18 ? 7.719   -5.822  0.842   1.00 18.68 ? 16   ARG A CD     1 
ATOM   179  N NE     . ARG A 1 18 ? 8.008   -6.956  -0.023  1.00 26.57 ? 16   ARG A NE     1 
ATOM   180  C CZ     . ARG A 1 18 ? 9.238   -7.370  -0.326  1.00 33.95 ? 16   ARG A CZ     1 
ATOM   181  N NH1    . ARG A 1 18 ? 10.298  -6.771  0.210   1.00 37.63 ? 16   ARG A NH1    1 
ATOM   182  N NH2    . ARG A 1 18 ? 9.411   -8.399  -1.158  1.00 34.97 ? 16   ARG A NH2    1 
ATOM   183  H H      . ARG A 1 18 ? 5.639   -3.930  -3.044  1.00 15.84 ? 16   ARG A H      1 
ATOM   184  H HA     . ARG A 1 18 ? 7.186   -2.437  -1.529  1.00 14.79 ? 16   ARG A HA     1 
ATOM   185  H HB2    . ARG A 1 18 ? 6.000   -4.305  -0.712  1.00 15.54 ? 16   ARG A HB2    1 
ATOM   186  H HB3    . ARG A 1 18 ? 6.912   -5.267  -1.588  1.00 15.54 ? 16   ARG A HB3    1 
ATOM   187  H HG2    . ARG A 1 18 ? 8.765   -4.515  -0.303  1.00 18.23 ? 16   ARG A HG2    1 
ATOM   188  H HG3    . ARG A 1 18 ? 7.722   -3.802  0.660   1.00 18.23 ? 16   ARG A HG3    1 
ATOM   189  H HD2    . ARG A 1 18 ? 8.349   -5.824  1.578   1.00 22.42 ? 16   ARG A HD2    1 
ATOM   190  H HD3    . ARG A 1 18 ? 6.810   -5.903  1.168   1.00 22.42 ? 16   ARG A HD3    1 
ATOM   191  H HE     . ARG A 1 18 ? 7.344   -7.418  -0.316  1.00 31.89 ? 16   ARG A HE     1 
ATOM   192  H HH11   . ARG A 1 18 ? 10.190  -6.102  0.740   1.00 45.15 ? 16   ARG A HH11   1 
ATOM   193  H HH12   . ARG A 1 18 ? 11.090  -7.045  0.018   1.00 45.15 ? 16   ARG A HH12   1 
ATOM   194  H HH21   . ARG A 1 18 ? 8.729   -8.797  -1.498  1.00 41.96 ? 16   ARG A HH21   1 
ATOM   195  H HH22   . ARG A 1 18 ? 10.204  -8.678  -1.338  1.00 41.96 ? 16   ARG A HH22   1 
ATOM   196  N N      . ARG A 1 19 ? 8.722   -4.489  -3.475  1.00 14.43 ? 17   ARG A N      1 
ATOM   197  C CA     . ARG A 1 19 ? 10.009  -4.860  -4.055  1.00 17.75 ? 17   ARG A CA     1 
ATOM   198  C C      . ARG A 1 19 ? 10.574  -3.719  -4.897  1.00 16.65 ? 17   ARG A C      1 
ATOM   199  O O      . ARG A 1 19 ? 11.767  -3.414  -4.840  1.00 18.01 ? 17   ARG A O      1 
ATOM   200  C CB     . ARG A 1 19 ? 9.833   -6.133  -4.891  1.00 19.75 ? 17   ARG A CB     1 
ATOM   201  C CG     . ARG A 1 19 ? 11.035  -6.482  -5.759  1.00 29.57 ? 17   ARG A CG     1 
ATOM   202  C CD     . ARG A 1 19 ? 10.728  -7.570  -6.784  1.00 32.01 ? 17   ARG A CD     1 
ATOM   203  N NE     . ARG A 1 19 ? 9.898   -7.072  -7.888  1.00 38.12 ? 17   ARG A NE     1 
ATOM   204  C CZ     . ARG A 1 19 ? 8.669   -7.511  -8.188  1.00 38.05 ? 17   ARG A CZ     1 
ATOM   205  N NH1    . ARG A 1 19 ? 8.095   -8.499  -7.483  1.00 39.38 ? 17   ARG A NH1    1 
ATOM   206  N NH2    . ARG A 1 19 ? 8.008   -6.967  -9.213  1.00 41.48 ? 17   ARG A NH2    1 
ATOM   207  H H      . ARG A 1 19 ? 8.073   -4.995  -3.725  1.00 17.32 ? 17   ARG A H      1 
ATOM   208  H HA     . ARG A 1 19 ? 10.645  -5.052  -3.335  1.00 21.30 ? 17   ARG A HA     1 
ATOM   209  H HB2    . ARG A 1 19 ? 9.674   -6.879  -4.292  1.00 23.70 ? 17   ARG A HB2    1 
ATOM   210  H HB3    . ARG A 1 19 ? 9.070   -6.016  -5.478  1.00 23.70 ? 17   ARG A HB3    1 
ATOM   211  H HG2    . ARG A 1 19 ? 11.320  -5.689  -6.238  1.00 35.49 ? 17   ARG A HG2    1 
ATOM   212  H HG3    . ARG A 1 19 ? 11.753  -6.800  -5.189  1.00 35.49 ? 17   ARG A HG3    1 
ATOM   213  H HD2    . ARG A 1 19 ? 11.562  -7.899  -7.158  1.00 38.41 ? 17   ARG A HD2    1 
ATOM   214  H HD3    . ARG A 1 19 ? 10.250  -8.292  -6.349  1.00 38.41 ? 17   ARG A HD3    1 
ATOM   215  H HE     . ARG A 1 19 ? 10.228  -6.448  -8.381  1.00 45.74 ? 17   ARG A HE     1 
ATOM   216  H HH11   . ARG A 1 19 ? 8.514   -8.852  -6.820  1.00 47.26 ? 17   ARG A HH11   1 
ATOM   217  H HH12   . ARG A 1 19 ? 7.307   -8.773  -7.690  1.00 47.26 ? 17   ARG A HH12   1 
ATOM   218  H HH21   . ARG A 1 19 ? 8.369   -6.337  -9.672  1.00 49.78 ? 17   ARG A HH21   1 
ATOM   219  H HH22   . ARG A 1 19 ? 7.221   -7.250  -9.415  1.00 49.78 ? 17   ARG A HH22   1 
ATOM   220  N N      . GLU A 1 20 ? 9.733   -3.065  -5.662  1.00 16.55 ? 18   GLU A N      1 
ATOM   221  C CA     . GLU A 1 20 ? 10.194  -2.033  -6.563  1.00 17.11 ? 18   GLU A CA     1 
ATOM   222  C C      . GLU A 1 20 ? 10.246  -0.643  -5.934  1.00 15.66 ? 18   GLU A C      1 
ATOM   223  O O      . GLU A 1 20 ? 10.701  0.320   -6.557  1.00 18.21 ? 18   GLU A O      1 
ATOM   224  C CB     . GLU A 1 20 ? 9.338   -2.085  -7.816  1.00 22.46 ? 18   GLU A CB     1 
ATOM   225  C CG     . GLU A 1 20 ? 9.511   -3.416  -8.518  1.00 28.24 ? 18   GLU A CG     1 
ATOM   226  C CD     . GLU A 1 20 ? 9.351   -3.323  -10.003 1.00 33.81 ? 18   GLU A CD     1 
ATOM   227  O OE1    . GLU A 1 20 ? 9.242   -2.194  -10.536 1.00 37.93 ? 18   GLU A OE1    1 
ATOM   228  O OE2    . GLU A 1 20 ? 9.327   -4.398  -10.637 1.00 40.22 ? 18   GLU A OE2    1 
ATOM   229  H H      . GLU A 1 20 ? 8.883   -3.198  -5.682  1.00 19.86 ? 18   GLU A H      1 
ATOM   230  H HA     . GLU A 1 20 ? 11.109  -2.256  -6.833  1.00 20.53 ? 18   GLU A HA     1 
ATOM   231  H HB2    . GLU A 1 20 ? 8.404   -1.983  -7.574  1.00 26.95 ? 18   GLU A HB2    1 
ATOM   232  H HB3    . GLU A 1 20 ? 9.610   -1.379  -8.423  1.00 26.95 ? 18   GLU A HB3    1 
ATOM   233  H HG2    . GLU A 1 20 ? 10.401  -3.755  -8.334  1.00 33.89 ? 18   GLU A HG2    1 
ATOM   234  H HG3    . GLU A 1 20 ? 8.845   -4.037  -8.184  1.00 33.89 ? 18   GLU A HG3    1 
ATOM   235  N N      . ARG A 1 21 ? 9.807   -0.572  -4.680  1.00 15.03 ? 19   ARG A N      1 
ATOM   236  C CA     . ARG A 1 21 ? 9.880   0.652   -3.899  1.00 15.68 ? 19   ARG A CA     1 
ATOM   237  C C      . ARG A 1 21 ? 9.150   1.790   -4.587  1.00 14.95 ? 19   ARG A C      1 
ATOM   238  O O      . ARG A 1 21 ? 9.495   2.951   -4.451  1.00 16.01 ? 19   ARG A O      1 
ATOM   239  C CB     . ARG A 1 21 ? 11.344  1.013   -3.610  1.00 16.04 ? 19   ARG A CB     1 
ATOM   240  C CG     . ARG A 1 21 ? 12.016  -0.108  -2.879  1.00 19.41 ? 19   ARG A CG     1 
ATOM   241  C CD     . ARG A 1 21 ? 13.427  0.172   -2.620  1.00 20.76 ? 19   ARG A CD     1 
ATOM   242  N NE     . ARG A 1 21 ? 14.100  -0.895  -1.906  1.00 22.53 ? 19   ARG A NE     1 
ATOM   243  C CZ     . ARG A 1 21 ? 14.779  -0.694  -0.779  1.00 25.36 ? 19   ARG A CZ     1 
ATOM   244  N NH1    . ARG A 1 21 ? 14.832  0.522   -0.238  1.00 32.57 ? 19   ARG A NH1    1 
ATOM   245  N NH2    . ARG A 1 21 ? 15.404  -1.700  -0.184  1.00 29.96 ? 19   ARG A NH2    1 
ATOM   246  H H      . ARG A 1 21 ? 9.457   -1.233  -4.255  1.00 18.03 ? 19   ARG A H      1 
ATOM   247  H HA     . ARG A 1 21 ? 9.439   0.497   -3.038  1.00 18.81 ? 19   ARG A HA     1 
ATOM   248  H HB2    . ARG A 1 21 ? 11.813  1.161   -4.446  1.00 19.25 ? 19   ARG A HB2    1 
ATOM   249  H HB3    . ARG A 1 21 ? 11.379  1.808   -3.054  1.00 19.25 ? 19   ARG A HB3    1 
ATOM   250  H HG2    . ARG A 1 21 ? 11.572  -0.243  -2.027  1.00 23.30 ? 19   ARG A HG2    1 
ATOM   251  H HG3    . ARG A 1 21 ? 11.961  -0.915  -3.415  1.00 23.30 ? 19   ARG A HG3    1 
ATOM   252  H HD2    . ARG A 1 21 ? 13.882  0.298   -3.466  1.00 24.91 ? 19   ARG A HD2    1 
ATOM   253  H HD3    . ARG A 1 21 ? 13.493  0.977   -2.084  1.00 24.91 ? 19   ARG A HD3    1 
ATOM   254  H HE     . ARG A 1 21 ? 14.203  -1.646  -2.310  1.00 27.03 ? 19   ARG A HE     1 
ATOM   255  H HH11   . ARG A 1 21 ? 14.437  1.181   -0.624  1.00 39.08 ? 19   ARG A HH11   1 
ATOM   256  H HH12   . ARG A 1 21 ? 15.267  0.649   0.492   1.00 39.08 ? 19   ARG A HH12   1 
ATOM   257  H HH21   . ARG A 1 21 ? 15.366  -2.489  -0.523  1.00 35.95 ? 19   ARG A HH21   1 
ATOM   258  H HH22   . ARG A 1 21 ? 15.829  -1.567  0.551   1.00 35.95 ? 19   ARG A HH22   1 
ATOM   259  N N      . VAL A 1 22 ? 8.028   1.446   -5.221  1.00 15.22 ? 20   VAL A N      1 
ATOM   260  C CA     . VAL A 1 22 ? 7.266   2.419   -5.972  1.00 16.69 ? 20   VAL A CA     1 
ATOM   261  C C      . VAL A 1 22 ? 6.478   3.322   -5.029  1.00 13.73 ? 20   VAL A C      1 
ATOM   262  O O      . VAL A 1 22 ? 5.759   2.827   -4.179  1.00 16.50 ? 20   VAL A O      1 
ATOM   263  C CB     . VAL A 1 22 ? 6.260   1.698   -6.901  1.00 20.06 ? 20   VAL A CB     1 
ATOM   264  C CG1    . VAL A 1 22 ? 5.531   2.701   -7.783  1.00 24.73 ? 20   VAL A CG1    1 
ATOM   265  C CG2    . VAL A 1 22 ? 6.995   0.688   -7.740  1.00 27.13 ? 20   VAL A CG2    1 
ATOM   266  H H      . VAL A 1 22 ? 7.694   0.653   -5.226  1.00 18.26 ? 20   VAL A H      1 
ATOM   267  H HA     . VAL A 1 22 ? 7.867   2.970   -6.516  1.00 20.03 ? 20   VAL A HA     1 
ATOM   268  H HB     . VAL A 1 22 ? 5.596   1.224   -6.358  1.00 24.07 ? 20   VAL A HB     1 
ATOM   269  H HG11   . VAL A 1 22 ? 6.174   3.171   -8.319  1.00 29.68 ? 20   VAL A HG11   1 
ATOM   270  H HG12   . VAL A 1 22 ? 4.915   2.229   -8.348  1.00 29.68 ? 20   VAL A HG12   1 
ATOM   271  H HG13   . VAL A 1 22 ? 5.056   3.320   -7.224  1.00 29.68 ? 20   VAL A HG13   1 
ATOM   272  H HG21   . VAL A 1 22 ? 7.418   0.050   -7.161  1.00 32.56 ? 20   VAL A HG21   1 
ATOM   273  H HG22   . VAL A 1 22 ? 6.367   0.244   -8.315  1.00 32.56 ? 20   VAL A HG22   1 
ATOM   274  H HG23   . VAL A 1 22 ? 7.658   1.143   -8.267  1.00 32.56 ? 20   VAL A HG23   1 
ATOM   275  N N      . PRO A 1 23 ? 6.532   4.637   -5.212  1.00 15.07 ? 21   PRO A N      1 
ATOM   276  C CA     . PRO A 1 23 ? 5.710   5.523   -4.394  1.00 14.87 ? 21   PRO A CA     1 
ATOM   277  C C      . PRO A 1 23 ? 4.260   5.210   -4.684  1.00 13.19 ? 21   PRO A C      1 
ATOM   278  O O      . PRO A 1 23 ? 3.914   4.984   -5.846  1.00 14.22 ? 21   PRO A O      1 
ATOM   279  C CB     . PRO A 1 23 ? 6.091   6.907   -4.890  1.00 16.57 ? 21   PRO A CB     1 
ATOM   280  C CG     . PRO A 1 23 ? 7.512   6.743   -5.380  1.00 18.01 ? 21   PRO A CG     1 
ATOM   281  C CD     . PRO A 1 23 ? 7.526   5.371   -6.009  1.00 17.35 ? 21   PRO A CD     1 
ATOM   282  H HA     . PRO A 1 23 ? 5.908   5.425   -3.439  1.00 17.84 ? 21   PRO A HA     1 
ATOM   283  H HB2    . PRO A 1 23 ? 5.502   7.172   -5.614  1.00 19.89 ? 21   PRO A HB2    1 
ATOM   284  H HB3    . PRO A 1 23 ? 6.049   7.543   -4.158  1.00 19.89 ? 21   PRO A HB3    1 
ATOM   285  H HG2    . PRO A 1 23 ? 7.715   7.426   -6.038  1.00 21.62 ? 21   PRO A HG2    1 
ATOM   286  H HG3    . PRO A 1 23 ? 8.127   6.788   -4.632  1.00 21.62 ? 21   PRO A HG3    1 
ATOM   287  H HD2    . PRO A 1 23 ? 7.250   5.419   -6.937  1.00 20.82 ? 21   PRO A HD2    1 
ATOM   288  H HD3    . PRO A 1 23 ? 8.402   4.964   -5.917  1.00 20.82 ? 21   PRO A HD3    1 
ATOM   289  N N      . VAL A 1 24 ? 3.431   5.112   -3.643  1.00 13.38 ? 22   VAL A N      1 
ATOM   290  C CA     . VAL A 1 24 ? 2.033   4.791   -3.796  1.00 13.71 ? 22   VAL A CA     1 
ATOM   291  C C      . VAL A 1 24 ? 1.195   5.831   -3.080  1.00 12.56 ? 22   VAL A C      1 
ATOM   292  O O      . VAL A 1 24 ? 1.639   6.526   -2.183  1.00 14.18 ? 22   VAL A O      1 
ATOM   293  C CB     . VAL A 1 24 ? 1.682   3.388   -3.252  1.00 13.73 ? 22   VAL A CB     1 
ATOM   294  C CG1    . VAL A 1 24 ? 2.432   2.298   -3.983  1.00 16.46 ? 22   VAL A CG1    1 
ATOM   295  C CG2    . VAL A 1 24 ? 1.966   3.316   -1.795  1.00 15.29 ? 22   VAL A CG2    1 
ATOM   296  H H      . VAL A 1 24 ? 3.670   5.233   -2.826  1.00 16.06 ? 22   VAL A H      1 
ATOM   297  H HA     . VAL A 1 24 ? 1.800   4.815   -4.747  1.00 16.45 ? 22   VAL A HA     1 
ATOM   298  H HB     . VAL A 1 24 ? 0.723   3.229   -3.379  1.00 16.48 ? 22   VAL A HB     1 
ATOM   299  H HG11   . VAL A 1 24 ? 3.375   2.440   -3.873  1.00 19.75 ? 22   VAL A HG11   1 
ATOM   300  H HG12   . VAL A 1 24 ? 2.184   1.447   -3.614  1.00 19.75 ? 22   VAL A HG12   1 
ATOM   301  H HG13   . VAL A 1 24 ? 2.202   2.330   -4.915  1.00 19.75 ? 22   VAL A HG13   1 
ATOM   302  H HG21   . VAL A 1 24 ? 1.435   3.976   -1.341  1.00 18.35 ? 22   VAL A HG21   1 
ATOM   303  H HG22   . VAL A 1 24 ? 1.743   2.440   -1.476  1.00 18.35 ? 22   VAL A HG22   1 
ATOM   304  H HG23   . VAL A 1 24 ? 2.898   3.490   -1.650  1.00 18.35 ? 22   VAL A HG23   1 
ATOM   305  N N      . SER A 1 25 ? -0.071  5.854   -3.469  1.00 12.92 ? 23   SER A N      1 
ATOM   306  C CA     . SER A 1 25 ? -1.123  6.546   -2.723  1.00 13.31 ? 23   SER A CA     1 
ATOM   307  C C      . SER A 1 25 ? -2.073  5.505   -2.180  1.00 11.96 ? 23   SER A C      1 
ATOM   308  O O      . SER A 1 25 ? -2.494  4.623   -2.904  1.00 13.79 ? 23   SER A O      1 
ATOM   309  C CB     . SER A 1 25 ? -1.886  7.484   -3.636  1.00 14.20 ? 23   SER A CB     1 
ATOM   310  O OG     . SER A 1 25 ? -1.028  8.509   -4.108  1.00 17.34 ? 23   SER A OG     1 
ATOM   311  H H      . SER A 1 25 ? -0.358  5.467   -4.183  1.00 15.51 ? 23   SER A H      1 
ATOM   312  H HA     . SER A 1 25 ? -0.738  7.055   -1.979  1.00 15.97 ? 23   SER A HA     1 
ATOM   313  H HB2    . SER A 1 25 ? -2.228  6.983   -4.393  1.00 17.04 ? 23   SER A HB2    1 
ATOM   314  H HB3    . SER A 1 25 ? -2.618  7.883   -3.142  1.00 17.04 ? 23   SER A HB3    1 
ATOM   315  H HG     . SER A 1 25 ? -1.443  9.016   -4.602  1.00 20.80 ? 23   SER A HG     1 
ATOM   316  N N      . ILE A 1 26 ? -2.332  5.568   -0.886  1.00 12.80 ? 24   ILE A N      1 
ATOM   317  C CA     . ILE A 1 26 ? -3.313  4.716   -0.266  1.00 11.78 ? 24   ILE A CA     1 
ATOM   318  C C      . ILE A 1 26 ? -4.464  5.584   0.165   1.00 13.27 ? 24   ILE A C      1 
ATOM   319  O O      . ILE A 1 26 ? -4.325  6.464   0.996   1.00 14.30 ? 24   ILE A O      1 
ATOM   320  C CB     . ILE A 1 26 ? -2.719  3.980   0.967   1.00 12.61 ? 24   ILE A CB     1 
ATOM   321  C CG1    . ILE A 1 26 ? -1.562  3.071   0.518   1.00 14.90 ? 24   ILE A CG1    1 
ATOM   322  C CG2    . ILE A 1 26 ? -3.805  3.205   1.700   1.00 14.01 ? 24   ILE A CG2    1 
ATOM   323  C CD1    . ILE A 1 26 ? -0.961  2.202   1.636   1.00 15.56 ? 24   ILE A CD1    1 
ATOM   324  H H      . ILE A 1 26 ? -1.943  6.107   -0.341  1.00 15.36 ? 24   ILE A H      1 
ATOM   325  H HA     . ILE A 1 26 ? -3.637  4.052   -0.909  1.00 14.14 ? 24   ILE A HA     1 
ATOM   326  H HB     . ILE A 1 26 ? -2.362  4.646   1.574   1.00 15.13 ? 24   ILE A HB     1 
ATOM   327  H HG12   . ILE A 1 26 ? -1.888  2.474   -0.176  1.00 17.88 ? 24   ILE A HG12   1 
ATOM   328  H HG13   . ILE A 1 26 ? -0.851  3.626   0.162   1.00 17.88 ? 24   ILE A HG13   1 
ATOM   329  H HG21   . ILE A 1 26 ? -4.187  2.560   1.101   1.00 16.82 ? 24   ILE A HG21   1 
ATOM   330  H HG22   . ILE A 1 26 ? -3.413  2.759   2.455   1.00 16.82 ? 24   ILE A HG22   1 
ATOM   331  H HG23   . ILE A 1 26 ? -4.481  3.818   1.996   1.00 16.82 ? 24   ILE A HG23   1 
ATOM   332  H HD11   . ILE A 1 26 ? -1.647  1.633   1.992   1.00 18.68 ? 24   ILE A HD11   1 
ATOM   333  H HD12   . ILE A 1 26 ? -0.251  1.670   1.270   1.00 18.68 ? 24   ILE A HD12   1 
ATOM   334  H HD13   . ILE A 1 26 ? -0.620  2.775   2.327   1.00 18.68 ? 24   ILE A HD13   1 
ATOM   335  N N      . TYR A 1 27 ? -5.597  5.372   -0.476  1.00 12.29 ? 25   TYR A N      1 
ATOM   336  C CA     . TYR A 1 27 ? -6.795  6.137   -0.191  1.00 13.44 ? 25   TYR A CA     1 
ATOM   337  C C      . TYR A 1 27 ? -7.600  5.398   0.850   1.00 11.09 ? 25   TYR A C      1 
ATOM   338  O O      . TYR A 1 27 ? -7.844  4.206   0.724   1.00 12.94 ? 25   TYR A O      1 
ATOM   339  C CB     . TYR A 1 27 ? -7.646  6.335   -1.441  1.00 13.51 ? 25   TYR A CB     1 
ATOM   340  C CG     . TYR A 1 27 ? -6.975  7.228   -2.479  1.00 14.46 ? 25   TYR A CG     1 
ATOM   341  C CD1    . TYR A 1 27 ? -6.119  6.709   -3.476  1.00 13.33 ? 25   TYR A CD1    1 
ATOM   342  C CD2    . TYR A 1 27 ? -7.183  8.590   -2.458  1.00 18.46 ? 25   TYR A CD2    1 
ATOM   343  C CE1    . TYR A 1 27 ? -5.509  7.518   -4.396  1.00 16.66 ? 25   TYR A CE1    1 
ATOM   344  C CE2    . TYR A 1 27 ? -6.578  9.415   -3.384  1.00 20.81 ? 25   TYR A CE2    1 
ATOM   345  C CZ     . TYR A 1 27 ? -5.743  8.870   -4.349  1.00 21.48 ? 25   TYR A CZ     1 
ATOM   346  O OH     . TYR A 1 27 ? -5.123  9.665   -5.300  1.00 26.00 ? 25   TYR A OH     1 
ATOM   347  H H      . TYR A 1 27 ? -5.701  4.779   -1.091  1.00 14.75 ? 25   TYR A H      1 
ATOM   348  H HA     . TYR A 1 27 ? -6.549  7.016   0.166   1.00 16.12 ? 25   TYR A HA     1 
ATOM   349  H HB2    . TYR A 1 27 ? -7.811  5.472   -1.851  1.00 16.21 ? 25   TYR A HB2    1 
ATOM   350  H HB3    . TYR A 1 27 ? -8.486  6.749   -1.189  1.00 16.21 ? 25   TYR A HB3    1 
ATOM   351  H HD1    . TYR A 1 27 ? -5.961  5.793   -3.504  1.00 15.99 ? 25   TYR A HD1    1 
ATOM   352  H HD2    . TYR A 1 27 ? -7.742  8.959   -1.811  1.00 22.16 ? 25   TYR A HD2    1 
ATOM   353  H HE1    . TYR A 1 27 ? -4.952  7.156   -5.047  1.00 19.99 ? 25   TYR A HE1    1 
ATOM   354  H HE2    . TYR A 1 27 ? -6.729  10.333  -3.362  1.00 24.97 ? 25   TYR A HE2    1 
ATOM   355  H HH     . TYR A 1 27 ? -5.356  9.436   -6.051  1.00 31.20 ? 25   TYR A HH     1 
ATOM   356  N N      . LEU A 1 28 ? -7.943  6.094   1.920   1.00 12.08 ? 26   LEU A N      1 
ATOM   357  C CA     . LEU A 1 28 ? -8.798  5.539   2.961   1.00 11.89 ? 26   LEU A CA     1 
ATOM   358  C C      . LEU A 1 28 ? -10.262 5.740   2.660   1.00 12.83 ? 26   LEU A C      1 
ATOM   359  O O      . LEU A 1 28 ? -10.669 6.674   1.963   1.00 13.34 ? 26   LEU A O      1 
ATOM   360  C CB     . LEU A 1 28 ? -8.444  6.169   4.310   1.00 12.23 ? 26   LEU A CB     1 
ATOM   361  C CG     . LEU A 1 28 ? -6.971  6.097   4.706   1.00 12.49 ? 26   LEU A CG     1 
ATOM   362  C CD1    . LEU A 1 28 ? -6.770  6.637   6.140   1.00 14.62 ? 26   LEU A CD1    1 
ATOM   363  C CD2    . LEU A 1 28 ? -6.448  4.687   4.603   1.00 14.73 ? 26   LEU A CD2    1 
ATOM   364  H H      . LEU A 1 28 ? -7.690  6.901   2.072   1.00 14.49 ? 26   LEU A H      1 
ATOM   365  H HA     . LEU A 1 28 ? -8.634  4.576   3.027   1.00 14.26 ? 26   LEU A HA     1 
ATOM   366  H HB2    . LEU A 1 28 ? -8.692  7.107   4.284   1.00 14.67 ? 26   LEU A HB2    1 
ATOM   367  H HB3    . LEU A 1 28 ? -8.954  5.720   5.002   1.00 14.67 ? 26   LEU A HB3    1 
ATOM   368  H HG     . LEU A 1 28 ? -6.454  6.652   4.102   1.00 14.99 ? 26   LEU A HG     1 
ATOM   369  H HD11   . LEU A 1 28 ? -7.289  6.106   6.749   1.00 17.54 ? 26   LEU A HD11   1 
ATOM   370  H HD12   . LEU A 1 28 ? -5.840  6.581   6.367   1.00 17.54 ? 26   LEU A HD12   1 
ATOM   371  H HD13   . LEU A 1 28 ? -7.061  7.552   6.172   1.00 17.54 ? 26   LEU A HD13   1 
ATOM   372  H HD21   . LEU A 1 28 ? -6.541  4.386   3.696   1.00 17.68 ? 26   LEU A HD21   1 
ATOM   373  H HD22   . LEU A 1 28 ? -5.523  4.678   4.858   1.00 17.68 ? 26   LEU A HD22   1 
ATOM   374  H HD23   . LEU A 1 28 ? -6.956  4.121   5.189   1.00 17.68 ? 26   LEU A HD23   1 
ATOM   375  N N      . VAL A 1 29 ? -11.082 4.885   3.254   1.00 12.31 ? 27   VAL A N      1 
ATOM   376  C CA     A VAL A 1 29 ? -12.521 4.963   3.036   0.50 11.89 ? 27   VAL A CA     1 
ATOM   377  C CA     B VAL A 1 29 ? -12.530 4.957   3.061   0.50 12.51 ? 27   VAL A CA     1 
ATOM   378  C C      . VAL A 1 29 ? -13.086 6.306   3.513   1.00 11.71 ? 27   VAL A C      1 
ATOM   379  O O      . VAL A 1 29 ? -14.104 6.767   3.010   1.00 17.11 ? 27   VAL A O      1 
ATOM   380  C CB     A VAL A 1 29 ? -13.253 3.797   3.714   0.50 14.55 ? 27   VAL A CB     1 
ATOM   381  C CB     B VAL A 1 29 ? -13.290 3.803   3.776   0.50 15.99 ? 27   VAL A CB     1 
ATOM   382  C CG1    A VAL A 1 29 ? -14.768 3.956   3.570   0.50 15.51 ? 27   VAL A CG1    1 
ATOM   383  C CG1    B VAL A 1 29 ? -12.983 2.457   3.109   0.50 19.07 ? 27   VAL A CG1    1 
ATOM   384  C CG2    A VAL A 1 29 ? -12.783 2.449   3.129   0.50 13.90 ? 27   VAL A CG2    1 
ATOM   385  C CG2    B VAL A 1 29 ? -12.983 3.757   5.292   0.50 14.00 ? 27   VAL A CG2    1 
ATOM   386  H H      A VAL A 1 29 ? -10.834 4.255   3.785   0.50 14.77 ? 27   VAL A H      1 
ATOM   387  H H      B VAL A 1 29 ? -10.828 4.252   3.777   0.50 14.77 ? 27   VAL A H      1 
ATOM   388  H HA     A VAL A 1 29 ? -12.692 4.897   2.073   0.50 14.27 ? 27   VAL A HA     1 
ATOM   389  H HA     B VAL A 1 29 ? -12.715 4.874   2.102   0.50 15.01 ? 27   VAL A HA     1 
ATOM   390  H HB     A VAL A 1 29 ? -13.039 3.801   4.671   0.50 17.46 ? 27   VAL A HB     1 
ATOM   391  H HB     B VAL A 1 29 ? -14.252 3.962   3.680   0.50 19.18 ? 27   VAL A HB     1 
ATOM   392  H HG11   A VAL A 1 29 ? -14.992 3.969   2.636   0.50 18.61 ? 27   VAL A HG11   1 
ATOM   393  H HG11   B VAL A 1 29 ? -12.040 2.292   3.159   0.50 22.88 ? 27   VAL A HG11   1 
ATOM   394  H HG12   A VAL A 1 29 ? -15.202 3.216   4.002   0.50 18.61 ? 27   VAL A HG12   1 
ATOM   395  H HG12   B VAL A 1 29 ? -13.464 1.764   3.568   0.50 22.88 ? 27   VAL A HG12   1 
ATOM   396  H HG13   A VAL A 1 29 ? -15.036 4.780   3.982   0.50 18.61 ? 27   VAL A HG13   1 
ATOM   397  H HG13   B VAL A 1 29 ? -13.261 2.495   2.190   0.50 22.88 ? 27   VAL A HG13   1 
ATOM   398  H HG21   A VAL A 1 29 ? -11.839 2.357   3.275   0.50 16.68 ? 27   VAL A HG21   1 
ATOM   399  H HG21   B VAL A 1 29 ? -13.251 4.589   5.689   0.50 16.79 ? 27   VAL A HG21   1 
ATOM   400  H HG22   A VAL A 1 29 ? -13.255 1.737   3.567   0.50 16.68 ? 27   VAL A HG22   1 
ATOM   401  H HG22   B VAL A 1 29 ? -13.472 3.032   5.688   0.50 16.79 ? 27   VAL A HG22   1 
ATOM   402  H HG23   A VAL A 1 29 ? -12.972 2.435   2.187   0.50 16.68 ? 27   VAL A HG23   1 
ATOM   403  H HG23   B VAL A 1 29 ? -12.040 3.623   5.416   0.50 16.79 ? 27   VAL A HG23   1 
ATOM   404  N N      . ASN A 1 30 ? -12.423 6.953   4.465   1.00 11.42 ? 28   ASN A N      1 
ATOM   405  C CA     . ASN A 1 30 ? -12.902 8.246   4.953   1.00 13.36 ? 28   ASN A CA     1 
ATOM   406  C C      . ASN A 1 30 ? -12.465 9.457   4.138   1.00 14.70 ? 28   ASN A C      1 
ATOM   407  O O      . ASN A 1 30 ? -12.765 10.610  4.491   1.00 17.83 ? 28   ASN A O      1 
ATOM   408  C CB     . ASN A 1 30 ? -12.507 8.450   6.412   1.00 13.11 ? 28   ASN A CB     1 
ATOM   409  C CG     . ASN A 1 30 ? -11.010 8.486   6.612   1.00 12.60 ? 28   ASN A CG     1 
ATOM   410  O OD1    . ASN A 1 30 ? -10.232 8.707   5.664   1.00 13.95 ? 28   ASN A OD1    1 
ATOM   411  N ND2    . ASN A 1 30 ? -10.586 8.301   7.848   1.00 13.62 ? 28   ASN A ND2    1 
ATOM   412  H H      . ASN A 1 30 ? -11.704 6.672   4.841   1.00 13.70 ? 28   ASN A H      1 
ATOM   413  H HA     . ASN A 1 30 ? -13.882 8.229   4.925   1.00 16.03 ? 28   ASN A HA     1 
ATOM   414  H HB2    . ASN A 1 30 ? -12.872 9.294   6.723   1.00 15.73 ? 28   ASN A HB2    1 
ATOM   415  H HB3    . ASN A 1 30 ? -12.863 7.719   6.941   1.00 15.73 ? 28   ASN A HB3    1 
ATOM   416  H HD21   . ASN A 1 30 ? -11.153 8.171   8.482   1.00 16.35 ? 28   ASN A HD21   1 
ATOM   417  H HD22   . ASN A 1 30 ? -9.743  8.312   8.020   1.00 16.35 ? 28   ASN A HD22   1 
ATOM   418  N N      . GLY A 1 31 ? -11.773 9.201   3.042   1.00 14.94 ? 29   GLY A N      1 
ATOM   419  C CA     . GLY A 1 31 ? -11.377 10.253  2.112   1.00 19.02 ? 29   GLY A CA     1 
ATOM   420  C C      . GLY A 1 31 ? -9.980  10.814  2.295   1.00 16.48 ? 29   GLY A C      1 
ATOM   421  O O      . GLY A 1 31 ? -9.564  11.693  1.559   1.00 25.31 ? 29   GLY A O      1 
ATOM   422  H H      . GLY A 1 31 ? -11.515 8.415   2.806   1.00 17.93 ? 29   GLY A H      1 
ATOM   423  H HA2    . GLY A 1 31 ? -11.439 9.906   1.207   1.00 22.83 ? 29   GLY A HA2    1 
ATOM   424  H HA3    . GLY A 1 31 ? -12.002 10.989  2.192   1.00 22.83 ? 29   GLY A HA3    1 
ATOM   425  N N      . ILE A 1 32 ? -9.249  10.300  3.266   1.00 16.46 ? 30   ILE A N      1 
ATOM   426  C CA     . ILE A 1 32 ? -7.860  10.683  3.443   1.00 16.12 ? 30   ILE A CA     1 
ATOM   427  C C      . ILE A 1 32 ? -6.979  9.934   2.445   1.00 15.93 ? 30   ILE A C      1 
ATOM   428  O O      . ILE A 1 32 ? -7.163  8.773   2.193   1.00 16.99 ? 30   ILE A O      1 
ATOM   429  C CB     . ILE A 1 32 ? -7.446  10.396  4.891   1.00 17.53 ? 30   ILE A CB     1 
ATOM   430  C CG1    . ILE A 1 32 ? -8.140  11.405  5.799   1.00 24.99 ? 30   ILE A CG1    1 
ATOM   431  C CG2    . ILE A 1 32 ? -5.935  10.460  5.067   1.00 19.40 ? 30   ILE A CG2    1 
ATOM   432  C CD1    . ILE A 1 32 ? -7.997  11.130  7.255   1.00 28.86 ? 30   ILE A CD1    1 
ATOM   433  H H      . ILE A 1 32 ? -9.533  9.725   3.840   1.00 19.75 ? 30   ILE A H      1 
ATOM   434  H HA     . ILE A 1 32 ? -7.765  11.645  3.279   1.00 19.35 ? 30   ILE A HA     1 
ATOM   435  H HB     . ILE A 1 32 ? -7.748  9.505   5.130   1.00 21.04 ? 30   ILE A HB     1 
ATOM   436  H HG12   . ILE A 1 32 ? -7.764  12.284  5.629   1.00 29.98 ? 30   ILE A HG12   1 
ATOM   437  H HG13   . ILE A 1 32 ? -9.087  11.410  5.592   1.00 29.98 ? 30   ILE A HG13   1 
ATOM   438  H HG21   . ILE A 1 32 ? -5.631  11.340  4.830   1.00 23.28 ? 30   ILE A HG21   1 
ATOM   439  H HG22   . ILE A 1 32 ? -5.719  10.275  5.983   1.00 23.28 ? 30   ILE A HG22   1 
ATOM   440  H HG23   . ILE A 1 32 ? -5.526  9.806   4.495   1.00 23.28 ? 30   ILE A HG23   1 
ATOM   441  H HD11   . ILE A 1 32 ? -7.065  11.136  7.483   1.00 34.63 ? 30   ILE A HD11   1 
ATOM   442  H HD12   . ILE A 1 32 ? -8.460  11.810  7.748   1.00 34.63 ? 30   ILE A HD12   1 
ATOM   443  H HD13   . ILE A 1 32 ? -8.375  10.269  7.447   1.00 34.63 ? 30   ILE A HD13   1 
ATOM   444  N N      . LYS A 1 33 ? -5.988  10.626  1.901   1.00 14.68 ? 31   LYS A N      1 
ATOM   445  C CA     . LYS A 1 33 ? -4.993  10.050  1.030   1.00 15.06 ? 31   LYS A CA     1 
ATOM   446  C C      . LYS A 1 33 ? -3.643  10.025  1.740   1.00 16.24 ? 31   LYS A C      1 
ATOM   447  O O      . LYS A 1 33 ? -3.126  11.075  2.134   1.00 19.26 ? 31   LYS A O      1 
ATOM   448  C CB     . LYS A 1 33 ? -4.867  10.853  -0.267  1.00 18.33 ? 31   LYS A CB     1 
ATOM   449  C CG     . LYS A 1 33 ? -3.818  10.232  -1.222  1.00 22.12 ? 31   LYS A CG     1 
ATOM   450  C CD     . LYS A 1 33 ? -3.634  10.999  -2.495  1.00 22.66 ? 31   LYS A CD     1 
ATOM   451  C CE     . LYS A 1 33 ? -2.589  12.035  -2.334  1.00 26.55 ? 31   LYS A CE     1 
ATOM   452  N NZ     . LYS A 1 33 ? -2.301  12.722  -3.617  1.00 27.13 ? 31   LYS A NZ     1 
ATOM   453  H H      . LYS A 1 33 ? -5.873  11.468  2.033   1.00 17.62 ? 31   LYS A H      1 
ATOM   454  H HA     . LYS A 1 33 ? -5.245  9.131   0.806   1.00 18.08 ? 31   LYS A HA     1 
ATOM   455  H HB2    . LYS A 1 33 ? -5.724  10.863  -0.722  1.00 21.99 ? 31   LYS A HB2    1 
ATOM   456  H HB3    . LYS A 1 33 ? -4.588  11.758  -0.057  1.00 21.99 ? 31   LYS A HB3    1 
ATOM   457  H HG2    . LYS A 1 33 ? -2.961  10.200  -0.768  1.00 26.54 ? 31   LYS A HG2    1 
ATOM   458  H HG3    . LYS A 1 33 ? -4.099  9.333   -1.455  1.00 26.54 ? 31   LYS A HG3    1 
ATOM   459  H HD2    . LYS A 1 33 ? -3.359  10.394  -3.201  1.00 27.19 ? 31   LYS A HD2    1 
ATOM   460  H HD3    . LYS A 1 33 ? -4.467  11.438  -2.730  1.00 27.19 ? 31   LYS A HD3    1 
ATOM   461  H HE2    . LYS A 1 33 ? -2.892  12.699  -1.695  1.00 31.86 ? 31   LYS A HE2    1 
ATOM   462  H HE3    . LYS A 1 33 ? -1.771  11.619  -2.023  1.00 31.86 ? 31   LYS A HE3    1 
ATOM   463  H HZ1    . LYS A 1 33 ? -3.039  13.118  -3.922  1.00 32.56 ? 31   LYS A HZ1    1 
ATOM   464  H HZ2    . LYS A 1 33 ? -1.672  13.340  -3.496  1.00 32.56 ? 31   LYS A HZ2    1 
ATOM   465  H HZ3    . LYS A 1 33 ? -2.018  12.133  -4.220  1.00 32.56 ? 31   LYS A HZ3    1 
ATOM   466  N N      . LEU A 1 34 ? -3.101  8.823   1.922   1.00 13.37 ? 32   LEU A N      1 
ATOM   467  C CA     . LEU A 1 34 ? -1.762  8.635   2.481   1.00 14.91 ? 32   LEU A CA     1 
ATOM   468  C C      . LEU A 1 34 ? -0.794  8.374   1.337   1.00 13.17 ? 32   LEU A C      1 
ATOM   469  O O      . LEU A 1 34 ? -1.185  7.817   0.320   1.00 17.10 ? 32   LEU A O      1 
ATOM   470  C CB     . LEU A 1 34 ? -1.751  7.432   3.438   1.00 14.69 ? 32   LEU A CB     1 
ATOM   471  C CG     . LEU A 1 34 ? -2.796  7.417   4.539   1.00 16.08 ? 32   LEU A CG     1 
ATOM   472  C CD1    . LEU A 1 34 ? -2.705  6.096   5.301   1.00 19.98 ? 32   LEU A CD1    1 
ATOM   473  C CD2    . LEU A 1 34 ? -2.597  8.588   5.464   1.00 19.52 ? 32   LEU A CD2    1 
ATOM   474  H H      . LEU A 1 34 ? -3.498  8.086   1.725   1.00 16.04 ? 32   LEU A H      1 
ATOM   475  H HA     . LEU A 1 34 ? -1.480  9.438   2.968   1.00 17.90 ? 32   LEU A HA     1 
ATOM   476  H HB2    . LEU A 1 34 ? -1.879  6.627   2.911   1.00 17.63 ? 32   LEU A HB2    1 
ATOM   477  H HB3    . LEU A 1 34 ? -0.882  7.396   3.867   1.00 17.63 ? 32   LEU A HB3    1 
ATOM   478  H HG     . LEU A 1 34 ? -3.680  7.483   4.146   1.00 19.29 ? 32   LEU A HG     1 
ATOM   479  H HD11   . LEU A 1 34 ? -1.827  6.017   5.683   1.00 23.98 ? 32   LEU A HD11   1 
ATOM   480  H HD12   . LEU A 1 34 ? -3.367  6.091   5.996   1.00 23.98 ? 32   LEU A HD12   1 
ATOM   481  H HD13   . LEU A 1 34 ? -2.864  5.373   4.691   1.00 23.98 ? 32   LEU A HD13   1 
ATOM   482  H HD21   . LEU A 1 34 ? -2.679  9.401   4.959   1.00 23.42 ? 32   LEU A HD21   1 
ATOM   483  H HD22   . LEU A 1 34 ? -3.267  8.560   6.151   1.00 23.42 ? 32   LEU A HD22   1 
ATOM   484  H HD23   . LEU A 1 34 ? -1.723  8.532   5.856   1.00 23.42 ? 32   LEU A HD23   1 
ATOM   485  N N      . GLN A 1 35 ? 0.462   8.788   1.494   1.00 15.50 ? 33   GLN A N      1 
ATOM   486  C CA     . GLN A 1 35 ? 1.478   8.528   0.501   1.00 16.87 ? 33   GLN A CA     1 
ATOM   487  C C      . GLN A 1 35 ? 2.743   8.041   1.154   1.00 17.69 ? 33   GLN A C      1 
ATOM   488  O O      . GLN A 1 35 ? 3.063   8.401   2.275   1.00 20.57 ? 33   GLN A O      1 
ATOM   489  C CB     . GLN A 1 35 ? 1.787   9.796   -0.283  1.00 20.55 ? 33   GLN A CB     1 
ATOM   490  C CG     . GLN A 1 35 ? 0.678   10.201  -1.183  1.00 24.30 ? 33   GLN A CG     1 
ATOM   491  C CD     . GLN A 1 35 ? 1.030   11.397  -2.029  1.00 32.10 ? 33   GLN A CD     1 
ATOM   492  O OE1    . GLN A 1 35 ? 1.342   11.258  -3.210  1.00 41.33 ? 33   GLN A OE1    1 
ATOM   493  N NE2    . GLN A 1 35 ? 0.962   12.584  -1.439  1.00 37.76 ? 33   GLN A NE2    1 
ATOM   494  H H      . GLN A 1 35 ? 0.745   9.227   2.178   1.00 18.60 ? 33   GLN A H      1 
ATOM   495  H HA     . GLN A 1 35 ? 1.162   7.842   -0.123  1.00 20.25 ? 33   GLN A HA     1 
ATOM   496  H HB2    . GLN A 1 35 ? 1.947   10.523  0.341   1.00 24.65 ? 33   GLN A HB2    1 
ATOM   497  H HB3    . GLN A 1 35 ? 2.576   9.648   -0.827  1.00 24.65 ? 33   GLN A HB3    1 
ATOM   498  H HG2    . GLN A 1 35 ? 0.466   9.464   -1.777  1.00 29.17 ? 33   GLN A HG2    1 
ATOM   499  H HG3    . GLN A 1 35 ? -0.098  10.430  -0.647  1.00 29.17 ? 33   GLN A HG3    1 
ATOM   500  H HE21   . GLN A 1 35 ? 0.724   12.640  -0.613  1.00 45.32 ? 33   GLN A HE21   1 
ATOM   501  H HE22   . GLN A 1 35 ? 1.153   13.296  -1.880  1.00 45.32 ? 33   GLN A HE22   1 
ATOM   502  N N      . GLY A 1 36 ? 3.429   7.167   0.451   1.00 15.51 ? 34   GLY A N      1 
ATOM   503  C CA     . GLY A 1 36 ? 4.732   6.694   0.889   1.00 15.27 ? 34   GLY A CA     1 
ATOM   504  C C      . GLY A 1 36 ? 5.138   5.495   0.072   1.00 12.82 ? 34   GLY A C      1 
ATOM   505  O O      . GLY A 1 36 ? 4.641   5.306   -1.037  1.00 15.10 ? 34   GLY A O      1 
ATOM   506  H H      . GLY A 1 36 ? 3.163   6.827   -0.293  1.00 18.61 ? 34   GLY A H      1 
ATOM   507  H HA2    . GLY A 1 36 ? 5.395   7.392   0.776   1.00 18.33 ? 34   GLY A HA2    1 
ATOM   508  H HA3    . GLY A 1 36 ? 4.696   6.440   1.825   1.00 18.33 ? 34   GLY A HA3    1 
ATOM   509  N N      . GLN A 1 37 ? 6.009   4.662   0.617   1.00 14.25 ? 35   GLN A N      1 
ATOM   510  C CA     . GLN A 1 37 ? 6.405   3.426   -0.008  1.00 13.05 ? 35   GLN A CA     1 
ATOM   511  C C      . GLN A 1 37 ? 5.961   2.305   0.892   1.00 12.41 ? 35   GLN A C      1 
ATOM   512  O O      . GLN A 1 37 ? 5.961   2.422   2.129   1.00 13.43 ? 35   GLN A O      1 
ATOM   513  C CB     . GLN A 1 37 ? 7.923   3.368   -0.233  1.00 14.42 ? 35   GLN A CB     1 
ATOM   514  C CG     . GLN A 1 37 ? 8.397   4.364   -1.294  1.00 17.13 ? 35   GLN A CG     1 
ATOM   515  C CD     . GLN A 1 37 ? 9.846   4.713   -1.168  1.00 19.92 ? 35   GLN A CD     1 
ATOM   516  O OE1    . GLN A 1 37 ? 10.280  5.240   -0.135  1.00 23.05 ? 35   GLN A OE1    1 
ATOM   517  N NE2    . GLN A 1 37 ? 10.600  4.432   -2.194  1.00 22.51 ? 35   GLN A NE2    1 
ATOM   518  H H      . GLN A 1 37 ? 6.392   4.800   1.374   1.00 17.10 ? 35   GLN A H      1 
ATOM   519  H HA     . GLN A 1 37 ? 5.955   3.333   -0.874  1.00 15.66 ? 35   GLN A HA     1 
ATOM   520  H HB2    . GLN A 1 37 ? 8.374   3.577   0.599   1.00 17.30 ? 35   GLN A HB2    1 
ATOM   521  H HB3    . GLN A 1 37 ? 8.166   2.477   -0.529  1.00 17.30 ? 35   GLN A HB3    1 
ATOM   522  H HG2    . GLN A 1 37 ? 8.257   3.980   -2.172  1.00 20.56 ? 35   GLN A HG2    1 
ATOM   523  H HG3    . GLN A 1 37 ? 7.885   5.184   -1.206  1.00 20.56 ? 35   GLN A HG3    1 
ATOM   524  H HE21   . GLN A 1 37 ? 10.256  4.066   -2.893  1.00 27.02 ? 35   GLN A HE21   1 
ATOM   525  H HE22   . GLN A 1 37 ? 11.440  4.612   -2.173  1.00 27.02 ? 35   GLN A HE22   1 
ATOM   526  N N      . ILE A 1 38 ? 5.546   1.202   0.317   1.00 12.47 ? 36   ILE A N      1 
ATOM   527  C CA     . ILE A 1 38 ? 5.183   0.052   1.129   1.00 13.65 ? 36   ILE A CA     1 
ATOM   528  C C      . ILE A 1 38 ? 6.411   -0.709  1.600   1.00 13.71 ? 36   ILE A C      1 
ATOM   529  O O      . ILE A 1 38 ? 7.154   -1.251  0.791   1.00 14.60 ? 36   ILE A O      1 
ATOM   530  C CB     . ILE A 1 38 ? 4.274   -0.876  0.352   1.00 14.40 ? 36   ILE A CB     1 
ATOM   531  C CG1    . ILE A 1 38 ? 2.948   -0.152  0.077   1.00 15.90 ? 36   ILE A CG1    1 
ATOM   532  C CG2    . ILE A 1 38 ? 4.019   -2.160  1.102   1.00 15.92 ? 36   ILE A CG2    1 
ATOM   533  C CD1    . ILE A 1 38 ? 2.012   -0.886  -0.784  1.00 18.63 ? 36   ILE A CD1    1 
ATOM   534  H H      . ILE A 1 38 ? 5.463   1.087   -0.531  1.00 14.96 ? 36   ILE A H      1 
ATOM   535  H HA     . ILE A 1 38 ? 4.697   0.362   1.921   1.00 16.38 ? 36   ILE A HA     1 
ATOM   536  H HB     . ILE A 1 38 ? 4.694   -1.089  -0.497  1.00 17.28 ? 36   ILE A HB     1 
ATOM   537  H HG12   . ILE A 1 38 ? 2.502   0.010   0.924   1.00 19.09 ? 36   ILE A HG12   1 
ATOM   538  H HG13   . ILE A 1 38 ? 3.142   0.695   -0.355  1.00 19.09 ? 36   ILE A HG13   1 
ATOM   539  H HG21   . ILE A 1 38 ? 3.602   -1.952  1.942   1.00 19.11 ? 36   ILE A HG21   1 
ATOM   540  H HG22   . ILE A 1 38 ? 3.440   -2.717  0.578   1.00 19.11 ? 36   ILE A HG22   1 
ATOM   541  H HG23   . ILE A 1 38 ? 4.856   -2.604  1.251   1.00 19.11 ? 36   ILE A HG23   1 
ATOM   542  H HD11   . ILE A 1 38 ? 1.794   -1.722  -0.366  1.00 22.36 ? 36   ILE A HD11   1 
ATOM   543  H HD12   . ILE A 1 38 ? 1.217   -0.361  -0.900  1.00 22.36 ? 36   ILE A HD12   1 
ATOM   544  H HD13   . ILE A 1 38 ? 2.429   -1.042  -1.634  1.00 22.36 ? 36   ILE A HD13   1 
ATOM   545  N N      . GLU A 1 39 ? 6.628   -0.698  2.907   1.00 14.43 ? 37   GLU A N      1 
ATOM   546  C CA     . GLU A 1 39 ? 7.745   -1.369  3.535   1.00 14.79 ? 37   GLU A CA     1 
ATOM   547  C C      . GLU A 1 39 ? 7.503   -2.856  3.696   1.00 13.50 ? 37   GLU A C      1 
ATOM   548  O O      . GLU A 1 39 ? 8.383   -3.676  3.476   1.00 15.48 ? 37   GLU A O      1 
ATOM   549  C CB     . GLU A 1 39 ? 7.959   -0.685  4.889   1.00 21.98 ? 37   GLU A CB     1 
ATOM   550  C CG     . GLU A 1 39 ? 8.831   -1.373  5.880   1.00 29.85 ? 37   GLU A CG     1 
ATOM   551  C CD     . GLU A 1 39 ? 8.983   -0.514  7.116   1.00 32.29 ? 37   GLU A CD     1 
ATOM   552  O OE1    . GLU A 1 39 ? 9.819   0.387   7.074   1.00 36.97 ? 37   GLU A OE1    1 
ATOM   553  O OE2    . GLU A 1 39 ? 8.214   -0.696  8.077   1.00 33.20 ? 37   GLU A OE2    1 
ATOM   554  H H      . GLU A 1 39 ? 6.119   -0.291  3.468   1.00 17.31 ? 37   GLU A H      1 
ATOM   555  H HA     . GLU A 1 39 ? 8.551   -1.242  2.991   1.00 17.75 ? 37   GLU A HA     1 
ATOM   556  H HB2    . GLU A 1 39 ? 8.350   0.188   4.726   1.00 26.38 ? 37   GLU A HB2    1 
ATOM   557  H HB3    . GLU A 1 39 ? 7.091   -0.570  5.306   1.00 26.38 ? 37   GLU A HB3    1 
ATOM   558  H HG2    . GLU A 1 39 ? 8.426   -2.217  6.137   1.00 35.82 ? 37   GLU A HG2    1 
ATOM   559  H HG3    . GLU A 1 39 ? 9.709   -1.518  5.495   1.00 35.82 ? 37   GLU A HG3    1 
ATOM   560  N N      . SER A 1 40 ? 6.282   -3.203  4.100   1.00 13.32 ? 38   SER A N      1 
ATOM   561  C CA     . SER A 1 40 ? 5.904   -4.571  4.357   1.00 14.51 ? 38   SER A CA     1 
ATOM   562  C C      . SER A 1 40 ? 4.385   -4.613  4.467   1.00 12.43 ? 38   SER A C      1 
ATOM   563  O O      . SER A 1 40 ? 3.745   -3.566  4.481   1.00 12.73 ? 38   SER A O      1 
ATOM   564  C CB     . SER A 1 40 ? 6.548   -5.080  5.632   1.00 19.23 ? 38   SER A CB     1 
ATOM   565  O OG     . SER A 1 40 ? 6.142   -4.310  6.731   1.00 25.23 ? 38   SER A OG     1 
ATOM   566  H H      . SER A 1 40 ? 5.644   -2.641  4.231   1.00 15.99 ? 38   SER A H      1 
ATOM   567  H HA     . SER A 1 40 ? 6.185   -5.141  3.612   1.00 17.41 ? 38   SER A HA     1 
ATOM   568  H HB2    . SER A 1 40 ? 6.281   -6.001  5.775   1.00 23.07 ? 38   SER A HB2    1 
ATOM   569  H HB3    . SER A 1 40 ? 7.512   -5.021  5.544   1.00 23.07 ? 38   SER A HB3    1 
ATOM   570  H HG     . SER A 1 40 ? 5.627   -3.720  6.487   1.00 30.27 ? 38   SER A HG     1 
ATOM   571  N N      . PHE A 1 41 ? 3.847   -5.819  4.481   1.00 11.86 ? 39   PHE A N      1 
ATOM   572  C CA     . PHE A 1 41 ? 2.423   -6.017  4.664   1.00 10.55 ? 39   PHE A CA     1 
ATOM   573  C C      . PHE A 1 41 ? 2.210   -7.440  5.122   1.00 11.92 ? 39   PHE A C      1 
ATOM   574  O O      . PHE A 1 41 ? 3.084   -8.299  5.006   1.00 14.55 ? 39   PHE A O      1 
ATOM   575  C CB     . PHE A 1 41 ? 1.653   -5.780  3.357   1.00 11.97 ? 39   PHE A CB     1 
ATOM   576  C CG     . PHE A 1 41 ? 2.050   -6.717  2.226   1.00 12.36 ? 39   PHE A CG     1 
ATOM   577  C CD1    . PHE A 1 41 ? 3.143   -6.433  1.399   1.00 13.44 ? 39   PHE A CD1    1 
ATOM   578  C CD2    . PHE A 1 41 ? 1.325   -7.877  2.004   1.00 13.60 ? 39   PHE A CD2    1 
ATOM   579  C CE1    . PHE A 1 41 ? 3.496   -7.293  0.360   1.00 16.50 ? 39   PHE A CE1    1 
ATOM   580  C CE2    . PHE A 1 41 ? 1.674   -8.723  0.951   1.00 15.41 ? 39   PHE A CE2    1 
ATOM   581  C CZ     . PHE A 1 41 ? 2.763   -8.436  0.145   1.00 17.90 ? 39   PHE A CZ     1 
ATOM   582  H H      . PHE A 1 41 ? 4.293   -6.549  4.386   1.00 14.23 ? 39   PHE A H      1 
ATOM   583  H HA     . PHE A 1 41 ? 2.085   -5.406  5.351   1.00 12.66 ? 39   PHE A HA     1 
ATOM   584  H HB2    . PHE A 1 41 ? 0.706   -5.905  3.527   1.00 14.37 ? 39   PHE A HB2    1 
ATOM   585  H HB3    . PHE A 1 41 ? 1.816   -4.871  3.060   1.00 14.37 ? 39   PHE A HB3    1 
ATOM   586  H HD1    . PHE A 1 41 ? 3.639   -5.659  1.542   1.00 16.13 ? 39   PHE A HD1    1 
ATOM   587  H HD2    . PHE A 1 41 ? 0.590   -8.077  2.538   1.00 16.33 ? 39   PHE A HD2    1 
ATOM   588  H HE1    . PHE A 1 41 ? 4.223   -7.094  -0.184  1.00 19.80 ? 39   PHE A HE1    1 
ATOM   589  H HE2    . PHE A 1 41 ? 1.187   -9.502  0.806   1.00 18.50 ? 39   PHE A HE2    1 
ATOM   590  H HZ     . PHE A 1 41 ? 2.994   -9.013  -0.546  1.00 21.48 ? 39   PHE A HZ     1 
ATOM   591  N N      . ASP A 1 42 ? 1.028   -7.688  5.682   1.00 11.51 ? 40   ASP A N      1 
ATOM   592  C CA     . ASP A 1 42 ? 0.661   -9.037  6.037   1.00 12.31 ? 40   ASP A CA     1 
ATOM   593  C C      . ASP A 1 42 ? -0.826  -9.209  5.742   1.00 11.96 ? 40   ASP A C      1 
ATOM   594  O O      . ASP A 1 42 ? -1.399  -8.475  4.928   1.00 12.45 ? 40   ASP A O      1 
ATOM   595  C CB     . ASP A 1 42 ? 1.050   -9.354  7.510   1.00 12.94 ? 40   ASP A CB     1 
ATOM   596  C CG     . ASP A 1 42 ? 0.234   -8.596  8.537   1.00 12.44 ? 40   ASP A CG     1 
ATOM   597  O OD1    . ASP A 1 42 ? -0.709  -7.916  8.173   1.00 13.48 ? 40   ASP A OD1    1 
ATOM   598  O OD2    . ASP A 1 42 ? 0.558   -8.664  9.750   1.00 12.88 ? 40   ASP A OD2    1 
ATOM   599  H H      . ASP A 1 42 ? 0.432   -7.095  5.860   1.00 13.81 ? 40   ASP A H      1 
ATOM   600  H HA     . ASP A 1 42 ? 1.152   -9.659  5.460   1.00 14.78 ? 40   ASP A HA     1 
ATOM   601  H HB2    . ASP A 1 42 ? 0.921   -10.302 7.670   1.00 15.53 ? 40   ASP A HB2    1 
ATOM   602  H HB3    . ASP A 1 42 ? 1.982   -9.121  7.643   1.00 15.53 ? 40   ASP A HB3    1 
ATOM   603  N N      . GLN A 1 43 ? -1.454  -10.161 6.399   1.00 12.80 ? 41   GLN A N      1 
ATOM   604  C CA     . GLN A 1 43 ? -2.849  -10.467 6.164   1.00 13.22 ? 41   GLN A CA     1 
ATOM   605  C C      . GLN A 1 43 ? -3.749  -9.243  6.366   1.00 12.19 ? 41   GLN A C      1 
ATOM   606  O O      . GLN A 1 43 ? -4.683  -9.022  5.580   1.00 12.79 ? 41   GLN A O      1 
ATOM   607  C CB     . GLN A 1 43 ? -3.237  -11.604 7.102   1.00 18.61 ? 41   GLN A CB     1 
ATOM   608  C CG     . GLN A 1 43 ? -4.623  -12.053 6.964   1.00 19.53 ? 41   GLN A CG     1 
ATOM   609  C CD     . GLN A 1 43 ? -4.841  -13.354 7.687   1.00 20.74 ? 41   GLN A CD     1 
ATOM   610  O OE1    . GLN A 1 43 ? -4.322  -13.566 8.779   1.00 21.32 ? 41   GLN A OE1    1 
ATOM   611  N NE2    . GLN A 1 43 ? -5.601  -14.235 7.086   1.00 22.37 ? 41   GLN A NE2    1 
ATOM   612  H H      . GLN A 1 43 ? -1.086  -10.655 7.000   1.00 15.36 ? 41   GLN A H      1 
ATOM   613  H HA     . GLN A 1 43 ? -2.961  -10.778 5.242   1.00 15.86 ? 41   GLN A HA     1 
ATOM   614  H HB2    . GLN A 1 43 ? -2.661  -12.364 6.922   1.00 22.34 ? 41   GLN A HB2    1 
ATOM   615  H HB3    . GLN A 1 43 ? -3.112  -11.309 8.018   1.00 22.34 ? 41   GLN A HB3    1 
ATOM   616  H HG2    . GLN A 1 43 ? -5.215  -11.387 7.346   1.00 23.44 ? 41   GLN A HG2    1 
ATOM   617  H HG3    . GLN A 1 43 ? -4.825  -12.188 6.025   1.00 23.44 ? 41   GLN A HG3    1 
ATOM   618  H HE21   . GLN A 1 43 ? -5.945  -14.055 6.318   1.00 26.85 ? 41   GLN A HE21   1 
ATOM   619  H HE22   . GLN A 1 43 ? -5.756  -14.996 7.458   1.00 26.85 ? 41   GLN A HE22   1 
ATOM   620  N N      . PHE A 1 44 ? -3.510  -8.483  7.432   1.00 11.39 ? 42   PHE A N      1 
ATOM   621  C CA     . PHE A 1 44 ? -4.426  -7.425  7.837   1.00 10.70 ? 42   PHE A CA     1 
ATOM   622  C C      . PHE A 1 44 ? -3.945  -5.988  7.720   1.00 10.80 ? 42   PHE A C      1 
ATOM   623  O O      . PHE A 1 44 ? -4.744  -5.064  7.801   1.00 10.87 ? 42   PHE A O      1 
ATOM   624  C CB     . PHE A 1 44 ? -4.887  -7.659  9.280   1.00 11.39 ? 42   PHE A CB     1 
ATOM   625  C CG     . PHE A 1 44 ? -5.726  -8.899  9.443   1.00 10.08 ? 42   PHE A CG     1 
ATOM   626  C CD1    . PHE A 1 44 ? -6.919  -9.051  8.741   1.00 12.58 ? 42   PHE A CD1    1 
ATOM   627  C CD2    . PHE A 1 44 ? -5.318  -9.931  10.247  1.00 11.11 ? 42   PHE A CD2    1 
ATOM   628  C CE1    . PHE A 1 44 ? -7.685  -10.173 8.897   1.00 13.73 ? 42   PHE A CE1    1 
ATOM   629  C CE2    . PHE A 1 44 ? -6.094  -11.050 10.425  1.00 12.78 ? 42   PHE A CE2    1 
ATOM   630  C CZ     . PHE A 1 44 ? -7.249  -11.192 9.719   1.00 13.47 ? 42   PHE A CZ     1 
ATOM   631  H H      . PHE A 1 44 ? -2.820  -8.562  7.940   1.00 13.67 ? 42   PHE A H      1 
ATOM   632  H HA     . PHE A 1 44 ? -5.223  -7.496  7.271   1.00 12.84 ? 42   PHE A HA     1 
ATOM   633  H HB2    . PHE A 1 44 ? -4.107  -7.750  9.849   1.00 13.67 ? 42   PHE A HB2    1 
ATOM   634  H HB3    . PHE A 1 44 ? -5.418  -6.900  9.567   1.00 13.67 ? 42   PHE A HB3    1 
ATOM   635  H HD1    . PHE A 1 44 ? -7.213  -8.369  8.182   1.00 15.09 ? 42   PHE A HD1    1 
ATOM   636  H HD2    . PHE A 1 44 ? -4.527  -9.845  10.729  1.00 13.34 ? 42   PHE A HD2    1 
ATOM   637  H HE1    . PHE A 1 44 ? -8.482  -10.264 8.426   1.00 16.47 ? 42   PHE A HE1    1 
ATOM   638  H HE2    . PHE A 1 44 ? -5.798  -11.739 10.973  1.00 15.34 ? 42   PHE A HE2    1 
ATOM   639  H HZ     . PHE A 1 44 ? -7.768  -11.954 9.829   1.00 16.16 ? 42   PHE A HZ     1 
ATOM   640  N N      . VAL A 1 45 ? -2.630  -5.783  7.600   1.00 10.67 ? 43   VAL A N      1 
ATOM   641  C CA     . VAL A 1 45 ? -2.100  -4.420  7.616   1.00 9.24  ? 43   VAL A CA     1 
ATOM   642  C C      . VAL A 1 45 ? -1.057  -4.202  6.499   1.00 9.95  ? 43   VAL A C      1 
ATOM   643  O O      . VAL A 1 45 ? -0.475  -5.161  5.977   1.00 10.96 ? 43   VAL A O      1 
ATOM   644  C CB     . VAL A 1 45 ? -1.461  -4.024  8.983   1.00 10.26 ? 43   VAL A CB     1 
ATOM   645  C CG1    . VAL A 1 45 ? -2.437  -4.250  10.119  1.00 12.54 ? 43   VAL A CG1    1 
ATOM   646  C CG2    . VAL A 1 45 ? -0.131  -4.750  9.226   1.00 12.53 ? 43   VAL A CG2    1 
ATOM   647  H H      . VAL A 1 45 ? -2.039  -6.400  7.509   1.00 12.80 ? 43   VAL A H      1 
ATOM   648  H HA     . VAL A 1 45 ? -2.840  -3.800  7.449   1.00 11.08 ? 43   VAL A HA     1 
ATOM   649  H HB     . VAL A 1 45 ? -1.264  -3.063  8.960   1.00 12.31 ? 43   VAL A HB     1 
ATOM   650  H HG11   . VAL A 1 45 ? -2.676  -5.179  10.144  1.00 15.05 ? 43   VAL A HG11   1 
ATOM   651  H HG12   . VAL A 1 45 ? -2.017  -3.998  10.946  1.00 15.05 ? 43   VAL A HG12   1 
ATOM   652  H HG13   . VAL A 1 45 ? -3.218  -3.712  9.972   1.00 15.05 ? 43   VAL A HG13   1 
ATOM   653  H HG21   . VAL A 1 45 ? 0.483   -4.520  8.525   1.00 15.04 ? 43   VAL A HG21   1 
ATOM   654  H HG22   . VAL A 1 45 ? 0.224   -4.476  10.075  1.00 15.04 ? 43   VAL A HG22   1 
ATOM   655  H HG23   . VAL A 1 45 ? -0.288  -5.697  9.226   1.00 15.04 ? 43   VAL A HG23   1 
ATOM   656  N N      . ILE A 1 46 ? -0.846  -2.916  6.211   1.00 9.51  ? 44   ILE A N      1 
ATOM   657  C CA     . ILE A 1 46 ? 0.224   -2.473  5.325   1.00 10.84 ? 44   ILE A CA     1 
ATOM   658  C C      . ILE A 1 46 ? 1.047   -1.465  6.107   1.00 11.86 ? 44   ILE A C      1 
ATOM   659  O O      . ILE A 1 46 ? 0.488   -0.561  6.732   1.00 12.95 ? 44   ILE A O      1 
ATOM   660  C CB     . ILE A 1 46 ? -0.344  -1.807  4.056   1.00 11.04 ? 44   ILE A CB     1 
ATOM   661  C CG1    . ILE A 1 46 ? -1.207  -2.818  3.273   1.00 12.56 ? 44   ILE A CG1    1 
ATOM   662  C CG2    . ILE A 1 46 ? 0.758   -1.242  3.201   1.00 13.80 ? 44   ILE A CG2    1 
ATOM   663  C CD1    . ILE A 1 46 ? -1.898  -2.268  2.020   1.00 12.31 ? 44   ILE A CD1    1 
ATOM   664  H H      . ILE A 1 46 ? -1.322  -2.271  6.524   1.00 11.41 ? 44   ILE A H      1 
ATOM   665  H HA     . ILE A 1 46 ? 0.793   -3.230  5.071   1.00 13.00 ? 44   ILE A HA     1 
ATOM   666  H HB     . ILE A 1 46 ? -0.916  -1.073  4.332   1.00 13.25 ? 44   ILE A HB     1 
ATOM   667  H HG12   . ILE A 1 46 ? -0.638  -3.553  2.993   1.00 15.07 ? 44   ILE A HG12   1 
ATOM   668  H HG13   . ILE A 1 46 ? -1.899  -3.153  3.864   1.00 15.07 ? 44   ILE A HG13   1 
ATOM   669  H HG21   . ILE A 1 46 ? 1.348   -1.955  2.940   1.00 16.56 ? 44   ILE A HG21   1 
ATOM   670  H HG22   . ILE A 1 46 ? 0.371   -0.836  2.422   1.00 16.56 ? 44   ILE A HG22   1 
ATOM   671  H HG23   . ILE A 1 46 ? 1.241   -0.586  3.707   1.00 16.56 ? 44   ILE A HG23   1 
ATOM   672  H HD11   . ILE A 1 46 ? -1.230  -1.947  1.410   1.00 14.78 ? 44   ILE A HD11   1 
ATOM   673  H HD12   . ILE A 1 46 ? -2.405  -2.972  1.610   1.00 14.78 ? 44   ILE A HD12   1 
ATOM   674  H HD13   . ILE A 1 46 ? -2.481  -1.550  2.276   1.00 14.78 ? 44   ILE A HD13   1 
ATOM   675  N N      . LEU A 1 47 ? 2.365   -1.622  6.092   1.00 11.85 ? 45   LEU A N      1 
ATOM   676  C CA     . LEU A 1 47 ? 3.260   -0.655  6.720   1.00 12.50 ? 45   LEU A CA     1 
ATOM   677  C C      . LEU A 1 47 ? 3.733   0.314   5.638   1.00 10.44 ? 45   LEU A C      1 
ATOM   678  O O      . LEU A 1 47 ? 4.404   -0.083  4.664   1.00 12.45 ? 45   LEU A O      1 
ATOM   679  C CB     . LEU A 1 47 ? 4.424   -1.359  7.420   1.00 14.46 ? 45   LEU A CB     1 
ATOM   680  C CG     . LEU A 1 47 ? 4.163   -1.957  8.804   1.00 21.24 ? 45   LEU A CG     1 
ATOM   681  C CD1    . LEU A 1 47 ? 5.391   -2.739  9.278   1.00 30.27 ? 45   LEU A CD1    1 
ATOM   682  C CD2    . LEU A 1 47 ? 3.882   -0.868  9.815   1.00 26.81 ? 45   LEU A CD2    1 
ATOM   683  H H      . LEU A 1 47 ? 2.770   -2.286  5.724   1.00 14.22 ? 45   LEU A H      1 
ATOM   684  H HA     . LEU A 1 47 ? 2.763   -0.144  7.391   1.00 14.99 ? 45   LEU A HA     1 
ATOM   685  H HB2    . LEU A 1 47 ? 4.721   -2.086  6.849   1.00 17.35 ? 45   LEU A HB2    1 
ATOM   686  H HB3    . LEU A 1 47 ? 5.146   -0.719  7.520   1.00 17.35 ? 45   LEU A HB3    1 
ATOM   687  H HG     . LEU A 1 47 ? 3.402   -2.557  8.768   1.00 25.49 ? 45   LEU A HG     1 
ATOM   688  H HD11   . LEU A 1 47 ? 6.142   -2.143  9.324   1.00 36.32 ? 45   LEU A HD11   1 
ATOM   689  H HD12   . LEU A 1 47 ? 5.210   -3.107  10.146  1.00 36.32 ? 45   LEU A HD12   1 
ATOM   690  H HD13   . LEU A 1 47 ? 5.571   -3.446  8.653   1.00 36.32 ? 45   LEU A HD13   1 
ATOM   691  H HD21   . LEU A 1 47 ? 3.108   -0.375  9.536   1.00 32.17 ? 45   LEU A HD21   1 
ATOM   692  H HD22   . LEU A 1 47 ? 3.723   -1.271  10.673  1.00 32.17 ? 45   LEU A HD22   1 
ATOM   693  H HD23   . LEU A 1 47 ? 4.643   -0.284  9.865   1.00 32.17 ? 45   LEU A HD23   1 
ATOM   694  N N      . LEU A 1 48 ? 3.357   1.566   5.785   1.00 10.74 ? 46   LEU A N      1 
ATOM   695  C CA     . LEU A 1 48 ? 3.609   2.612   4.809   1.00 11.93 ? 46   LEU A CA     1 
ATOM   696  C C      . LEU A 1 48 ? 4.671   3.529   5.368   1.00 12.08 ? 46   LEU A C      1 
ATOM   697  O O      . LEU A 1 48 ? 4.482   4.145   6.426   1.00 15.03 ? 46   LEU A O      1 
ATOM   698  C CB     . LEU A 1 48 ? 2.323   3.395   4.559   1.00 14.06 ? 46   LEU A CB     1 
ATOM   699  C CG     . LEU A 1 48 ? 2.426   4.473   3.492   1.00 13.53 ? 46   LEU A CG     1 
ATOM   700  C CD1    . LEU A 1 48 ? 2.625   3.896   2.088   1.00 14.50 ? 46   LEU A CD1    1 
ATOM   701  C CD2    . LEU A 1 48 ? 1.157   5.312   3.527   1.00 17.81 ? 46   LEU A CD2    1 
ATOM   702  H H      . LEU A 1 48 ? 2.932   1.851   6.476   1.00 12.88 ? 46   LEU A H      1 
ATOM   703  H HA     . LEU A 1 48 ? 3.924   2.226   3.966   1.00 14.32 ? 46   LEU A HA     1 
ATOM   704  H HB2    . LEU A 1 48 ? 1.632   2.774   4.283   1.00 16.88 ? 46   LEU A HB2    1 
ATOM   705  H HB3    . LEU A 1 48 ? 2.059   3.827   5.388   1.00 16.88 ? 46   LEU A HB3    1 
ATOM   706  H HG     . LEU A 1 48 ? 3.178   5.052   3.692   1.00 16.23 ? 46   LEU A HG     1 
ATOM   707  H HD11   . LEU A 1 48 ? 1.878   3.332   1.873   1.00 17.40 ? 46   LEU A HD11   1 
ATOM   708  H HD12   . LEU A 1 48 ? 2.683   4.619   1.459   1.00 17.40 ? 46   LEU A HD12   1 
ATOM   709  H HD13   . LEU A 1 48 ? 3.437   3.383   2.074   1.00 17.40 ? 46   LEU A HD13   1 
ATOM   710  H HD21   . LEU A 1 48 ? 1.071   5.713   4.395   1.00 21.38 ? 46   LEU A HD21   1 
ATOM   711  H HD22   . LEU A 1 48 ? 1.215   5.994   2.854   1.00 21.38 ? 46   LEU A HD22   1 
ATOM   712  H HD23   . LEU A 1 48 ? 0.403   4.744   3.353   1.00 21.38 ? 46   LEU A HD23   1 
ATOM   713  N N      . LYS A 1 49 ? 5.798   3.620   4.671   1.00 13.53 ? 47   LYS A N      1 
ATOM   714  C CA     . LYS A 1 49 ? 6.975   4.312   5.172   1.00 16.92 ? 47   LYS A CA     1 
ATOM   715  C C      . LYS A 1 49 ? 7.116   5.687   4.572   1.00 19.23 ? 47   LYS A C      1 
ATOM   716  O O      . LYS A 1 49 ? 6.955   5.861   3.357   1.00 20.00 ? 47   LYS A O      1 
ATOM   717  C CB     . LYS A 1 49 ? 8.214   3.465   4.870   1.00 23.88 ? 47   LYS A CB     1 
ATOM   718  C CG     . LYS A 1 49 ? 9.574   4.066   5.315   1.00 28.73 ? 47   LYS A CG     1 
ATOM   719  C CD     . LYS A 1 49 ? 9.674   4.274   6.848   1.00 28.05 ? 47   LYS A CD     1 
ATOM   720  C CE     . LYS A 1 49 ? 11.121  4.639   7.303   1.00 33.94 ? 47   LYS A CE     1 
ATOM   721  N NZ     . LYS A 1 49 ? 11.791  5.727   6.524   1.00 39.23 ? 47   LYS A NZ     1 
ATOM   722  H H      . LYS A 1 49 ? 5.906   3.281   3.889   1.00 16.23 ? 47   LYS A H      1 
ATOM   723  H HA     . LYS A 1 49 ? 6.900   4.410   6.144   1.00 20.30 ? 47   LYS A HA     1 
ATOM   724  H HB2    . LYS A 1 49 ? 8.115   2.610   5.319   1.00 28.66 ? 47   LYS A HB2    1 
ATOM   725  H HB3    . LYS A 1 49 ? 8.259   3.323   3.911   1.00 28.66 ? 47   LYS A HB3    1 
ATOM   726  H HG2    . LYS A 1 49 ? 10.286  3.464   5.048   1.00 34.47 ? 47   LYS A HG2    1 
ATOM   727  H HG3    . LYS A 1 49 ? 9.691   4.929   4.888   1.00 34.47 ? 47   LYS A HG3    1 
ATOM   728  H HD2    . LYS A 1 49 ? 9.084   4.998   7.109   1.00 33.66 ? 47   LYS A HD2    1 
ATOM   729  H HD3    . LYS A 1 49 ? 9.414   3.455   7.298   1.00 33.66 ? 47   LYS A HD3    1 
ATOM   730  H HE2    . LYS A 1 49 ? 11.089  4.925   8.229   1.00 40.73 ? 47   LYS A HE2    1 
ATOM   731  H HE3    . LYS A 1 49 ? 11.675  3.846   7.228   1.00 40.73 ? 47   LYS A HE3    1 
ATOM   732  H HZ1    . LYS A 1 49 ? 11.319  6.479   6.583   1.00 47.08 ? 47   LYS A HZ1    1 
ATOM   733  H HZ2    . LYS A 1 49 ? 12.608  5.872   6.846   1.00 47.08 ? 47   LYS A HZ2    1 
ATOM   734  H HZ3    . LYS A 1 49 ? 11.855  5.493   5.668   1.00 47.08 ? 47   LYS A HZ3    1 
ATOM   735  N N      . ASN A 1 50 ? 7.413   6.633   5.466   1.00 25.23 ? 48   ASN A N      1 
ATOM   736  C CA     . ASN A 1 50 ? 7.979   7.959   5.218   1.00 34.55 ? 48   ASN A CA     1 
ATOM   737  C C      . ASN A 1 50 ? 8.987   8.210   6.344   1.00 38.48 ? 48   ASN A C      1 
ATOM   738  O O      . ASN A 1 50 ? 9.910   7.430   6.532   1.00 42.45 ? 48   ASN A O      1 
ATOM   739  C CB     . ASN A 1 50 ? 6.924   9.045   5.323   1.00 38.41 ? 48   ASN A CB     1 
ATOM   740  C CG     . ASN A 1 50 ? 5.832   8.893   4.314   1.00 37.55 ? 48   ASN A CG     1 
ATOM   741  O OD1    . ASN A 1 50 ? 5.849   9.542   3.269   1.00 45.87 ? 48   ASN A OD1    1 
ATOM   742  N ND2    . ASN A 1 50 ? 4.859   8.048   4.621   1.00 40.11 ? 48   ASN A ND2    1 
ATOM   743  H H      . ASN A 1 50 ? 7.278   6.510   6.306   1.00 30.28 ? 48   ASN A H      1 
ATOM   744  H HA     . ASN A 1 50 ? 8.426   7.999   4.346   1.00 41.46 ? 48   ASN A HA     1 
ATOM   745  H HB2    . ASN A 1 50 ? 6.524   9.011   6.205   1.00 46.09 ? 48   ASN A HB2    1 
ATOM   746  H HB3    . ASN A 1 50 ? 7.344   9.908   5.182   1.00 46.09 ? 48   ASN A HB3    1 
ATOM   747  H HD21   . ASN A 1 50 ? 4.878   7.622   5.367   1.00 48.14 ? 48   ASN A HD21   1 
ATOM   748  H HD22   . ASN A 1 50 ? 4.207   7.927   4.072   1.00 48.14 ? 48   ASN A HD22   1 
ATOM   749  N N      . THR A 1 51 ? 8.783   9.275   7.118   1.00 38.75 ? 49   THR A N      1 
ATOM   750  C CA     . THR A 1 51 ? 9.606   9.551   8.293   1.00 43.32 ? 49   THR A CA     1 
ATOM   751  C C      . THR A 1 51 ? 9.541   8.383   9.269   1.00 36.13 ? 49   THR A C      1 
ATOM   752  O O      . THR A 1 51 ? 10.551  7.797   9.656   1.00 35.59 ? 49   THR A O      1 
ATOM   753  C CB     . THR A 1 51 ? 9.086   10.796  9.013   1.00 56.23 ? 49   THR A CB     1 
ATOM   754  O OG1    . THR A 1 51 ? 8.948   11.877  8.078   1.00 62.04 ? 49   THR A OG1    1 
ATOM   755  C CG2    . THR A 1 51 ? 10.028  11.191  10.148  1.00 62.17 ? 49   THR A CG2    1 
ATOM   756  H H      . THR A 1 51 ? 8.167   9.860   6.982   1.00 46.50 ? 49   THR A H      1 
ATOM   757  H HA     . THR A 1 51 ? 10.537  9.699   8.027   1.00 51.98 ? 49   THR A HA     1 
ATOM   758  H HB     . THR A 1 51 ? 8.218   10.599  9.399   1.00 67.48 ? 49   THR A HB     1 
ATOM   759  H HG1    . THR A 1 51 ? 8.669   12.546  8.462   1.00 74.44 ? 49   THR A HG1    1 
ATOM   760  H HG21   . THR A 1 51 ? 10.902  11.382  9.798   1.00 74.60 ? 49   THR A HG21   1 
ATOM   761  H HG22   . THR A 1 51 ? 9.694   11.973  10.594  1.00 74.60 ? 49   THR A HG22   1 
ATOM   762  H HG23   . THR A 1 51 ? 10.095  10.475  10.783  1.00 74.60 ? 49   THR A HG23   1 
ATOM   763  N N      . VAL A 1 52 ? 8.327   8.045   9.670   1.00 28.96 ? 50   VAL A N      1 
ATOM   764  C CA     . VAL A 1 52 ? 8.131   6.831   10.414  1.00 21.40 ? 50   VAL A CA     1 
ATOM   765  C C      . VAL A 1 52 ? 7.300   5.876   9.550   1.00 18.86 ? 50   VAL A C      1 
ATOM   766  O O      . VAL A 1 52 ? 6.872   6.230   8.470   1.00 21.90 ? 50   VAL A O      1 
ATOM   767  C CB     . VAL A 1 52 ? 7.437   7.075   11.751  1.00 21.87 ? 50   VAL A CB     1 
ATOM   768  C CG1    . VAL A 1 52 ? 8.214   8.076   12.585  1.00 26.17 ? 50   VAL A CG1    1 
ATOM   769  C CG2    . VAL A 1 52 ? 6.017   7.521   11.522  1.00 22.40 ? 50   VAL A CG2    1 
ATOM   770  H H      . VAL A 1 52 ? 7.612   8.500   9.523   1.00 34.76 ? 50   VAL A H      1 
ATOM   771  H HA     . VAL A 1 52 ? 8.999   6.413   10.589  1.00 25.68 ? 50   VAL A HA     1 
ATOM   772  H HB     . VAL A 1 52 ? 7.407   6.231   12.248  1.00 26.25 ? 50   VAL A HB     1 
ATOM   773  H HG11   . VAL A 1 52 ? 8.272   8.905   12.106  1.00 31.40 ? 50   VAL A HG11   1 
ATOM   774  H HG12   . VAL A 1 52 ? 7.756   8.210   13.419  1.00 31.40 ? 50   VAL A HG12   1 
ATOM   775  H HG13   . VAL A 1 52 ? 9.095   7.730   12.747  1.00 31.40 ? 50   VAL A HG13   1 
ATOM   776  H HG21   . VAL A 1 52 ? 5.548   6.837   11.040  1.00 26.89 ? 50   VAL A HG21   1 
ATOM   777  H HG22   . VAL A 1 52 ? 5.597   7.670   12.372  1.00 26.89 ? 50   VAL A HG22   1 
ATOM   778  H HG23   . VAL A 1 52 ? 6.024   8.335   11.014  1.00 26.89 ? 50   VAL A HG23   1 
ATOM   779  N N      . SER A 1 53 ? 7.058   4.679   10.037  1.00 20.85 ? 51   SER A N      1 
ATOM   780  C CA     . SER A 1 53 ? 6.223   3.722   9.345   1.00 21.25 ? 51   SER A CA     1 
ATOM   781  C C      . SER A 1 53 ? 4.875   3.883   10.011  1.00 19.38 ? 51   SER A C      1 
ATOM   782  O O      . SER A 1 53 ? 4.826   3.939   11.230  1.00 27.18 ? 51   SER A O      1 
ATOM   783  C CB     . SER A 1 53 ? 6.738   2.307   9.568   1.00 30.56 ? 51   SER A CB     1 
ATOM   784  O OG     . SER A 1 53 ? 7.997   2.120   8.959   1.00 37.49 ? 51   SER A OG     1 
ATOM   785  H H      . SER A 1 53 ? 7.372   4.390   10.784  1.00 25.02 ? 51   SER A H      1 
ATOM   786  H HA     . SER A 1 53 ? 6.161   3.922   8.387   1.00 25.50 ? 51   SER A HA     1 
ATOM   787  H HB2    . SER A 1 53 ? 6.823   2.150   10.521  1.00 36.67 ? 51   SER A HB2    1 
ATOM   788  H HB3    . SER A 1 53 ? 6.107   1.678   9.184   1.00 36.67 ? 51   SER A HB3    1 
ATOM   789  H HG     . SER A 1 53 ? 8.260   1.354   9.088   1.00 44.99 ? 51   SER A HG     1 
ATOM   790  N N      . GLN A 1 54 ? 3.818   4.049   9.219   1.00 17.04 ? 52   GLN A N      1 
ATOM   791  C CA     . GLN A 1 54 ? 2.432   4.082   9.686   1.00 17.81 ? 52   GLN A CA     1 
ATOM   792  C C      . GLN A 1 54 ? 1.889   2.697   9.433   1.00 14.52 ? 52   GLN A C      1 
ATOM   793  O O      . GLN A 1 54 ? 1.986   2.194   8.315   1.00 14.58 ? 52   GLN A O      1 
ATOM   794  C CB     . GLN A 1 54 ? 1.630   5.026   8.775   1.00 21.25 ? 52   GLN A CB     1 
ATOM   795  C CG     . GLN A 1 54 ? 2.048   6.454   8.729   1.00 30.42 ? 52   GLN A CG     1 
ATOM   796  C CD     . GLN A 1 54 ? 1.206   7.205   7.736   1.00 26.94 ? 52   GLN A CD     1 
ATOM   797  O OE1    . GLN A 1 54 ? 0.016   7.428   7.968   1.00 36.68 ? 52   GLN A OE1    1 
ATOM   798  N NE2    . GLN A 1 54 ? 1.802   7.555   6.595   1.00 37.13 ? 52   GLN A NE2    1 
ATOM   799  H H      . GLN A 1 54 ? 3.881   4.148   8.367   1.00 20.45 ? 52   GLN A H      1 
ATOM   800  H HA     . GLN A 1 54 ? 2.355   4.335   10.629  1.00 21.37 ? 52   GLN A HA     1 
ATOM   801  H HB2    . GLN A 1 54 ? 1.684   4.684   7.868   1.00 25.50 ? 52   GLN A HB2    1 
ATOM   802  H HB3    . GLN A 1 54 ? 0.705   5.009   9.066   1.00 25.50 ? 52   GLN A HB3    1 
ATOM   803  H HG2    . GLN A 1 54 ? 1.926   6.856   9.603   1.00 36.51 ? 52   GLN A HG2    1 
ATOM   804  H HG3    . GLN A 1 54 ? 2.976   6.512   8.454   1.00 36.51 ? 52   GLN A HG3    1 
ATOM   805  H HE21   . GLN A 1 54 ? 2.625   7.348   6.459   1.00 44.56 ? 52   GLN A HE21   1 
ATOM   806  H HE22   . GLN A 1 54 ? 1.362   7.985   5.995   1.00 44.56 ? 52   GLN A HE22   1 
ATOM   807  N N      . MET A 1 55 ? 1.261   2.100   10.433  1.00 11.49 ? 53   MET A N      1 
ATOM   808  C CA     . MET A 1 55 ? 0.620   0.812   10.234  1.00 11.26 ? 53   MET A CA     1 
ATOM   809  C C      . MET A 1 55 ? -0.831  1.089   9.845   1.00 9.79  ? 53   MET A C      1 
ATOM   810  O O      . MET A 1 55 ? -1.596  1.628   10.626  1.00 12.34 ? 53   MET A O      1 
ATOM   811  C CB     . MET A 1 55 ? 0.678   -0.064  11.484  1.00 11.65 ? 53   MET A CB     1 
ATOM   812  C CG     . MET A 1 55 ? 0.159   -1.466  11.252  1.00 12.66 ? 53   MET A CG     1 
ATOM   813  S SD     . MET A 1 55 ? 0.095   -2.469  12.733  1.00 13.55 ? 53   MET A SD     1 
ATOM   814  C CE     . MET A 1 55 ? -1.386  -1.807  13.456  1.00 17.97 ? 53   MET A CE     1 
ATOM   815  H H      . MET A 1 55 ? 1.191   2.417   11.230  1.00 13.79 ? 53   MET A H      1 
ATOM   816  H HA     . MET A 1 55 ? 1.067   0.336   9.503   1.00 13.51 ? 53   MET A HA     1 
ATOM   817  H HB2    . MET A 1 55 ? 1.601   -0.132  11.777  1.00 13.98 ? 53   MET A HB2    1 
ATOM   818  H HB3    . MET A 1 55 ? 0.140   0.343   12.180  1.00 13.98 ? 53   MET A HB3    1 
ATOM   819  H HG2    . MET A 1 55 ? -0.740  -1.410  10.894  1.00 15.19 ? 53   MET A HG2    1 
ATOM   820  H HG3    . MET A 1 55 ? 0.740   -1.912  10.617  1.00 15.19 ? 53   MET A HG3    1 
ATOM   821  H HE1    . MET A 1 55 ? -2.117  -1.943  12.850  1.00 21.56 ? 53   MET A HE1    1 
ATOM   822  H HE2    . MET A 1 55 ? -1.558  -2.260  14.285  1.00 21.56 ? 53   MET A HE2    1 
ATOM   823  H HE3    . MET A 1 55 ? -1.263  -0.868  13.615  1.00 21.56 ? 53   MET A HE3    1 
ATOM   824  N N      . VAL A 1 56 ? -1.197  0.729   8.617   1.00 10.07 ? 54   VAL A N      1 
ATOM   825  C CA     . VAL A 1 56 ? -2.519  0.992   8.057   1.00 9.70  ? 54   VAL A CA     1 
ATOM   826  C C      . VAL A 1 56 ? -3.315  -0.305  8.045   1.00 10.16 ? 54   VAL A C      1 
ATOM   827  O O      . VAL A 1 56 ? -2.907  -1.305  7.478   1.00 10.88 ? 54   VAL A O      1 
ATOM   828  C CB     . VAL A 1 56 ? -2.409  1.539   6.625   1.00 10.94 ? 54   VAL A CB     1 
ATOM   829  C CG1    . VAL A 1 56 ? -3.784  2.052   6.123   1.00 12.25 ? 54   VAL A CG1    1 
ATOM   830  C CG2    . VAL A 1 56 ? -1.309  2.649   6.514   1.00 12.20 ? 54   VAL A CG2    1 
ATOM   831  H H      . VAL A 1 56 ? -0.678  0.315   8.071   1.00 12.08 ? 54   VAL A H      1 
ATOM   832  H HA     . VAL A 1 56 ? -2.991  1.648   8.612   1.00 11.64 ? 54   VAL A HA     1 
ATOM   833  H HB     . VAL A 1 56 ? -2.142  0.803   6.036   1.00 13.13 ? 54   VAL A HB     1 
ATOM   834  H HG11   . VAL A 1 56 ? -4.086  2.755   6.705   1.00 14.70 ? 54   VAL A HG11   1 
ATOM   835  H HG12   . VAL A 1 56 ? -3.684  2.387   5.229   1.00 14.70 ? 54   VAL A HG12   1 
ATOM   836  H HG13   . VAL A 1 56 ? -4.412  1.326   6.134   1.00 14.70 ? 54   VAL A HG13   1 
ATOM   837  H HG21   . VAL A 1 56 ? -0.460  2.274   6.765   1.00 14.64 ? 54   VAL A HG21   1 
ATOM   838  H HG22   . VAL A 1 56 ? -1.273  2.963   5.607   1.00 14.64 ? 54   VAL A HG22   1 
ATOM   839  H HG23   . VAL A 1 56 ? -1.534  3.372   7.103   1.00 14.64 ? 54   VAL A HG23   1 
ATOM   840  N N      . TYR A 1 57 ? -4.475  -0.309  8.705   1.00 10.14 ? 55   TYR A N      1 
ATOM   841  C CA     . TYR A 1 57 ? -5.377  -1.458  8.614   1.00 10.21 ? 55   TYR A CA     1 
ATOM   842  C C      . TYR A 1 57 ? -6.073  -1.516  7.250   1.00 9.53  ? 55   TYR A C      1 
ATOM   843  O O      . TYR A 1 57 ? -6.643  -0.538  6.796   1.00 9.65  ? 55   TYR A O      1 
ATOM   844  C CB     . TYR A 1 57 ? -6.436  -1.427  9.714   1.00 9.88  ? 55   TYR A CB     1 
ATOM   845  C CG     . TYR A 1 57 ? -5.879  -1.874  11.055  1.00 10.96 ? 55   TYR A CG     1 
ATOM   846  C CD1    . TYR A 1 57 ? -5.731  -3.228  11.328  1.00 11.27 ? 55   TYR A CD1    1 
ATOM   847  C CD2    . TYR A 1 57 ? -5.453  -0.960  12.019  1.00 11.76 ? 55   TYR A CD2    1 
ATOM   848  C CE1    . TYR A 1 57 ? -5.206  -3.669  12.533  1.00 11.68 ? 55   TYR A CE1    1 
ATOM   849  C CE2    . TYR A 1 57 ? -4.935  -1.396  13.229  1.00 12.15 ? 55   TYR A CE2    1 
ATOM   850  C CZ     . TYR A 1 57 ? -4.796  -2.744  13.476  1.00 11.54 ? 55   TYR A CZ     1 
ATOM   851  O OH     . TYR A 1 57 ? -4.222  -3.165  14.655  1.00 12.49 ? 55   TYR A OH     1 
ATOM   852  H H      . TYR A 1 57 ? -4.760  0.330   9.204   1.00 12.16 ? 55   TYR A H      1 
ATOM   853  H HA     . TYR A 1 57 ? -4.855  -2.281  8.722   1.00 12.26 ? 55   TYR A HA     1 
ATOM   854  H HB2    . TYR A 1 57 ? -6.767  -0.520  9.811   1.00 11.86 ? 55   TYR A HB2    1 
ATOM   855  H HB3    . TYR A 1 57 ? -7.162  -2.024  9.474   1.00 11.86 ? 55   TYR A HB3    1 
ATOM   856  H HD1    . TYR A 1 57 ? -5.999  -3.853  10.694  1.00 13.52 ? 55   TYR A HD1    1 
ATOM   857  H HD2    . TYR A 1 57 ? -5.539  -0.049  11.858  1.00 14.11 ? 55   TYR A HD2    1 
ATOM   858  H HE1    . TYR A 1 57 ? -5.105  -4.579  12.696  1.00 14.01 ? 55   TYR A HE1    1 
ATOM   859  H HE2    . TYR A 1 57 ? -4.646  -0.777  13.860  1.00 14.58 ? 55   TYR A HE2    1 
ATOM   860  H HH     . TYR A 1 57 ? -4.670  -2.906  15.292  1.00 14.99 ? 55   TYR A HH     1 
ATOM   861  N N      . LYS A 1 58 ? -5.984  -2.680  6.625   1.00 8.95  ? 56   LYS A N      1 
ATOM   862  C CA     . LYS A 1 58 ? -6.595  -2.844  5.312   1.00 9.33  ? 56   LYS A CA     1 
ATOM   863  C C      . LYS A 1 58 ? -8.076  -2.515  5.338   1.00 10.10 ? 56   LYS A C      1 
ATOM   864  O O      . LYS A 1 58 ? -8.602  -1.980  4.355   1.00 11.11 ? 56   LYS A O      1 
ATOM   865  C CB     . LYS A 1 58 ? -6.396  -4.261  4.795   1.00 10.63 ? 56   LYS A CB     1 
ATOM   866  C CG     . LYS A 1 58 ? -4.975  -4.580  4.420   1.00 10.69 ? 56   LYS A CG     1 
ATOM   867  C CD     . LYS A 1 58 ? -4.855  -6.035  4.003   1.00 11.17 ? 56   LYS A CD     1 
ATOM   868  C CE     . LYS A 1 58 ? -3.464  -6.418  3.626   1.00 11.69 ? 56   LYS A CE     1 
ATOM   869  N NZ     . LYS A 1 58 ? -3.494  -7.815  3.198   1.00 11.80 ? 56   LYS A NZ     1 
ATOM   870  H H      . LYS A 1 58 ? -5.584  -3.379  6.929   1.00 10.74 ? 56   LYS A H      1 
ATOM   871  H HA     . LYS A 1 58 ? -6.161  -2.231  4.682   1.00 11.20 ? 56   LYS A HA     1 
ATOM   872  H HB2    . LYS A 1 58 ? -6.667  -4.886  5.486   1.00 12.76 ? 56   LYS A HB2    1 
ATOM   873  H HB3    . LYS A 1 58 ? -6.947  -4.386  4.006   1.00 12.76 ? 56   LYS A HB3    1 
ATOM   874  H HG2    . LYS A 1 58 ? -4.705  -4.022  3.674   1.00 12.83 ? 56   LYS A HG2    1 
ATOM   875  H HG3    . LYS A 1 58 ? -4.397  -4.430  5.184   1.00 12.83 ? 56   LYS A HG3    1 
ATOM   876  H HD2    . LYS A 1 58 ? -5.131  -6.599  4.742   1.00 13.41 ? 56   LYS A HD2    1 
ATOM   877  H HD3    . LYS A 1 58 ? -5.428  -6.192  3.235   1.00 13.41 ? 56   LYS A HD3    1 
ATOM   878  H HE2    . LYS A 1 58 ? -3.155  -5.868  2.889   1.00 14.03 ? 56   LYS A HE2    1 
ATOM   879  H HE3    . LYS A 1 58 ? -2.876  -6.334  4.394   1.00 14.03 ? 56   LYS A HE3    1 
ATOM   880  H HZ1    . LYS A 1 58 ? -4.038  -7.907  2.500   1.00 14.16 ? 56   LYS A HZ1    1 
ATOM   881  H HZ2    . LYS A 1 58 ? -2.677  -8.080  2.965   1.00 14.16 ? 56   LYS A HZ2    1 
ATOM   882  H HZ3    . LYS A 1 58 ? -3.785  -8.330  3.863   1.00 14.16 ? 56   LYS A HZ3    1 
ATOM   883  N N      . HIS A 1 59 ? -8.762  -2.821  6.437   1.00 10.51 ? 57   HIS A N      1 
ATOM   884  C CA     . HIS A 1 59 ? -10.202 -2.553  6.491   1.00 11.47 ? 57   HIS A CA     1 
ATOM   885  C C      . HIS A 1 59 ? -10.527 -1.070  6.306   1.00 11.30 ? 57   HIS A C      1 
ATOM   886  O O      . HIS A 1 59 ? -11.640 -0.712  5.954   1.00 13.09 ? 57   HIS A O      1 
ATOM   887  C CB     . HIS A 1 59 ? -10.827 -3.086  7.784   1.00 12.32 ? 57   HIS A CB     1 
ATOM   888  C CG     . HIS A 1 59 ? -10.245 -2.540  9.050   1.00 12.28 ? 57   HIS A CG     1 
ATOM   889  N ND1    . HIS A 1 59 ? -9.600  -3.347  9.952   1.00 12.35 ? 57   HIS A ND1    1 
ATOM   890  C CD2    . HIS A 1 59 ? -10.218 -1.287  9.558   1.00 12.04 ? 57   HIS A CD2    1 
ATOM   891  C CE1    . HIS A 1 59 ? -9.220  -2.618  10.981  1.00 11.52 ? 57   HIS A CE1    1 
ATOM   892  N NE2    . HIS A 1 59 ? -9.586  -1.366  10.777  1.00 10.34 ? 57   HIS A NE2    1 
ATOM   893  H H      . HIS A 1 59 ? -8.431  -3.175  7.148   1.00 12.61 ? 57   HIS A H      1 
ATOM   894  H HA     . HIS A 1 59 ? -10.626 -3.033  5.749   1.00 13.76 ? 57   HIS A HA     1 
ATOM   895  H HB2    . HIS A 1 59 ? -11.773 -2.867  7.780   1.00 14.78 ? 57   HIS A HB2    1 
ATOM   896  H HB3    . HIS A 1 59 ? -10.717 -4.049  7.804   1.00 14.78 ? 57   HIS A HB3    1 
ATOM   897  H HD2    . HIS A 1 59 ? -10.586 -0.524  9.174   1.00 14.45 ? 57   HIS A HD2    1 
ATOM   898  H HE1    . HIS A 1 59 ? -8.759  -2.932  11.725  1.00 13.82 ? 57   HIS A HE1    1 
ATOM   899  H HE2    . HIS A 1 59 ? -9.428  -0.705  11.304  1.00 12.41 ? 57   HIS A HE2    1 
ATOM   900  N N      . ALA A 1 60 ? -9.549  -0.199  6.530   1.00 10.90 ? 58   ALA A N      1 
ATOM   901  C CA     . ALA A 1 60 ? -9.739  1.231   6.364   1.00 11.36 ? 58   ALA A CA     1 
ATOM   902  C C      . ALA A 1 60 ? -9.383  1.756   4.981   1.00 9.91  ? 58   ALA A C      1 
ATOM   903  O O      . ALA A 1 60 ? -9.604  2.922   4.712   1.00 12.12 ? 58   ALA A O      1 
ATOM   904  C CB     . ALA A 1 60 ? -8.905  1.977   7.401   1.00 12.16 ? 58   ALA A CB     1 
ATOM   905  H H      . ALA A 1 60 ? -8.756  -0.418  6.780   1.00 13.08 ? 58   ALA A H      1 
ATOM   906  H HA     . ALA A 1 60 ? -10.682 1.443   6.530   1.00 13.64 ? 58   ALA A HA     1 
ATOM   907  H HB1    . ALA A 1 60 ? -7.980  1.756   7.273   1.00 14.60 ? 58   ALA A HB1    1 
ATOM   908  H HB2    . ALA A 1 60 ? -9.036  2.921   7.285   1.00 14.60 ? 58   ALA A HB2    1 
ATOM   909  H HB3    . ALA A 1 60 ? -9.189  1.712   8.279   1.00 14.60 ? 58   ALA A HB3    1 
ATOM   910  N N      . ILE A 1 61 ? -8.823  0.901   4.141   1.00 10.15 ? 59   ILE A N      1 
ATOM   911  C CA     . ILE A 1 61 ? -8.323  1.309   2.839   1.00 9.86  ? 59   ILE A CA     1 
ATOM   912  C C      . ILE A 1 61 ? -9.423  1.070   1.787   1.00 9.41  ? 59   ILE A C      1 
ATOM   913  O O      . ILE A 1 61 ? -10.057 0.009   1.753   1.00 10.33 ? 59   ILE A O      1 
ATOM   914  C CB     . ILE A 1 61 ? -7.097  0.490   2.457   1.00 9.30  ? 59   ILE A CB     1 
ATOM   915  C CG1    . ILE A 1 61 ? -5.966  0.745   3.445   1.00 10.59 ? 59   ILE A CG1    1 
ATOM   916  C CG2    . ILE A 1 61 ? -6.668  0.820   1.008   1.00 11.33 ? 59   ILE A CG2    1 
ATOM   917  C CD1    . ILE A 1 61 ? -4.740  -0.137  3.224   1.00 11.73 ? 59   ILE A CD1    1 
ATOM   918  H H      . ILE A 1 61 ? -8.719  0.063   4.305   1.00 12.18 ? 59   ILE A H      1 
ATOM   919  H HA     . ILE A 1 61 ? -8.086  2.259   2.850   1.00 11.83 ? 59   ILE A HA     1 
ATOM   920  H HB     . ILE A 1 61 ? -7.334  -0.449  2.498   1.00 11.16 ? 59   ILE A HB     1 
ATOM   921  H HG12   . ILE A 1 61 ? -5.684  1.670   3.365   1.00 12.70 ? 59   ILE A HG12   1 
ATOM   922  H HG13   . ILE A 1 61 ? -6.293  0.577   4.343   1.00 12.70 ? 59   ILE A HG13   1 
ATOM   923  H HG21   . ILE A 1 61 ? -6.458  1.754   0.949   1.00 13.60 ? 59   ILE A HG21   1 
ATOM   924  H HG22   . ILE A 1 61 ? -5.896  0.295   0.784   1.00 13.60 ? 59   ILE A HG22   1 
ATOM   925  H HG23   . ILE A 1 61 ? -7.391  0.609   0.412   1.00 13.60 ? 59   ILE A HG23   1 
ATOM   926  H HD11   . ILE A 1 61 ? -4.394  0.025   2.343   1.00 14.08 ? 59   ILE A HD11   1 
ATOM   927  H HD12   . ILE A 1 61 ? -4.074  0.082   3.881   1.00 14.08 ? 59   ILE A HD12   1 
ATOM   928  H HD13   . ILE A 1 61 ? -4.997  -1.057  3.311   1.00 14.08 ? 59   ILE A HD13   1 
ATOM   929  N N      . SER A 1 62 ? -9.610  2.050   0.907   1.00 9.99  ? 60   SER A N      1 
ATOM   930  C CA     . SER A 1 62 ? -10.398 1.795   -0.316  1.00 9.84  ? 60   SER A CA     1 
ATOM   931  C C      . SER A 1 62 ? -9.575  1.316   -1.498  1.00 11.01 ? 60   SER A C      1 
ATOM   932  O O      . SER A 1 62 ? -9.907  0.292   -2.084  1.00 12.15 ? 60   SER A O      1 
ATOM   933  C CB     . SER A 1 62 ? -11.245 3.015   -0.743  1.00 14.95 ? 60   SER A CB     1 
ATOM   934  O OG     . SER A 1 62 ? -10.450 4.097   -1.137  1.00 16.39 ? 60   SER A OG     1 
ATOM   935  H H      . SER A 1 62 ? -9.307  2.851   0.984   1.00 11.99 ? 60   SER A H      1 
ATOM   936  H HA     . SER A 1 62 ? -11.031 1.075   -0.110  1.00 11.81 ? 60   SER A HA     1 
ATOM   937  H HB2    . SER A 1 62 ? -11.810 2.757   -1.488  1.00 17.94 ? 60   SER A HB2    1 
ATOM   938  H HB3    . SER A 1 62 ? -11.796 3.291   0.006   1.00 17.94 ? 60   SER A HB3    1 
ATOM   939  H HG     . SER A 1 62 ? -9.656  3.899   -1.074  1.00 19.67 ? 60   SER A HG     1 
ATOM   940  N N      . THR A 1 63 ? -8.481  2.024   -1.803  1.00 10.65 ? 61   THR A N      1 
ATOM   941  C CA     . THR A 1 63 ? -7.636  1.686   -2.947  1.00 9.77  ? 61   THR A CA     1 
ATOM   942  C C      . THR A 1 63 ? -6.172  1.932   -2.681  1.00 12.71 ? 61   THR A C      1 
ATOM   943  O O      . THR A 1 63 ? -5.789  2.800   -1.897  1.00 13.40 ? 61   THR A O      1 
ATOM   944  C CB     . THR A 1 63 ? -8.006  2.460   -4.205  1.00 16.55 ? 61   THR A CB     1 
ATOM   945  O OG1    . THR A 1 63 ? -7.691  3.829   -4.004  1.00 18.31 ? 61   THR A OG1    1 
ATOM   946  C CG2    . THR A 1 63 ? -9.470  2.308   -4.537  1.00 15.04 ? 61   THR A CG2    1 
ATOM   947  H H      . THR A 1 63 ? -8.209  2.709   -1.360  1.00 12.78 ? 61   THR A H      1 
ATOM   948  H HA     . THR A 1 63 ? -7.745  0.732   -3.142  1.00 11.73 ? 61   THR A HA     1 
ATOM   949  H HB     . THR A 1 63 ? -7.489  2.120   -4.952  1.00 19.86 ? 61   THR A HB     1 
ATOM   950  H HG1    . THR A 1 63 ? -7.884  4.262   -4.672  1.00 21.98 ? 61   THR A HG1    1 
ATOM   951  H HG21   . THR A 1 63 ? -10.007 2.639   -3.814  1.00 18.04 ? 61   THR A HG21   1 
ATOM   952  H HG22   . THR A 1 63 ? -9.680  2.804   -5.332  1.00 18.04 ? 61   THR A HG22   1 
ATOM   953  H HG23   . THR A 1 63 ? -9.679  1.382   -4.683  1.00 18.04 ? 61   THR A HG23   1 
ATOM   954  N N      . VAL A 1 64 ? -5.357  1.179   -3.401  1.00 11.56 ? 62   VAL A N      1 
ATOM   955  C CA     . VAL A 1 64 ? -3.915  1.352   -3.419  1.00 11.24 ? 62   VAL A CA     1 
ATOM   956  C C      . VAL A 1 64 ? -3.569  1.647   -4.884  1.00 11.66 ? 62   VAL A C      1 
ATOM   957  O O      . VAL A 1 64 ? -3.882  0.877   -5.771  1.00 13.25 ? 62   VAL A O      1 
ATOM   958  C CB     . VAL A 1 64 ? -3.194  0.097   -2.904  1.00 11.85 ? 62   VAL A CB     1 
ATOM   959  C CG1    . VAL A 1 64 ? -1.633  0.290   -3.026  1.00 13.70 ? 62   VAL A CG1    1 
ATOM   960  C CG2    . VAL A 1 64 ? -3.609  -0.207  -1.481  1.00 13.28 ? 62   VAL A CG2    1 
ATOM   961  H H      . VAL A 1 64 ? -5.628  0.537   -3.905  1.00 13.87 ? 62   VAL A H      1 
ATOM   962  H HA     . VAL A 1 64 ? -3.659  2.120   -2.868  1.00 13.49 ? 62   VAL A HA     1 
ATOM   963  H HB     . VAL A 1 64 ? -3.447  -0.668  -3.461  1.00 14.22 ? 62   VAL A HB     1 
ATOM   964  H HG11   . VAL A 1 64 ? -1.371  1.050   -2.501  1.00 16.44 ? 62   VAL A HG11   1 
ATOM   965  H HG12   . VAL A 1 64 ? -1.195  -0.499  -2.701  1.00 16.44 ? 62   VAL A HG12   1 
ATOM   966  H HG13   . VAL A 1 64 ? -1.408  0.434   -3.948  1.00 16.44 ? 62   VAL A HG13   1 
ATOM   967  H HG21   . VAL A 1 64 ? -4.557  -0.356  -1.458  1.00 15.93 ? 62   VAL A HG21   1 
ATOM   968  H HG22   . VAL A 1 64 ? -3.146  -0.993  -1.182  1.00 15.93 ? 62   VAL A HG22   1 
ATOM   969  H HG23   . VAL A 1 64 ? -3.381  0.541   -0.923  1.00 15.93 ? 62   VAL A HG23   1 
ATOM   970  N N      . VAL A 1 65 ? -2.949  2.794   -5.124  1.00 13.27 ? 63   VAL A N      1 
ATOM   971  C CA     . VAL A 1 65 ? -2.709  3.272   -6.485  1.00 13.52 ? 63   VAL A CA     1 
ATOM   972  C C      . VAL A 1 65 ? -1.215  3.577   -6.659  1.00 14.29 ? 63   VAL A C      1 
ATOM   973  O O      . VAL A 1 65 ? -0.680  4.473   -6.010  1.00 14.90 ? 63   VAL A O      1 
ATOM   974  C CB     . VAL A 1 65 ? -3.486  4.559   -6.769  1.00 15.00 ? 63   VAL A CB     1 
ATOM   975  C CG1    . VAL A 1 65 ? -3.316  4.951   -8.213  1.00 18.03 ? 63   VAL A CG1    1 
ATOM   976  C CG2    . VAL A 1 65 ? -4.972  4.375   -6.441  1.00 18.88 ? 63   VAL A CG2    1 
ATOM   977  H H      . VAL A 1 65 ? -2.652  3.321   -4.512  1.00 15.93 ? 63   VAL A H      1 
ATOM   978  H HA     . VAL A 1 65 ? -2.974  2.588   -7.133  1.00 16.23 ? 63   VAL A HA     1 
ATOM   979  H HB     . VAL A 1 65 ? -3.133  5.282   -6.210  1.00 18.00 ? 63   VAL A HB     1 
ATOM   980  H HG11   . VAL A 1 65 ? -3.651  4.244   -8.770  1.00 21.63 ? 63   VAL A HG11   1 
ATOM   981  H HG12   . VAL A 1 65 ? -3.809  5.759   -8.377  1.00 21.63 ? 63   VAL A HG12   1 
ATOM   982  H HG13   . VAL A 1 65 ? -2.383  5.093   -8.389  1.00 21.63 ? 63   VAL A HG13   1 
ATOM   983  H HG21   . VAL A 1 65 ? -5.061  4.152   -5.511  1.00 22.66 ? 63   VAL A HG21   1 
ATOM   984  H HG22   . VAL A 1 65 ? -5.436  5.194   -6.628  1.00 22.66 ? 63   VAL A HG22   1 
ATOM   985  H HG23   . VAL A 1 65 ? -5.326  3.666   -6.983  1.00 22.66 ? 63   VAL A HG23   1 
ATOM   986  N N      . PRO A 1 66 ? -0.544  2.829   -7.541  1.00 13.44 ? 64   PRO A N      1 
ATOM   987  C CA     . PRO A 1 66 ? 0.874   3.109   -7.751  1.00 12.53 ? 64   PRO A CA     1 
ATOM   988  C C      . PRO A 1 66 ? 1.052   4.427   -8.497  1.00 14.34 ? 64   PRO A C      1 
ATOM   989  O O      . PRO A 1 66 ? 0.248   4.816   -9.317  1.00 15.09 ? 64   PRO A O      1 
ATOM   990  C CB     . PRO A 1 66 ? 1.370   1.911   -8.572  1.00 17.22 ? 64   PRO A CB     1 
ATOM   991  C CG     . PRO A 1 66 ? 0.177   1.273   -9.143  1.00 21.53 ? 64   PRO A CG     1 
ATOM   992  C CD     . PRO A 1 66 ? -1.030  1.667   -8.309  1.00 15.70 ? 64   PRO A CD     1 
ATOM   993  H HA     . PRO A 1 66 ? 1.352   3.145   -6.896  1.00 15.04 ? 64   PRO A HA     1 
ATOM   994  H HB2    . PRO A 1 66 ? 1.957   2.223   -9.277  1.00 20.66 ? 64   PRO A HB2    1 
ATOM   995  H HB3    . PRO A 1 66 ? 1.838   1.292   -7.990  1.00 20.66 ? 64   PRO A HB3    1 
ATOM   996  H HG2    . PRO A 1 66 ? 0.063   1.578   -10.057 1.00 25.83 ? 64   PRO A HG2    1 
ATOM   997  H HG3    . PRO A 1 66 ? 0.294   0.310   -9.126  1.00 25.83 ? 64   PRO A HG3    1 
ATOM   998  H HD2    . PRO A 1 66 ? -1.768  1.924   -8.882  1.00 18.84 ? 64   PRO A HD2    1 
ATOM   999  H HD3    . PRO A 1 66 ? -1.277  0.944   -7.711  1.00 18.84 ? 64   PRO A HD3    1 
ATOM   1000 N N      . SER A 1 67 ? 2.185   5.073   -8.274  1.00 13.26 ? 65   SER A N      1 
ATOM   1001 C CA     . SER A 1 67 ? 2.441   6.351   -8.946  1.00 15.47 ? 65   SER A CA     1 
ATOM   1002 C C      . SER A 1 67 ? 2.902   6.158   -10.396 1.00 16.75 ? 65   SER A C      1 
ATOM   1003 O O      . SER A 1 67 ? 2.938   7.120   -11.169 1.00 19.35 ? 65   SER A O      1 
ATOM   1004 C CB     . SER A 1 67 ? 3.508   7.127   -8.201  1.00 16.56 ? 65   SER A CB     1 
ATOM   1005 O OG     . SER A 1 67 ? 4.692   6.373   -8.105  1.00 18.36 ? 65   SER A OG     1 
ATOM   1006 H H      . SER A 1 67 ? 2.814   4.806   -7.752  1.00 15.91 ? 65   SER A H      1 
ATOM   1007 H HA     . SER A 1 67 ? 1.619   6.885   -8.953  1.00 18.57 ? 65   SER A HA     1 
ATOM   1008 H HB2    . SER A 1 67 ? 3.695   7.949   -8.680  1.00 19.87 ? 65   SER A HB2    1 
ATOM   1009 H HB3    . SER A 1 67 ? 3.187   7.327   -7.308  1.00 19.87 ? 65   SER A HB3    1 
ATOM   1010 H HG     . SER A 1 67 ? 4.593   5.646   -8.472  1.00 22.03 ? 65   SER A HG     1 
ATOM   1011 N N      . ARG A 1 68 ? 3.276   4.926   -10.739 1.00 14.33 ? 66   ARG A N      1 
ATOM   1012 C CA     . ARG A 1 68 ? 3.627   4.546   -12.116 1.00 16.48 ? 66   ARG A CA     1 
ATOM   1013 C C      . ARG A 1 68 ? 3.290   3.080   -12.294 1.00 17.71 ? 66   ARG A C      1 
ATOM   1014 O O      . ARG A 1 68 ? 3.154   2.340   -11.316 1.00 16.00 ? 66   ARG A O      1 
ATOM   1015 C CB     . ARG A 1 68 ? 5.110   4.745   -12.389 1.00 21.26 ? 66   ARG A CB     1 
ATOM   1016 C CG     . ARG A 1 68 ? 6.001   3.968   -11.441 1.00 25.86 ? 66   ARG A CG     1 
ATOM   1017 C CD     . ARG A 1 68 ? 7.042   3.233   -12.170 1.00 29.34 ? 66   ARG A CD     1 
ATOM   1018 N NE     . ARG A 1 68 ? 8.065   2.641   -11.325 1.00 26.40 ? 66   ARG A NE     1 
ATOM   1019 C CZ     . ARG A 1 68 ? 8.367   1.343   -11.300 1.00 23.25 ? 66   ARG A CZ     1 
ATOM   1020 N NH1    . ARG A 1 68 ? 7.723   0.456   -12.065 1.00 26.05 ? 66   ARG A NH1    1 
ATOM   1021 N NH2    . ARG A 1 68 ? 9.360   0.933   -10.547 1.00 29.75 ? 66   ARG A NH2    1 
ATOM   1022 H H      . ARG A 1 68 ? 3.336   4.275   -10.181 1.00 17.20 ? 66   ARG A H      1 
ATOM   1023 H HA     . ARG A 1 68 ? 3.108   5.076   -12.757 1.00 19.78 ? 66   ARG A HA     1 
ATOM   1024 H HB2    . ARG A 1 68 ? 5.306   4.449   -13.292 1.00 25.51 ? 66   ARG A HB2    1 
ATOM   1025 H HB3    . ARG A 1 68 ? 5.324   5.686   -12.295 1.00 25.51 ? 66   ARG A HB3    1 
ATOM   1026 H HG2    . ARG A 1 68 ? 6.433   4.584   -10.829 1.00 31.04 ? 66   ARG A HG2    1 
ATOM   1027 H HG3    . ARG A 1 68 ? 5.464   3.327   -10.949 1.00 31.04 ? 66   ARG A HG3    1 
ATOM   1028 H HD2    . ARG A 1 68 ? 6.623   2.517   -12.671 1.00 35.21 ? 66   ARG A HD2    1 
ATOM   1029 H HD3    . ARG A 1 68 ? 7.483   3.846   -12.780 1.00 35.21 ? 66   ARG A HD3    1 
ATOM   1030 H HE     . ARG A 1 68 ? 8.506   3.164   -10.804 1.00 31.68 ? 66   ARG A HE     1 
ATOM   1031 H HH11   . ARG A 1 68 ? 7.085   0.716   -12.581 1.00 31.26 ? 66   ARG A HH11   1 
ATOM   1032 H HH12   . ARG A 1 68 ? 7.936   -0.377  -12.031 1.00 31.26 ? 66   ARG A HH12   1 
ATOM   1033 H HH21   . ARG A 1 68 ? 9.778   1.493   -10.046 1.00 35.70 ? 66   ARG A HH21   1 
ATOM   1034 H HH22   . ARG A 1 68 ? 9.553   0.095   -10.508 1.00 35.70 ? 66   ARG A HH22   1 
ATOM   1035 N N      . PRO A 1 69 ? 3.118   2.647   -13.548 1.00 18.25 ? 67   PRO A N      1 
ATOM   1036 C CA     . PRO A 1 69 ? 2.821   1.236   -13.766 1.00 17.27 ? 67   PRO A CA     1 
ATOM   1037 C C      . PRO A 1 69 ? 3.895   0.327   -13.201 1.00 16.75 ? 67   PRO A C      1 
ATOM   1038 O O      . PRO A 1 69 ? 5.092   0.633   -13.280 1.00 20.42 ? 67   PRO A O      1 
ATOM   1039 C CB     . PRO A 1 69 ? 2.768   1.124   -15.313 1.00 17.73 ? 67   PRO A CB     1 
ATOM   1040 C CG     . PRO A 1 69 ? 2.395   2.489   -15.753 1.00 19.03 ? 67   PRO A CG     1 
ATOM   1041 C CD     . PRO A 1 69 ? 3.134   3.398   -14.821 1.00 20.97 ? 67   PRO A CD     1 
ATOM   1042 H HA     . PRO A 1 69 ? 1.950   0.999   -13.384 1.00 20.72 ? 67   PRO A HA     1 
ATOM   1043 H HB2    . PRO A 1 69 ? 3.640   0.874   -15.658 1.00 21.28 ? 67   PRO A HB2    1 
ATOM   1044 H HB3    . PRO A 1 69 ? 2.093   0.478   -15.576 1.00 21.28 ? 67   PRO A HB3    1 
ATOM   1045 H HG2    . PRO A 1 69 ? 2.679   2.629   -16.669 1.00 22.84 ? 67   PRO A HG2    1 
ATOM   1046 H HG3    . PRO A 1 69 ? 1.437   2.612   -15.665 1.00 22.84 ? 67   PRO A HG3    1 
ATOM   1047 H HD2    . PRO A 1 69 ? 4.046   3.530   -15.127 1.00 25.16 ? 67   PRO A HD2    1 
ATOM   1048 H HD3    . PRO A 1 69 ? 2.664   4.241   -14.725 1.00 25.16 ? 67   PRO A HD3    1 
ATOM   1049 N N      . VAL A 1 70 ? 3.466   -0.822  -12.703 1.00 18.48 ? 68   VAL A N      1 
ATOM   1050 C CA     . VAL A 1 70 ? 4.389   -1.823  -12.187 1.00 19.36 ? 68   VAL A CA     1 
ATOM   1051 C C      . VAL A 1 70 ? 4.083   -3.220  -12.699 1.00 18.30 ? 68   VAL A C      1 
ATOM   1052 O O      . VAL A 1 70 ? 2.930   -3.573  -12.931 1.00 20.49 ? 68   VAL A O      1 
ATOM   1053 C CB     . VAL A 1 70 ? 4.410   -1.821  -10.623 1.00 25.05 ? 68   VAL A CB     1 
ATOM   1054 C CG1    . VAL A 1 70 ? 4.555   -0.399  -10.121 1.00 35.28 ? 68   VAL A CG1    1 
ATOM   1055 C CG2    . VAL A 1 70 ? 3.136   -2.460  -10.051 1.00 33.47 ? 68   VAL A CG2    1 
ATOM   1056 H H      . VAL A 1 70 ? 2.638   -1.051  -12.654 1.00 22.17 ? 68   VAL A H      1 
ATOM   1057 H HA     . VAL A 1 70 ? 5.292   -1.593  -12.490 1.00 23.23 ? 68   VAL A HA     1 
ATOM   1058 H HB     . VAL A 1 70 ? 5.181   -2.337  -10.309 1.00 30.06 ? 68   VAL A HB     1 
ATOM   1059 H HG11   . VAL A 1 70 ? 3.811   0.120   -10.435 1.00 42.33 ? 68   VAL A HG11   1 
ATOM   1060 H HG12   . VAL A 1 70 ? 4.566   -0.407  -9.160  1.00 42.33 ? 68   VAL A HG12   1 
ATOM   1061 H HG13   . VAL A 1 70 ? 5.375   -0.031  -10.456 1.00 42.33 ? 68   VAL A HG13   1 
ATOM   1062 H HG21   . VAL A 1 70 ? 3.076   -3.367  -10.359 1.00 40.16 ? 68   VAL A HG21   1 
ATOM   1063 H HG22   . VAL A 1 70 ? 3.182   -2.443  -9.092  1.00 40.16 ? 68   VAL A HG22   1 
ATOM   1064 H HG23   . VAL A 1 70 ? 2.373   -1.961  -10.351 1.00 40.16 ? 68   VAL A HG23   1 
ATOM   1065 N N      . SER A 1 71 ? 5.128   -4.000  -12.913 1.00 21.24 ? 69   SER A N      1 
ATOM   1066 C CA     . SER A 1 71 ? 4.971   -5.379  -13.326 1.00 21.15 ? 69   SER A CA     1 
ATOM   1067 C C      . SER A 1 71 ? 4.170   -6.182  -12.316 1.00 23.35 ? 69   SER A C      1 
ATOM   1068 O O      . SER A 1 71 ? 4.464   -6.188  -11.122 1.00 26.99 ? 69   SER A O      1 
ATOM   1069 C CB     . SER A 1 71 ? 6.335   -6.011  -13.542 1.00 25.59 ? 69   SER A CB     1 
ATOM   1070 O OG     . SER A 1 71 ? 6.192   -7.399  -13.730 1.00 32.08 ? 69   SER A OG     1 
ATOM   1071 H H      . SER A 1 71 ? 5.945   -3.750  -12.824 1.00 25.49 ? 69   SER A H      1 
ATOM   1072 H HA     . SER A 1 71 ? 4.490   -5.402  -14.179 1.00 25.38 ? 69   SER A HA     1 
ATOM   1073 H HB2    . SER A 1 71 ? 6.745   -5.623  -14.330 1.00 30.70 ? 69   SER A HB2    1 
ATOM   1074 H HB3    . SER A 1 71 ? 6.888   -5.849  -12.761 1.00 30.70 ? 69   SER A HB3    1 
ATOM   1075 H HG     . SER A 1 71 ? 6.926   -7.743  -13.847 1.00 38.49 ? 69   SER A HG     1 
ATOM   1076 N N      . HIS A 1 72 ? 3.143   -6.847  -12.825 1.00 26.95 ? 70   HIS A N      1 
ATOM   1077 C CA     . HIS A 1 72 ? 2.356   -7.774  -12.057 1.00 30.88 ? 70   HIS A CA     1 
ATOM   1078 C C      . HIS A 1 72 ? 1.556   -8.604  -13.064 1.00 30.44 ? 70   HIS A C      1 
ATOM   1079 O O      . HIS A 1 72 ? 1.091   -9.707  -12.747 1.00 46.12 ? 70   HIS A O      1 
ATOM   1080 C CB     . HIS A 1 72 ? 1.455   -7.022  -11.061 1.00 27.98 ? 70   HIS A CB     1 
ATOM   1081 C CG     . HIS A 1 72 ? 0.355   -6.240  -11.708 1.00 24.66 ? 70   HIS A CG     1 
ATOM   1082 N ND1    . HIS A 1 72 ? 0.543   -4.981  -12.240 1.00 22.36 ? 70   HIS A ND1    1 
ATOM   1083 C CD2    . HIS A 1 72 ? -0.954  -6.536  -11.887 1.00 23.64 ? 70   HIS A CD2    1 
ATOM   1084 C CE1    . HIS A 1 72 ? -0.600  -4.546  -12.743 1.00 22.15 ? 70   HIS A CE1    1 
ATOM   1085 N NE2    . HIS A 1 72 ? -1.523  -5.464  -12.533 1.00 25.31 ? 70   HIS A NE2    1 
ATOM   1086 H H      . HIS A 1 72 ? 2.881   -6.770  -13.641 1.00 32.34 ? 70   HIS A H      1 
ATOM   1087 H HA     . HIS A 1 72 ? 2.948   -8.372  -11.554 1.00 37.06 ? 70   HIS A HA     1 
ATOM   1088 H HB2    . HIS A 1 72 ? 1.047   -7.665  -10.461 1.00 33.58 ? 70   HIS A HB2    1 
ATOM   1089 H HB3    . HIS A 1 72 ? 2.001   -6.400  -10.553 1.00 33.58 ? 70   HIS A HB3    1 
ATOM   1090 H HD1    . HIS A 1 72 ? 1.290   -4.555  -12.260 1.00 26.83 ? 70   HIS A HD1    1 
ATOM   1091 H HD2    . HIS A 1 72 ? -1.385  -7.319  -11.629 1.00 28.37 ? 70   HIS A HD2    1 
ATOM   1092 H HE1    . HIS A 1 72 ? -0.734  -3.724  -13.156 1.00 26.58 ? 70   HIS A HE1    1 
ATOM   1093 H HE2    . HIS A 1 72 ? -2.348  -5.404  -12.768 1.00 30.37 ? 70   HIS A HE2    1 
HETATM 1094 S S      . SCN B 2 .  ? -1.868  -8.507  16.529  1.00 19.02 ? 1071 SCN A S      1 
HETATM 1095 C C      . SCN B 2 .  ? -2.930  -9.622  15.651  1.00 22.59 ? 1071 SCN A C      1 
HETATM 1096 N N      . SCN B 2 .  ? -3.667  -10.326 15.061  1.00 22.50 ? 1071 SCN A N      1 
HETATM 1097 S S      . SCN C 2 .  ? 8.807   3.248   12.657  1.00 25.30 ? 1072 SCN A S      1 
HETATM 1098 C C      . SCN C 2 .  ? 10.083  3.711   11.461  1.00 25.41 ? 1072 SCN A C      1 
HETATM 1099 N N      . SCN C 2 .  ? 10.909  4.034   10.674  1.00 34.70 ? 1072 SCN A N      1 
HETATM 1100 P P      . U   D 3 .  ? -13.898 -7.902  12.831  0.84 24.91 ? 1073 U   A P      1 
HETATM 1101 O OP1    . U   D 3 .  ? -14.104 -9.306  12.597  0.84 24.39 ? 1073 U   A OP1    1 
HETATM 1102 O OP2    . U   D 3 .  ? -14.496 -6.920  11.924  0.84 26.94 ? 1073 U   A OP2    1 
HETATM 1103 O "O5'"  . U   D 3 .  ? -12.339 -7.643  13.000  1.00 25.51 ? 1073 U   A "O5'"  1 
HETATM 1104 C "C5'"  . U   D 3 .  ? -11.829 -6.354  12.920  1.00 29.35 ? 1073 U   A "C5'"  1 
HETATM 1105 C "C4'"  . U   D 3 .  ? -10.403 -6.356  12.454  1.00 19.30 ? 1073 U   A "C4'"  1 
HETATM 1106 O "O4'"  . U   D 3 .  ? -9.540  -6.968  13.440  1.00 17.80 ? 1073 U   A "O4'"  1 
HETATM 1107 C "C3'"  . U   D 3 .  ? -10.053 -7.140  11.206  1.00 18.27 ? 1073 U   A "C3'"  1 
HETATM 1108 O "O3'"  . U   D 3 .  ? -10.574 -6.583  9.982   1.00 23.87 ? 1073 U   A "O3'"  1 
HETATM 1109 C "C2'"  . U   D 3 .  ? -8.530  -7.131  11.295  1.00 19.55 ? 1073 U   A "C2'"  1 
HETATM 1110 O "O2'"  . U   D 3 .  ? -8.022  -5.867  10.872  1.00 25.41 ? 1073 U   A "O2'"  1 
HETATM 1111 C "C1'"  . U   D 3 .  ? -8.320  -7.283  12.829  1.00 16.00 ? 1073 U   A "C1'"  1 
HETATM 1112 N N1     . U   D 3 .  ? -7.924  -8.665  13.201  1.00 16.12 ? 1073 U   A N1     1 
HETATM 1113 C C2     . U   D 3 .  ? -6.597  -8.880  13.535  1.00 18.86 ? 1073 U   A C2     1 
HETATM 1114 O O2     . U   D 3 .  ? -5.835  -7.953  13.646  1.00 19.52 ? 1073 U   A O2     1 
HETATM 1115 N N3     . U   D 3 .  ? -6.249  -10.172 13.786  1.00 18.60 ? 1073 U   A N3     1 
HETATM 1116 C C4     . U   D 3 .  ? -7.043  -11.276 13.695  1.00 16.80 ? 1073 U   A C4     1 
HETATM 1117 O O4     . U   D 3 .  ? -6.547  -12.383 13.914  1.00 20.40 ? 1073 U   A O4     1 
HETATM 1118 C C5     . U   D 3 .  ? -8.388  -10.987 13.304  1.00 16.99 ? 1073 U   A C5     1 
HETATM 1119 C C6     . U   D 3 .  ? -8.776  -9.734  13.070  1.00 17.23 ? 1073 U   A C6     1 
HETATM 1120 H "H5'"  . U   D 3 .  ? -11.876 -5.935  13.805  1.00 35.22 ? 1073 U   A "H5'"  1 
HETATM 1121 H "H5''" . U   D 3 .  ? -12.372 -5.833  12.291  1.00 35.22 ? 1073 U   A "H5''" 1 
HETATM 1122 H "H4'"  . U   D 3 .  ? -10.120 -5.426  12.326  1.00 23.16 ? 1073 U   A "H4'"  1 
HETATM 1123 H "H3'"  . U   D 3 .  ? -10.375 -8.060  11.303  1.00 21.92 ? 1073 U   A "H3'"  1 
HETATM 1124 H "H2'"  . U   D 3 .  ? -8.131  -7.874  10.798  1.00 23.46 ? 1073 U   A "H2'"  1 
HETATM 1125 H "HO2'" . U   D 3 .  ? -7.660  -5.392  11.649  1.00 30.49 ? 1073 U   A "HO2'" 1 
HETATM 1126 H "H1'"  . U   D 3 .  ? -7.631  -6.653  13.130  1.00 19.19 ? 1073 U   A "H1'"  1 
HETATM 1127 H H3     . U   D 3 .  ? -5.317  -10.328 14.045  1.00 22.32 ? 1073 U   A H3     1 
HETATM 1128 H H5     . U   D 3 .  ? -9.033  -11.718 13.208  1.00 20.39 ? 1073 U   A H5     1 
HETATM 1129 H H6     . U   D 3 .  ? -9.699  -9.571  12.784  1.00 20.68 ? 1073 U   A H6     1 
HETATM 1130 O O      . HOH E 4 .  ? -1.094  -20.026 -5.424  1.00 36.65 ? 2001 HOH A O      1 
HETATM 1131 O O      . HOH E 4 .  ? -7.997  -14.944 -3.332  1.00 36.13 ? 2002 HOH A O      1 
HETATM 1132 O O      . HOH E 4 .  ? -1.897  -15.065 -0.655  1.00 40.04 ? 2003 HOH A O      1 
HETATM 1133 O O      . HOH E 4 .  ? -1.370  -8.975  -9.051  1.00 27.34 ? 2004 HOH A O      1 
HETATM 1134 O O      . HOH E 4 .  ? 3.612   -12.785 -4.200  1.00 36.72 ? 2005 HOH A O      1 
HETATM 1135 O O      . HOH E 4 .  ? 10.989  1.502   0.287   1.00 29.51 ? 2006 HOH A O      1 
HETATM 1136 O O      . HOH E 4 .  ? 5.076   -9.786  -7.160  1.00 26.40 ? 2007 HOH A O      1 
HETATM 1137 O O      . HOH E 4 .  ? 5.705   9.266   -1.651  1.00 32.38 ? 2008 HOH A O      1 
HETATM 1138 O O      . HOH E 4 .  ? 10.106  9.032   -6.963  1.00 38.39 ? 2009 HOH A O      1 
HETATM 1139 O O      . HOH E 4 .  ? -15.883 14.076  5.424   1.00 34.15 ? 2010 HOH A O      1 
HETATM 1140 O O      . HOH E 4 .  ? 5.961   0.883   -2.445  1.00 16.79 ? 2011 HOH A O      1 
HETATM 1141 O O      . HOH E 4 .  ? 9.347   -0.644  -0.639  1.00 24.50 ? 2012 HOH A O      1 
HETATM 1142 O O      . HOH E 4 .  ? 7.757   7.854   -1.393  1.00 35.01 ? 2013 HOH A O      1 
HETATM 1143 O O      . HOH E 4 .  ? 13.662  -3.604  -3.021  1.00 23.65 ? 2014 HOH A O      1 
HETATM 1144 O O      . HOH E 4 .  ? 5.752   -8.640  -10.383 1.00 37.20 ? 2015 HOH A O      1 
HETATM 1145 O O      . HOH E 4 .  ? 11.544  0.586   -9.052  1.00 34.60 ? 2016 HOH A O      1 
HETATM 1146 O O      . HOH E 4 .  ? 7.761   -2.666  -12.944 1.00 33.41 ? 2017 HOH A O      1 
HETATM 1147 O O      . HOH E 4 .  ? 3.497   8.792   -3.293  1.00 32.26 ? 2018 HOH A O      1 
HETATM 1148 O O      . HOH E 4 .  ? -0.169  7.208   -6.710  1.00 25.18 ? 2019 HOH A O      1 
HETATM 1149 O O      . HOH E 4 .  ? -6.210  12.220  -5.380  1.00 30.77 ? 2020 HOH A O      1 
HETATM 1150 O O      . HOH E 4 .  ? -3.516  8.621   -7.160  1.00 36.81 ? 2021 HOH A O      1 
HETATM 1151 O O      . HOH E 4 .  ? -11.538 6.409   -0.815  1.00 19.40 ? 2022 HOH A O      1 
HETATM 1152 O O      . HOH E 4 .  ? 9.089   6.636   -9.277  1.00 38.01 ? 2023 HOH A O      1 
HETATM 1153 O O      . HOH E 4 .  ? -11.204 4.975   6.653   1.00 28.14 ? 2024 HOH A O      1 
HETATM 1154 O O      . HOH E 4 .  ? -14.102 11.837  7.220   1.00 34.96 ? 2025 HOH A O      1 
HETATM 1155 O O      . HOH E 4 .  ? -3.383  -10.098 -14.548 1.00 42.36 ? 2026 HOH A O      1 
HETATM 1156 O O      . HOH E 4 .  ? -6.073  13.668  2.361   1.00 32.16 ? 2027 HOH A O      1 
HETATM 1157 O O      . HOH E 4 .  ? 1.153   9.899   4.411   1.00 35.01 ? 2028 HOH A O      1 
HETATM 1158 O O      . HOH E 4 .  ? 5.305   10.596  1.077   1.00 39.76 ? 2029 HOH A O      1 
HETATM 1159 O O      . HOH E 4 .  ? 8.817   6.809   1.450   1.00 33.22 ? 2030 HOH A O      1 
HETATM 1160 O O      . HOH E 4 .  ? 6.110   -7.911  3.262   1.00 24.15 ? 2031 HOH A O      1 
HETATM 1161 O O      . HOH E 4 .  ? -1.908  -9.033  10.999  1.00 22.09 ? 2032 HOH A O      1 
HETATM 1162 O O      . HOH E 4 .  ? -5.970  -15.746 10.673  1.00 34.48 ? 2033 HOH A O      1 
HETATM 1163 O O      . HOH E 4 .  ? -2.474  -12.263 10.474  1.00 26.89 ? 2034 HOH A O      1 
HETATM 1164 O O      . HOH E 4 .  ? -7.525  -5.026  8.212   1.00 16.19 ? 2035 HOH A O      1 
HETATM 1165 O O      . HOH E 4 .  ? 14.983  3.268   5.715   1.00 39.89 ? 2036 HOH A O      1 
HETATM 1166 O O      . HOH E 4 .  ? 4.748   9.367   8.750   1.00 40.87 ? 2037 HOH A O      1 
HETATM 1167 O O      . HOH E 4 .  ? -1.843  8.064   9.518   1.00 23.12 ? 2038 HOH A O      1 
HETATM 1168 O O      . HOH E 4 .  ? -14.118 -2.101  5.845   1.00 25.16 ? 2039 HOH A O      1 
HETATM 1169 O O      . HOH E 4 .  ? -13.239 0.662   7.846   1.00 27.64 ? 2040 HOH A O      1 
HETATM 1170 O O      . HOH E 4 .  ? -0.843  7.025   -10.752 1.00 35.16 ? 2041 HOH A O      1 
HETATM 1171 O O      . HOH E 4 .  ? 5.397   8.919   -12.241 1.00 42.60 ? 2042 HOH A O      1 
HETATM 1172 O O      . HOH E 4 .  ? 2.255   9.558   -10.843 1.00 39.14 ? 2043 HOH A O      1 
HETATM 1173 O O      . HOH E 4 .  ? 6.732   7.633   -9.345  1.00 31.66 ? 2044 HOH A O      1 
HETATM 1174 O O      . HOH E 4 .  ? 9.307   4.368   -9.113  1.00 31.91 ? 2045 HOH A O      1 
HETATM 1175 O O      . HOH E 4 .  ? 6.255   0.949   -15.717 1.00 27.54 ? 2046 HOH A O      1 
HETATM 1176 O O      . HOH E 4 .  ? -1.379  -10.566 -12.973 1.00 41.58 ? 2047 HOH A O      1 
HETATM 1177 O O      . HOH E 4 .  ? -15.745 -11.437 13.543  1.00 26.31 ? 2048 HOH A O      1 
HETATM 1178 O O      . HOH E 4 .  ? -16.425 -5.071  12.205  1.00 38.49 ? 2049 HOH A O      1 
HETATM 1179 O O      . HOH E 4 .  ? -3.659  -13.544 12.828  1.00 38.47 ? 2050 HOH A O      1 
# 
loop_
_atom_site_anisotrop.id 
_atom_site_anisotrop.type_symbol 
_atom_site_anisotrop.pdbx_label_atom_id 
_atom_site_anisotrop.pdbx_label_alt_id 
_atom_site_anisotrop.pdbx_label_comp_id 
_atom_site_anisotrop.pdbx_label_asym_id 
_atom_site_anisotrop.pdbx_label_seq_id 
_atom_site_anisotrop.pdbx_PDB_ins_code 
_atom_site_anisotrop.U[1][1] 
_atom_site_anisotrop.U[2][2] 
_atom_site_anisotrop.U[3][3] 
_atom_site_anisotrop.U[1][2] 
_atom_site_anisotrop.U[1][3] 
_atom_site_anisotrop.U[2][3] 
_atom_site_anisotrop.pdbx_auth_seq_id 
_atom_site_anisotrop.pdbx_auth_comp_id 
_atom_site_anisotrop.pdbx_auth_asym_id 
_atom_site_anisotrop.pdbx_auth_atom_id 
1    N N     . GLN A 7  ? 0.5219 0.3442 0.4669 -0.0318 0.0471  -0.1234 5    GLN A N     
2    C CA    . GLN A 7  ? 0.4761 0.3880 0.3959 0.0279  -0.0466 0.0516  5    GLN A CA    
3    C C     . GLN A 7  ? 0.4277 0.3334 0.3864 -0.0279 -0.0310 -0.0062 5    GLN A C     
4    O O     . GLN A 7  ? 0.3765 0.4032 0.6047 -0.0820 0.0130  0.0490  5    GLN A O     
5    C CB    . GLN A 7  ? 0.5881 0.3661 0.3859 -0.0728 -0.0536 -0.0441 5    GLN A CB    
6    C CG    . GLN A 7  ? 0.4858 0.3178 0.4171 0.0016  -0.0504 0.0062  5    GLN A CG    
7    C CD    . GLN A 7  ? 0.3767 0.2497 0.3642 -0.0254 0.0210  -0.1354 5    GLN A CD    
8    O OE1   . GLN A 7  ? 0.4034 0.1898 0.5153 0.0432  0.0489  0.0458  5    GLN A OE1   
9    N NE2   . GLN A 7  ? 0.3290 0.2119 0.4101 -0.0372 0.0294  -0.1016 5    GLN A NE2   
17   N N     . SER A 8  ? 0.2463 0.2607 0.4024 -0.0450 -0.0406 0.0673  6    SER A N     
18   C CA    . SER A 8  ? 0.1967 0.1735 0.4206 -0.0307 -0.0015 0.0922  6    SER A CA    
19   C C     . SER A 8  ? 0.1309 0.2438 0.3234 -0.0274 -0.0282 0.0334  6    SER A C     
20   O O     . SER A 8  ? 0.1634 0.2276 0.4181 0.0154  0.0179  0.0167  6    SER A O     
21   C CB    . SER A 8  ? 0.3619 0.2498 0.3274 -0.1099 -0.0828 0.0417  6    SER A CB    
22   O OG    . SER A 8  ? 0.2032 0.2946 0.2884 -0.1108 -0.0529 0.0658  6    SER A OG    
28   N N     . LEU A 9  ? 0.1895 0.1887 0.2226 -0.0172 -0.0200 0.0053  7    LEU A N     
29   C CA    . LEU A 9  ? 0.1895 0.2307 0.1567 -0.0226 0.0045  -0.0048 7    LEU A CA    
30   C C     . LEU A 9  ? 0.1640 0.2426 0.1509 -0.0473 0.0062  -0.0066 7    LEU A C     
31   O O     . LEU A 9  ? 0.1745 0.1916 0.1479 -0.0301 0.0135  -0.0107 7    LEU A O     
32   C CB    . LEU A 9  ? 0.2850 0.3274 0.1922 -0.0876 -0.0349 -0.0227 7    LEU A CB    
33   C CG    . LEU A 9  ? 0.3163 0.4087 0.2736 -0.0255 -0.0183 -0.0317 7    LEU A CG    
34   C CD1   . LEU A 9  ? 0.4117 0.4277 0.4554 -0.0097 0.0252  0.0662  7    LEU A CD1   
35   C CD2   . LEU A 9  ? 0.4687 0.4149 0.2992 -0.0490 -0.0456 -0.1027 7    LEU A CD2   
47   N N     . GLN A 10 ? 0.1239 0.1926 0.1316 -0.0042 -0.0110 0.0032  8    GLN A N     
48   C CA    . GLN A 10 ? 0.1103 0.2008 0.1203 -0.0205 -0.0005 -0.0157 8    GLN A CA    
49   C C     . GLN A 10 ? 0.1371 0.1316 0.1474 -0.0274 0.0210  -0.0252 8    GLN A C     
50   O O     . GLN A 10 ? 0.1182 0.2097 0.1592 -0.0267 0.0165  -0.0238 8    GLN A O     
51   C CB    . GLN A 10 ? 0.1051 0.1856 0.1342 -0.0078 -0.0014 0.0009  8    GLN A CB    
52   C CG    . GLN A 10 ? 0.1815 0.1700 0.1097 0.0242  -0.0063 0.0009  8    GLN A CG    
53   C CD    . GLN A 10 ? 0.1548 0.1846 0.1099 0.0028  -0.0162 -0.0067 8    GLN A CD    
54   O OE1   . GLN A 10 ? 0.1707 0.2154 0.1129 0.0022  -0.0116 -0.0062 8    GLN A OE1   
55   N NE2   . GLN A 10 ? 0.1718 0.2192 0.1207 -0.0298 -0.0090 -0.0229 8    GLN A NE2   
64   N N     . ASP A 11 ? 0.1282 0.1326 0.1778 0.0007  -0.0094 -0.0074 9    ASP A N     
65   C CA    . ASP A 11 ? 0.1466 0.2108 0.1815 -0.0105 -0.0237 0.0207  9    ASP A CA    
66   C C     . ASP A 11 ? 0.1446 0.1911 0.1535 -0.0020 0.0026  0.0194  9    ASP A C     
67   O O     . ASP A 11 ? 0.1302 0.1960 0.1891 -0.0099 -0.0122 -0.0093 9    ASP A O     
68   C CB    . ASP A 11 ? 0.1849 0.1904 0.1873 0.0325  -0.0581 -0.0082 9    ASP A CB    
69   C CG    . ASP A 11 ? 0.2962 0.3875 0.1838 0.1164  -0.0859 -0.0400 9    ASP A CG    
70   O OD1   . ASP A 11 ? 0.3371 0.4501 0.3566 0.0845  -0.1083 -0.1285 9    ASP A OD1   
71   O OD2   . ASP A 11 ? 0.3663 0.6178 0.3590 0.1994  -0.1131 -0.1435 9    ASP A OD2   
76   N N     . PRO A 12 ? 0.1287 0.2394 0.1419 0.0126  0.0176  -0.0091 10   PRO A N     
77   C CA    . PRO A 12 ? 0.1983 0.1853 0.1632 0.0696  0.0027  -0.0340 10   PRO A CA    
78   C C     . PRO A 12 ? 0.0883 0.2585 0.1675 0.0735  0.0040  -0.0303 10   PRO A C     
79   O O     . PRO A 12 ? 0.1092 0.2498 0.1994 0.0321  0.0065  -0.0366 10   PRO A O     
80   C CB    . PRO A 12 ? 0.2581 0.2479 0.2185 0.0111  0.0397  -0.0194 10   PRO A CB    
81   C CG    . PRO A 12 ? 0.2094 0.2604 0.3121 -0.0458 0.0726  -0.0881 10   PRO A CG    
82   C CD    . PRO A 12 ? 0.1732 0.2203 0.2043 0.0126  -0.0023 0.0031  10   PRO A CD    
90   N N     . PHE A 13 ? 0.1451 0.1759 0.1515 -0.0028 0.0082  -0.0192 11   PHE A N     
91   C CA    . PHE A 13 ? 0.1183 0.1706 0.1378 0.0017  -0.0046 -0.0176 11   PHE A CA    
92   C C     . PHE A 13 ? 0.1421 0.1706 0.1043 -0.0098 0.0009  -0.0010 11   PHE A C     
93   O O     . PHE A 13 ? 0.1471 0.1966 0.1517 -0.0288 -0.0156 -0.0010 11   PHE A O     
94   C CB    . PHE A 13 ? 0.1310 0.1947 0.1712 -0.0194 -0.0132 0.0040  11   PHE A CB    
95   C CG    . PHE A 13 ? 0.1446 0.1805 0.1693 -0.0225 -0.0113 0.0406  11   PHE A CG    
96   C CD1   . PHE A 13 ? 0.2288 0.2269 0.1775 0.0453  -0.0351 0.0000  11   PHE A CD1   
97   C CD2   . PHE A 13 ? 0.1377 0.1479 0.3258 -0.0237 0.0145  0.0199  11   PHE A CD2   
98   C CE1   . PHE A 13 ? 0.2335 0.2287 0.2508 0.0415  -0.0044 0.0584  11   PHE A CE1   
99   C CE2   . PHE A 13 ? 0.1187 0.2037 0.2695 -0.0273 0.0031  0.0130  11   PHE A CE2   
100  C CZ    . PHE A 13 ? 0.1987 0.2276 0.2531 0.0021  -0.0090 0.0334  11   PHE A CZ    
110  N N     . LEU A 14 ? 0.1344 0.1770 0.1125 0.0055  0.0120  -0.0108 12   LEU A N     
111  C CA    . LEU A 14 ? 0.1289 0.1922 0.1212 -0.0023 0.0053  -0.0144 12   LEU A CA    
112  C C     . LEU A 14 ? 0.1340 0.1753 0.1285 -0.0276 0.0147  -0.0078 12   LEU A C     
113  O O     . LEU A 14 ? 0.1279 0.1899 0.1468 -0.0355 0.0213  -0.0120 12   LEU A O     
114  C CB    . LEU A 14 ? 0.1464 0.1592 0.1488 -0.0017 -0.0010 -0.0329 12   LEU A CB    
115  C CG    . LEU A 14 ? 0.1130 0.1621 0.1689 -0.0106 0.0138  -0.0331 12   LEU A CG    
116  C CD1   . LEU A 14 ? 0.1553 0.1949 0.1430 -0.0160 0.0181  -0.0274 12   LEU A CD1   
117  C CD2   . LEU A 14 ? 0.1548 0.1699 0.2470 -0.0219 0.0415  -0.0304 12   LEU A CD2   
129  N N     . ASN A 15 ? 0.1217 0.2082 0.1196 -0.0087 0.0005  -0.0165 13   ASN A N     
130  C CA    . ASN A 15 ? 0.1130 0.1814 0.1725 -0.0058 0.0191  -0.0144 13   ASN A CA    
131  C C     . ASN A 15 ? 0.1456 0.2314 0.1181 -0.0128 0.0164  -0.0210 13   ASN A C     
132  O O     . ASN A 15 ? 0.1235 0.2299 0.1895 -0.0199 0.0254  -0.0179 13   ASN A O     
133  C CB    . ASN A 15 ? 0.1573 0.2083 0.2108 0.0219  -0.0056 0.0020  13   ASN A CB    
134  C CG    . ASN A 15 ? 0.2852 0.4036 0.2520 -0.0309 0.0000  0.0056  13   ASN A CG    
135  O OD1   . ASN A 15 ? 0.3303 0.4152 0.3917 0.0039  -0.1266 0.0755  13   ASN A OD1   
136  N ND2   . ASN A 15 ? 0.4121 0.4718 0.5145 0.0356  0.0228  -0.0205 13   ASN A ND2   
143  N N     . ALA A 16 ? 0.1550 0.2089 0.1184 -0.0378 0.0253  -0.0297 14   ALA A N     
144  C CA    . ALA A 16 ? 0.1918 0.2186 0.1389 0.0182  0.0280  -0.0005 14   ALA A CA    
145  C C     . ALA A 16 ? 0.2040 0.2357 0.1101 0.0146  0.0454  0.0247  14   ALA A C     
146  O O     . ALA A 16 ? 0.1608 0.2514 0.1467 -0.0056 0.0351  0.0053  14   ALA A O     
147  C CB    . ALA A 16 ? 0.1976 0.2243 0.1324 -0.0015 -0.0004 -0.0050 14   ALA A CB    
153  N N     . LEU A 17 ? 0.1741 0.2090 0.1304 -0.0236 0.0050  -0.0066 15   LEU A N     
154  C CA    . LEU A 17 ? 0.1316 0.2051 0.1837 0.0004  0.0142  0.0151  15   LEU A CA    
155  C C     . LEU A 17 ? 0.1117 0.2782 0.1516 -0.0465 -0.0014 0.0470  15   LEU A C     
156  O O     . LEU A 17 ? 0.1122 0.2011 0.2032 -0.0218 0.0371  -0.0002 15   LEU A O     
157  C CB    . LEU A 17 ? 0.1407 0.2176 0.1851 -0.0021 0.0225  -0.0072 15   LEU A CB    
158  C CG    . LEU A 17 ? 0.1523 0.2588 0.2607 0.0250  -0.0211 0.0185  15   LEU A CG    
159  C CD1   . LEU A 17 ? 0.1604 0.1910 0.2439 0.0007  -0.0160 0.0337  15   LEU A CD1   
160  C CD2   . LEU A 17 ? 0.2488 0.4175 0.3075 0.0423  -0.0346 0.0429  15   LEU A CD2   
172  N N     . ARG A 18 ? 0.1630 0.2208 0.1179 -0.0270 0.0098  -0.0168 16   ARG A N     
173  C CA    . ARG A 18 ? 0.1465 0.2065 0.1154 -0.0095 -0.0112 -0.0210 16   ARG A CA    
174  C C     . ARG A 18 ? 0.1837 0.2468 0.1637 -0.0272 0.0128  -0.0208 16   ARG A C     
175  O O     . ARG A 18 ? 0.1529 0.2476 0.1665 -0.0236 0.0146  -0.0282 16   ARG A O     
176  C CB    . ARG A 18 ? 0.1376 0.1940 0.1603 0.0126  -0.0159 -0.0199 16   ARG A CB    
177  C CG    . ARG A 18 ? 0.1843 0.1848 0.2083 -0.0283 -0.0514 -0.0280 16   ARG A CG    
178  C CD    . ARG A 18 ? 0.2449 0.2167 0.2484 -0.0160 -0.0424 -0.0193 16   ARG A CD    
179  N NE    . ARG A 18 ? 0.3137 0.3948 0.3012 0.0242  -0.0853 -0.0040 16   ARG A NE    
180  C CZ    . ARG A 18 ? 0.3991 0.4552 0.4358 -0.0156 -0.0406 -0.1304 16   ARG A CZ    
181  N NH1   . ARG A 18 ? 0.4410 0.4789 0.5097 -0.0068 -0.0092 -0.0281 16   ARG A NH1   
182  N NH2   . ARG A 18 ? 0.4405 0.4527 0.4355 0.0880  0.0056  -0.1206 16   ARG A NH2   
196  N N     . ARG A 19 ? 0.1281 0.2491 0.1712 -0.0318 0.0114  -0.0376 17   ARG A N     
197  C CA    . ARG A 19 ? 0.1295 0.2452 0.2997 0.0128  0.0665  -0.0141 17   ARG A CA    
198  C C     . ARG A 19 ? 0.1727 0.2264 0.2336 -0.0104 0.0669  -0.0526 17   ARG A C     
199  O O     . ARG A 19 ? 0.1240 0.3116 0.2487 -0.0281 0.0633  -0.0280 17   ARG A O     
200  C CB    . ARG A 19 ? 0.1847 0.1972 0.3685 0.0053  0.1059  -0.0859 17   ARG A CB    
201  C CG    . ARG A 19 ? 0.1741 0.4334 0.5162 -0.0036 0.0741  -0.1522 17   ARG A CG    
202  C CD    . ARG A 19 ? 0.3433 0.3715 0.5013 0.0607  0.0888  -0.1673 17   ARG A CD    
203  N NE    . ARG A 19 ? 0.3953 0.5104 0.5425 0.0056  0.0665  -0.1198 17   ARG A NE    
204  C CZ    . ARG A 19 ? 0.4192 0.4796 0.5469 0.0170  0.0851  -0.1121 17   ARG A CZ    
205  N NH1   . ARG A 19 ? 0.5067 0.4028 0.5869 0.0237  0.0760  -0.1494 17   ARG A NH1   
206  N NH2   . ARG A 19 ? 0.4909 0.5464 0.5387 0.0398  0.0850  -0.1149 17   ARG A NH2   
220  N N     . GLU A 20 ? 0.2226 0.2311 0.1750 -0.0370 0.0250  -0.0001 18   GLU A N     
221  C CA    . GLU A 20 ? 0.1893 0.2857 0.1749 -0.0403 0.0144  -0.0147 18   GLU A CA    
222  C C     . GLU A 20 ? 0.1471 0.2724 0.1754 -0.0528 0.0396  -0.0227 18   GLU A C     
223  O O     . GLU A 20 ? 0.1352 0.3340 0.2227 -0.0523 0.0174  0.0168  18   GLU A O     
224  C CB    . GLU A 20 ? 0.3525 0.2820 0.2188 -0.1409 -0.0088 -0.0161 18   GLU A CB    
225  C CG    . GLU A 20 ? 0.4564 0.3334 0.2833 -0.0736 -0.0105 -0.0384 18   GLU A CG    
226  C CD    . GLU A 20 ? 0.4587 0.3936 0.4323 -0.0038 0.0844  -0.0378 18   GLU A CD    
227  O OE1   . GLU A 20 ? 0.5490 0.4461 0.4461 0.0015  0.0568  -0.0093 18   GLU A OE1   
228  O OE2   . GLU A 20 ? 0.4894 0.5641 0.4749 -0.0114 0.0637  -0.0312 18   GLU A OE2   
235  N N     . ARG A 21 ? 0.1145 0.2775 0.1788 -0.0399 0.0237  -0.0196 19   ARG A N     
236  C CA    . ARG A 21 ? 0.1588 0.2216 0.2151 -0.0350 0.0151  -0.0231 19   ARG A CA    
237  C C     . ARG A 21 ? 0.1454 0.2122 0.2105 -0.0314 0.0199  -0.0069 19   ARG A C     
238  O O     . ARG A 21 ? 0.1537 0.2314 0.2231 -0.0322 0.0124  -0.0077 19   ARG A O     
239  C CB    . ARG A 21 ? 0.1442 0.2455 0.2198 -0.0205 -0.0060 -0.0088 19   ARG A CB    
240  C CG    . ARG A 21 ? 0.1134 0.3029 0.3212 -0.0459 0.0109  -0.0129 19   ARG A CG    
241  C CD    . ARG A 21 ? 0.2399 0.2761 0.2728 -0.0321 0.0511  -0.0185 19   ARG A CD    
242  N NE    . ARG A 21 ? 0.2016 0.3394 0.3149 -0.0262 0.0248  0.0266  19   ARG A NE    
243  C CZ    . ARG A 21 ? 0.2213 0.3558 0.3865 0.0337  0.0164  -0.0378 19   ARG A CZ    
244  N NH1   . ARG A 21 ? 0.3875 0.5124 0.3376 0.1546  -0.0877 -0.0385 19   ARG A NH1   
245  N NH2   . ARG A 21 ? 0.2872 0.4151 0.4359 0.0566  0.0395  0.0566  19   ARG A NH2   
259  N N     . VAL A 22 ? 0.1115 0.2322 0.2346 -0.0129 0.0432  -0.0330 20   VAL A N     
260  C CA    . VAL A 22 ? 0.1703 0.2543 0.2096 0.0396  0.0514  0.0192  20   VAL A CA    
261  C C     . VAL A 22 ? 0.1236 0.2254 0.1729 0.0079  -0.0017 0.0472  20   VAL A C     
262  O O     . VAL A 22 ? 0.1785 0.2734 0.1749 -0.0015 0.0562  0.0324  20   VAL A O     
263  C CB    . VAL A 22 ? 0.2778 0.2879 0.1965 0.0834  -0.0990 -0.0470 20   VAL A CB    
264  C CG1   . VAL A 22 ? 0.4123 0.3061 0.2212 0.0028  -0.1174 -0.0743 20   VAL A CG1   
265  C CG2   . VAL A 22 ? 0.3254 0.4238 0.2818 -0.0259 -0.0565 -0.0425 20   VAL A CG2   
275  N N     . PRO A 23 ? 0.1520 0.2657 0.1551 -0.0271 0.0269  0.0232  21   PRO A N     
276  C CA    . PRO A 23 ? 0.1741 0.2212 0.1696 -0.0619 0.0197  -0.0205 21   PRO A CA    
277  C C     . PRO A 23 ? 0.1451 0.1670 0.1892 -0.0433 0.0205  -0.0483 21   PRO A C     
278  O O     . PRO A 23 ? 0.1535 0.2141 0.1726 -0.0322 0.0185  -0.0296 21   PRO A O     
279  C CB    . PRO A 23 ? 0.1657 0.2319 0.2321 -0.0578 0.0273  -0.0023 21   PRO A CB    
280  C CG    . PRO A 23 ? 0.1376 0.2362 0.3106 -0.0547 0.0545  0.0043  21   PRO A CG    
281  C CD    . PRO A 23 ? 0.1964 0.2618 0.2010 -0.0861 0.0220  0.0159  21   PRO A CD    
289  N N     . VAL A 24 ? 0.1404 0.1856 0.1824 -0.0094 0.0214  0.0046  22   VAL A N     
290  C CA    . VAL A 24 ? 0.1755 0.1665 0.1788 -0.0123 0.0124  0.0096  22   VAL A CA    
291  C C     . VAL A 24 ? 0.1644 0.1402 0.1726 -0.0595 0.0315  -0.0073 22   VAL A C     
292  O O     . VAL A 24 ? 0.1628 0.1937 0.1820 -0.0288 0.0206  0.0004  22   VAL A O     
293  C CB    . VAL A 24 ? 0.1901 0.1684 0.1633 -0.0058 0.0134  0.0023  22   VAL A CB    
294  C CG1   . VAL A 24 ? 0.2210 0.2274 0.1770 0.0105  0.0106  0.0136  22   VAL A CG1   
295  C CG2   . VAL A 24 ? 0.2128 0.1716 0.1968 -0.0092 0.0144  0.0063  22   VAL A CG2   
305  N N     . SER A 25 ? 0.1224 0.2140 0.1546 -0.0356 0.0304  0.0232  23   SER A N     
306  C CA    . SER A 25 ? 0.1359 0.1973 0.1724 -0.0269 0.0273  0.0429  23   SER A CA    
307  C C     . SER A 25 ? 0.1378 0.1609 0.1558 -0.0095 0.0354  -0.0124 23   SER A C     
308  O O     . SER A 25 ? 0.1620 0.2083 0.1535 -0.0482 0.0298  -0.0125 23   SER A O     
309  C CB    . SER A 25 ? 0.1643 0.1698 0.2053 -0.0123 0.0475  0.0174  23   SER A CB    
310  O OG    . SER A 25 ? 0.1936 0.2143 0.2508 -0.0056 0.0063  0.0398  23   SER A OG    
316  N N     . ILE A 26 ? 0.1285 0.1821 0.1756 -0.0297 0.0331  0.0163  24   ILE A N     
317  C CA    . ILE A 26 ? 0.1068 0.1631 0.1776 -0.0278 0.0138  0.0014  24   ILE A CA    
318  C C     . ILE A 26 ? 0.1486 0.1614 0.1944 -0.0510 0.0121  0.0259  24   ILE A C     
319  O O     . ILE A 26 ? 0.1638 0.1768 0.2030 -0.0384 0.0305  -0.0273 24   ILE A O     
320  C CB    . ILE A 26 ? 0.1362 0.1484 0.1945 -0.0360 0.0313  -0.0198 24   ILE A CB    
321  C CG1   . ILE A 26 ? 0.1313 0.2050 0.2298 -0.0238 0.0097  0.0020  24   ILE A CG1   
322  C CG2   . ILE A 26 ? 0.1280 0.1725 0.2320 -0.0372 0.0232  0.0466  24   ILE A CG2   
323  C CD1   . ILE A 26 ? 0.1566 0.2358 0.1990 -0.0225 -0.0232 0.0553  24   ILE A CD1   
335  N N     . TYR A 27 ? 0.1182 0.1652 0.1839 -0.0330 0.0384  0.0214  25   TYR A N     
336  C CA    . TYR A 27 ? 0.1744 0.1877 0.1484 -0.0323 0.0435  -0.0093 25   TYR A CA    
337  C C     . TYR A 27 ? 0.1315 0.1415 0.1482 0.0047  0.0249  -0.0057 25   TYR A C     
338  O O     . TYR A 27 ? 0.1594 0.1550 0.1773 -0.0182 0.0307  -0.0142 25   TYR A O     
339  C CB    . TYR A 27 ? 0.1603 0.1785 0.1743 -0.0019 0.0329  0.0042  25   TYR A CB    
340  C CG    . TYR A 27 ? 0.1768 0.1975 0.1751 0.0275  0.0643  -0.0017 25   TYR A CG    
341  C CD1   . TYR A 27 ? 0.1817 0.1400 0.1847 -0.0003 0.0423  0.0261  25   TYR A CD1   
342  C CD2   . TYR A 27 ? 0.2733 0.1615 0.2668 0.0069  0.0880  0.0013  25   TYR A CD2   
343  C CE1   . TYR A 27 ? 0.1722 0.2275 0.2332 -0.0405 0.0385  0.0156  25   TYR A CE1   
344  C CE2   . TYR A 27 ? 0.2738 0.1726 0.3441 -0.0145 0.1251  0.0503  25   TYR A CE2   
345  C CZ    . TYR A 27 ? 0.2787 0.2389 0.2987 -0.0284 0.0899  0.0821  25   TYR A CZ    
346  O OH    . TYR A 27 ? 0.3848 0.2868 0.3163 -0.0415 0.1137  0.1081  25   TYR A OH    
356  N N     . LEU A 28 ? 0.1526 0.1447 0.1616 -0.0143 0.0429  -0.0052 26   LEU A N     
357  C CA    . LEU A 28 ? 0.1515 0.1502 0.1499 0.0008  0.0023  -0.0024 26   LEU A CA    
358  C C     . LEU A 28 ? 0.1629 0.1714 0.1532 -0.0301 0.0197  0.0170  26   LEU A C     
359  O O     . LEU A 28 ? 0.1552 0.1800 0.1718 -0.0190 0.0261  0.0151  26   LEU A O     
360  C CB    . LEU A 28 ? 0.1505 0.1486 0.1655 -0.0029 -0.0116 0.0139  26   LEU A CB    
361  C CG    . LEU A 28 ? 0.1314 0.1390 0.2039 -0.0098 -0.0369 0.0093  26   LEU A CG    
362  C CD1   . LEU A 28 ? 0.2002 0.1823 0.1729 -0.0451 -0.0490 0.0118  26   LEU A CD1   
363  C CD2   . LEU A 28 ? 0.1354 0.1711 0.2532 0.0138  -0.0214 0.0097  26   LEU A CD2   
375  N N     . VAL A 29 ? 0.1358 0.1902 0.1417 -0.0098 0.0245  -0.0118 27   VAL A N     
376  C CA    A VAL A 29 ? 0.1352 0.1745 0.1421 -0.0078 0.0139  -0.0093 27   VAL A CA    
377  C CA    B VAL A 29 ? 0.1376 0.1761 0.1616 -0.0181 0.0202  -0.0264 27   VAL A CA    
378  C C     . VAL A 29 ? 0.1190 0.1642 0.1620 0.0155  -0.0096 -0.0174 27   VAL A C     
379  O O     . VAL A 29 ? 0.1432 0.3145 0.1924 0.0307  -0.0206 -0.0615 27   VAL A O     
380  C CB    A VAL A 29 ? 0.1628 0.2117 0.1782 -0.0522 0.0321  -0.0358 27   VAL A CB    
381  C CB    B VAL A 29 ? 0.1871 0.2397 0.1806 -0.0716 0.0446  -0.0922 27   VAL A CB    
382  C CG1   A VAL A 29 ? 0.1620 0.1867 0.2406 -0.0772 0.0261  0.0383  27   VAL A CG1   
383  C CG1   B VAL A 29 ? 0.2601 0.2428 0.2216 -0.0601 0.0245  -0.0706 27   VAL A CG1   
384  C CG2   A VAL A 29 ? 0.1614 0.2163 0.1503 -0.0294 0.0341  -0.0746 27   VAL A CG2   
385  C CG2   B VAL A 29 ? 0.2279 0.1518 0.1520 -0.0406 0.0496  -0.0929 27   VAL A CG2   
404  N N     . ASN A 30 ? 0.1281 0.1529 0.1528 0.0064  0.0040  -0.0248 28   ASN A N     
405  C CA    . ASN A 30 ? 0.1402 0.1747 0.1927 -0.0313 0.0152  -0.0003 28   ASN A CA    
406  C C     . ASN A 30 ? 0.1016 0.1409 0.3159 -0.0043 -0.0332 0.0279  28   ASN A C     
407  O O     . ASN A 30 ? 0.1991 0.1465 0.3319 0.0089  -0.0241 0.0263  28   ASN A O     
408  C CB    . ASN A 30 ? 0.1541 0.1577 0.1862 0.0039  -0.0284 -0.0412 28   ASN A CB    
409  C CG    . ASN A 30 ? 0.1783 0.1126 0.1880 -0.0013 0.0066  0.0022  28   ASN A CG    
410  O OD1   . ASN A 30 ? 0.1531 0.1708 0.2063 0.0058  -0.0076 0.0227  28   ASN A OD1   
411  N ND2   . ASN A 30 ? 0.1854 0.1573 0.1749 0.0097  0.0070  0.0142  28   ASN A ND2   
418  N N     . GLY A 31 ? 0.1592 0.1956 0.2129 0.0016  -0.0376 0.0588  29   GLY A N     
419  C CA    . GLY A 31 ? 0.1780 0.2594 0.2855 -0.0079 -0.0179 0.1033  29   GLY A CA    
420  C C     . GLY A 31 ? 0.1991 0.1776 0.2494 0.0066  -0.0322 0.0800  29   GLY A C     
421  O O     . GLY A 31 ? 0.2609 0.3280 0.3728 -0.0045 0.0198  0.2323  29   GLY A O     
425  N N     . ILE A 32 ? 0.1594 0.1869 0.2791 -0.0207 -0.0270 0.0900  30   ILE A N     
426  C CA    . ILE A 32 ? 0.1673 0.1246 0.3207 -0.0246 -0.0081 0.0718  30   ILE A CA    
427  C C     . ILE A 32 ? 0.1875 0.1724 0.2453 -0.0206 0.0223  -0.0062 30   ILE A C     
428  O O     . ILE A 32 ? 0.2337 0.1497 0.2623 -0.0436 0.0446  -0.0247 30   ILE A O     
429  C CB    . ILE A 32 ? 0.1500 0.1958 0.3202 -0.0110 -0.0292 0.0534  30   ILE A CB    
430  C CG1   . ILE A 32 ? 0.3535 0.3370 0.2589 0.0018  0.0052  0.0521  30   ILE A CG1   
431  C CG2   . ILE A 32 ? 0.1495 0.2884 0.2993 -0.0634 -0.0135 0.0737  30   ILE A CG2   
432  C CD1   . ILE A 32 ? 0.3969 0.3238 0.3757 -0.0197 -0.0631 0.0995  30   ILE A CD1   
444  N N     . LYS A 33 ? 0.1501 0.1314 0.2764 -0.0148 0.0248  0.0170  31   LYS A N     
445  C CA    . LYS A 33 ? 0.1645 0.1716 0.2362 -0.0169 0.0182  0.0135  31   LYS A CA    
446  C C     . LYS A 33 ? 0.1620 0.1355 0.3196 -0.0434 0.0427  0.0397  31   LYS A C     
447  O O     . LYS A 33 ? 0.1881 0.1468 0.3970 -0.0434 0.0083  -0.0013 31   LYS A O     
448  C CB    . LYS A 33 ? 0.2465 0.2200 0.2297 -0.0290 0.0187  0.0422  31   LYS A CB    
449  C CG    . LYS A 33 ? 0.3203 0.2628 0.2573 0.0211  0.0082  0.1200  31   LYS A CG    
450  C CD    . LYS A 33 ? 0.3127 0.2468 0.3015 0.0253  0.0193  0.0236  31   LYS A CD    
451  C CE    . LYS A 33 ? 0.3721 0.3308 0.3058 -0.0260 -0.0458 0.1017  31   LYS A CE    
452  N NZ    . LYS A 33 ? 0.3733 0.3050 0.3528 -0.0077 0.0043  0.0911  31   LYS A NZ    
466  N N     . LEU A 34 ? 0.1885 0.1215 0.1978 -0.0319 0.0231  0.0052  32   LEU A N     
467  C CA    . LEU A 34 ? 0.1650 0.1944 0.2073 -0.0316 0.0113  0.0152  32   LEU A CA    
468  C C     . LEU A 34 ? 0.1341 0.1230 0.2433 -0.0481 0.0092  -0.0027 32   LEU A C     
469  O O     . LEU A 34 ? 0.1765 0.2715 0.2017 -0.1070 0.0288  -0.0217 32   LEU A O     
470  C CB    . LEU A 34 ? 0.1840 0.1795 0.1948 0.0103  0.0138  0.0223  32   LEU A CB    
471  C CG    . LEU A 34 ? 0.2316 0.2056 0.1736 0.0057  -0.0074 0.0085  32   LEU A CG    
472  C CD1   . LEU A 34 ? 0.2102 0.3004 0.2487 0.0167  0.0007  0.0528  32   LEU A CD1   
473  C CD2   . LEU A 34 ? 0.2809 0.2429 0.2179 0.0567  -0.0538 -0.0268 32   LEU A CD2   
485  N N     . GLN A 35 ? 0.1467 0.1726 0.2698 -0.0690 0.0202  -0.0279 33   GLN A N     
486  C CA    . GLN A 35 ? 0.1345 0.1799 0.3268 -0.0537 0.0468  -0.0108 33   GLN A CA    
487  C C     . GLN A 35 ? 0.1399 0.1784 0.3539 -0.0364 0.0416  -0.0117 33   GLN A C     
488  O O     . GLN A 35 ? 0.1853 0.2626 0.3338 -0.0124 0.0163  -0.1014 33   GLN A O     
489  C CB    . GLN A 35 ? 0.2494 0.2737 0.2575 -0.0485 0.0283  -0.0177 33   GLN A CB    
490  C CG    . GLN A 35 ? 0.3302 0.2921 0.3011 -0.0789 -0.0261 0.0820  33   GLN A CG    
491  C CD    . GLN A 35 ? 0.4273 0.4385 0.3538 0.0236  -0.0157 0.0803  33   GLN A CD    
492  O OE1   . GLN A 35 ? 0.4899 0.5563 0.5243 0.0727  0.0921  0.0239  33   GLN A OE1   
493  N NE2   . GLN A 35 ? 0.5135 0.4144 0.5071 -0.0958 0.0096  0.0949  33   GLN A NE2   
502  N N     . GLY A 36 ? 0.1461 0.1965 0.2466 -0.0277 0.0558  -0.0175 34   GLY A N     
503  C CA    . GLY A 36 ? 0.1471 0.1846 0.2487 -0.0226 0.0371  -0.0303 34   GLY A CA    
504  C C     . GLY A 36 ? 0.1265 0.1715 0.1892 -0.0178 0.0141  -0.0009 34   GLY A C     
505  O O     . GLY A 36 ? 0.1618 0.2167 0.1954 -0.0012 0.0031  0.0094  34   GLY A O     
509  N N     . GLN A 37 ? 0.1323 0.1755 0.2336 -0.0341 0.0014  -0.0191 35   GLN A N     
510  C CA    . GLN A 37 ? 0.1181 0.1829 0.1950 -0.0189 0.0206  -0.0186 35   GLN A CA    
511  C C     . GLN A 37 ? 0.1196 0.2116 0.1404 -0.0328 0.0100  0.0058  35   GLN A C     
512  O O     . GLN A 37 ? 0.1621 0.1828 0.1655 -0.0199 0.0212  0.0041  35   GLN A O     
513  C CB    . GLN A 37 ? 0.1463 0.2138 0.1877 -0.0086 0.0147  -0.0103 35   GLN A CB    
514  C CG    . GLN A 37 ? 0.1814 0.2917 0.1779 -0.0443 0.0446  -0.0117 35   GLN A CG    
515  C CD    . GLN A 37 ? 0.1958 0.3990 0.1619 -0.0483 0.0156  -0.0293 35   GLN A CD    
516  O OE1   . GLN A 37 ? 0.2312 0.3914 0.2532 -0.0899 0.0120  -0.0147 35   GLN A OE1   
517  N NE2   . GLN A 37 ? 0.1870 0.3792 0.2891 -0.0512 0.0306  -0.0421 35   GLN A NE2   
526  N N     . ILE A 38 ? 0.1225 0.1830 0.1683 -0.0492 0.0108  0.0009  36   ILE A N     
527  C CA    . ILE A 38 ? 0.1328 0.2222 0.1638 0.0034  0.0122  -0.0427 36   ILE A CA    
528  C C     . ILE A 38 ? 0.1574 0.2088 0.1549 -0.0258 0.0228  0.0171  36   ILE A C     
529  O O     . ILE A 38 ? 0.1501 0.2420 0.1624 -0.0096 0.0263  -0.0021 36   ILE A O     
530  C CB    . ILE A 38 ? 0.1649 0.2056 0.1766 0.0068  -0.0293 0.0217  36   ILE A CB    
531  C CG1   . ILE A 38 ? 0.2083 0.2253 0.1707 -0.0501 -0.0586 0.0519  36   ILE A CG1   
532  C CG2   . ILE A 38 ? 0.1956 0.2357 0.1737 0.0001  -0.0367 -0.0033 36   ILE A CG2   
533  C CD1   . ILE A 38 ? 0.2450 0.2680 0.1950 -0.0188 -0.0698 0.0290  36   ILE A CD1   
545  N N     . GLU A 39 ? 0.1429 0.2099 0.1953 -0.0294 0.0430  -0.0059 37   GLU A N     
546  C CA    . GLU A 39 ? 0.1528 0.2222 0.1870 0.0060  -0.0254 -0.0024 37   GLU A CA    
547  C C     . GLU A 39 ? 0.1844 0.1599 0.1686 0.0108  -0.0189 0.0024  37   GLU A C     
548  O O     . GLU A 39 ? 0.1785 0.2214 0.1883 0.0061  -0.0496 -0.0165 37   GLU A O     
549  C CB    . GLU A 39 ? 0.3083 0.2297 0.2972 -0.0147 -0.0751 -0.0019 37   GLU A CB    
550  C CG    . GLU A 39 ? 0.4607 0.3202 0.3533 -0.0985 -0.0502 -0.1320 37   GLU A CG    
551  C CD    . GLU A 39 ? 0.5016 0.4550 0.2702 -0.0788 -0.0915 -0.0609 37   GLU A CD    
552  O OE1   . GLU A 39 ? 0.4710 0.5054 0.4282 -0.0770 -0.0407 -0.0921 37   GLU A OE1   
553  O OE2   . GLU A 39 ? 0.4281 0.5084 0.3248 -0.1055 -0.1083 -0.0725 37   GLU A OE2   
560  N N     . SER A 40 ? 0.1545 0.1841 0.1676 -0.0109 -0.0168 -0.0288 38   SER A N     
561  C CA    . SER A 40 ? 0.1473 0.2303 0.1737 -0.0035 -0.0162 0.0145  38   SER A CA    
562  C C     . SER A 40 ? 0.1489 0.1634 0.1599 -0.0323 0.0060  0.0341  38   SER A C     
563  O O     . SER A 40 ? 0.1668 0.1769 0.1398 0.0163  -0.0078 0.0016  38   SER A O     
564  C CB    . SER A 40 ? 0.2294 0.2678 0.2332 0.0249  -0.0181 -0.0300 38   SER A CB    
565  O OG    . SER A 40 ? 0.2869 0.3244 0.3472 0.0404  -0.0359 0.0485  38   SER A OG    
571  N N     . PHE A 41 ? 0.1418 0.1470 0.1618 -0.0046 0.0044  0.0238  39   PHE A N     
572  C CA    . PHE A 41 ? 0.1330 0.1397 0.1280 -0.0136 -0.0144 -0.0055 39   PHE A CA    
573  C C     . PHE A 41 ? 0.1899 0.1347 0.1284 -0.0125 -0.0164 0.0072  39   PHE A C     
574  O O     . PHE A 41 ? 0.1851 0.1838 0.1838 0.0177  -0.0175 0.0157  39   PHE A O     
575  C CB    . PHE A 41 ? 0.1579 0.1550 0.1419 -0.0088 -0.0288 -0.0164 39   PHE A CB    
576  C CG    . PHE A 41 ? 0.1562 0.1404 0.1729 -0.0389 -0.0269 0.0161  39   PHE A CG    
577  C CD1   . PHE A 41 ? 0.1580 0.1756 0.1771 -0.0156 -0.0176 0.0374  39   PHE A CD1   
578  C CD2   . PHE A 41 ? 0.1882 0.1782 0.1504 -0.0074 -0.0334 0.0054  39   PHE A CD2   
579  C CE1   . PHE A 41 ? 0.1759 0.2420 0.2091 0.0231  -0.0172 0.0075  39   PHE A CE1   
580  C CE2   . PHE A 41 ? 0.2367 0.2021 0.1468 -0.0210 -0.0535 -0.0276 39   PHE A CE2   
581  C CZ    . PHE A 41 ? 0.1863 0.2834 0.2105 0.0251  -0.0047 -0.0135 39   PHE A CZ    
591  N N     . ASP A 42 ? 0.1560 0.1275 0.1539 -0.0177 0.0037  -0.0085 40   ASP A N     
592  C CA    . ASP A 42 ? 0.1693 0.1786 0.1199 -0.0511 0.0073  -0.0119 40   ASP A CA    
593  C C     . ASP A 42 ? 0.1738 0.1074 0.1733 -0.0345 0.0324  0.0090  40   ASP A C     
594  O O     . ASP A 42 ? 0.1816 0.1482 0.1434 -0.0011 -0.0085 0.0171  40   ASP A O     
595  C CB    . ASP A 42 ? 0.1995 0.1386 0.1536 -0.0083 -0.0111 -0.0142 40   ASP A CB    
596  C CG    . ASP A 42 ? 0.2123 0.1428 0.1176 0.0140  -0.0396 0.0184  40   ASP A CG    
597  O OD1   . ASP A 42 ? 0.2361 0.1402 0.1358 0.0041  -0.0298 -0.0056 40   ASP A OD1   
598  O OD2   . ASP A 42 ? 0.2062 0.1416 0.1417 -0.0102 -0.0207 -0.0070 40   ASP A OD2   
603  N N     . GLN A 43 ? 0.2030 0.1219 0.1616 -0.0362 0.0120  -0.0065 41   GLN A N     
604  C CA    . GLN A 43 ? 0.1982 0.1112 0.1927 -0.0503 0.0339  0.0193  41   GLN A CA    
605  C C     . GLN A 43 ? 0.1755 0.1816 0.1060 -0.0547 -0.0121 0.0239  41   GLN A C     
606  O O     . GLN A 43 ? 0.2182 0.1494 0.1185 -0.0434 -0.0017 0.0052  41   GLN A O     
607  C CB    . GLN A 43 ? 0.2434 0.1969 0.2669 -0.0296 0.0362  -0.0038 41   GLN A CB    
608  C CG    . GLN A 43 ? 0.2294 0.1845 0.3281 0.0720  0.0355  -0.0116 41   GLN A CG    
609  C CD    . GLN A 43 ? 0.3128 0.1287 0.3465 0.0237  0.0325  0.0428  41   GLN A CD    
610  O OE1   . GLN A 43 ? 0.2720 0.1560 0.3819 0.0125  0.1129  0.0721  41   GLN A OE1   
611  N NE2   . GLN A 43 ? 0.3466 0.1868 0.3167 -0.0412 0.0231  -0.0003 41   GLN A NE2   
620  N N     . PHE A 44 ? 0.1703 0.1410 0.1213 -0.0252 -0.0073 -0.0137 42   PHE A N     
621  C CA    . PHE A 44 ? 0.1895 0.1185 0.0985 -0.0442 -0.0105 0.0210  42   PHE A CA    
622  C C     . PHE A 44 ? 0.1640 0.1626 0.0838 -0.0380 -0.0125 -0.0058 42   PHE A C     
623  O O     . PHE A 44 ? 0.1563 0.1609 0.0959 -0.0268 -0.0047 0.0061  42   PHE A O     
624  C CB    . PHE A 44 ? 0.1644 0.1433 0.1251 -0.0118 -0.0069 0.0095  42   PHE A CB    
625  C CG    . PHE A 44 ? 0.1622 0.0891 0.1316 -0.0291 0.0215  0.0108  42   PHE A CG    
626  C CD1   . PHE A 44 ? 0.1705 0.1167 0.1907 -0.0267 0.0053  0.0197  42   PHE A CD1   
627  C CD2   . PHE A 44 ? 0.1845 0.0940 0.1438 -0.0355 0.0257  0.0154  42   PHE A CD2   
628  C CE1   . PHE A 44 ? 0.1693 0.1737 0.1788 -0.0292 0.0127  0.0021  42   PHE A CE1   
629  C CE2   . PHE A 44 ? 0.1936 0.1255 0.1666 -0.0032 0.0339  0.0071  42   PHE A CE2   
630  C CZ    . PHE A 44 ? 0.1983 0.1348 0.1784 -0.0416 0.0350  -0.0255 42   PHE A CZ    
640  N N     . VAL A 45 ? 0.1607 0.1233 0.1213 -0.0229 -0.0088 0.0040  43   VAL A N     
641  C CA    . VAL A 45 ? 0.1483 0.1061 0.0965 -0.0130 0.0054  -0.0028 43   VAL A CA    
642  C C     . VAL A 45 ? 0.1566 0.1101 0.1115 -0.0060 -0.0193 -0.0088 43   VAL A C     
643  O O     . VAL A 45 ? 0.1799 0.1187 0.1180 -0.0174 0.0067  -0.0017 43   VAL A O     
644  C CB    . VAL A 45 ? 0.1188 0.1626 0.1085 -0.0287 -0.0108 0.0054  43   VAL A CB    
645  C CG1   . VAL A 45 ? 0.1760 0.1845 0.1162 -0.0259 0.0085  0.0161  43   VAL A CG1   
646  C CG2   . VAL A 45 ? 0.1647 0.1790 0.1324 -0.0423 -0.0380 0.0216  43   VAL A CG2   
656  N N     . ILE A 46 ? 0.1432 0.1116 0.1067 -0.0158 -0.0051 -0.0014 44   ILE A N     
657  C CA    . ILE A 46 ? 0.1125 0.1878 0.1115 -0.0417 0.0216  0.0026  44   ILE A CA    
658  C C     . ILE A 46 ? 0.1388 0.1771 0.1345 -0.0452 0.0186  0.0033  44   ILE A C     
659  O O     . ILE A 46 ? 0.1412 0.1978 0.1529 -0.0375 0.0345  -0.0436 44   ILE A O     
660  C CB    . ILE A 46 ? 0.1354 0.1768 0.1072 -0.0399 0.0041  0.0009  44   ILE A CB    
661  C CG1   . ILE A 46 ? 0.1669 0.2279 0.0822 -0.0148 -0.0240 0.0068  44   ILE A CG1   
662  C CG2   . ILE A 46 ? 0.1638 0.1872 0.1732 -0.0471 0.0215  0.0475  44   ILE A CG2   
663  C CD1   . ILE A 46 ? 0.1334 0.1983 0.1362 -0.0185 -0.0166 -0.0216 44   ILE A CD1   
675  N N     . LEU A 47 ? 0.1442 0.1893 0.1166 -0.0458 -0.0039 -0.0178 45   LEU A N     
676  C CA    . LEU A 47 ? 0.1547 0.2019 0.1182 -0.0004 0.0017  -0.0060 45   LEU A CA    
677  C C     . LEU A 47 ? 0.1567 0.1567 0.0832 -0.0369 -0.0023 0.0138  45   LEU A C     
678  O O     . LEU A 47 ? 0.1767 0.1702 0.1260 -0.0204 0.0256  -0.0063 45   LEU A O     
679  C CB    . LEU A 47 ? 0.2137 0.1737 0.1618 0.0345  -0.0352 0.0501  45   LEU A CB    
680  C CG    . LEU A 47 ? 0.3427 0.2514 0.2130 0.0213  -0.0705 0.0248  45   LEU A CG    
681  C CD1   . LEU A 47 ? 0.4784 0.3762 0.2955 0.1399  -0.0994 -0.0023 45   LEU A CD1   
682  C CD2   . LEU A 47 ? 0.3739 0.4099 0.2347 0.0993  -0.0473 0.0424  45   LEU A CD2   
694  N N     . LEU A 48 ? 0.1133 0.1340 0.1606 -0.0269 0.0215  -0.0235 46   LEU A N     
695  C CA    . LEU A 48 ? 0.1278 0.1506 0.1749 -0.0203 0.0014  -0.0044 46   LEU A CA    
696  C C     . LEU A 48 ? 0.1698 0.1626 0.1266 -0.0286 0.0052  -0.0013 46   LEU A C     
697  O O     . LEU A 48 ? 0.1903 0.2572 0.1234 -0.0587 0.0275  -0.0294 46   LEU A O     
698  C CB    . LEU A 48 ? 0.1680 0.1900 0.1764 -0.0159 0.0133  0.0027  46   LEU A CB    
699  C CG    . LEU A 48 ? 0.1354 0.2017 0.1768 -0.0109 -0.0084 0.0382  46   LEU A CG    
700  C CD1   . LEU A 48 ? 0.1449 0.2552 0.1509 -0.0246 -0.0166 0.0622  46   LEU A CD1   
701  C CD2   . LEU A 48 ? 0.2256 0.2314 0.2198 0.0057  -0.0046 0.0337  46   LEU A CD2   
713  N N     . LYS A 49 ? 0.1529 0.2080 0.1531 -0.0589 -0.0020 -0.0299 47   LYS A N     
714  C CA    . LYS A 49 ? 0.1887 0.2709 0.1832 -0.0554 -0.0181 -0.0252 47   LYS A CA    
715  C C     . LYS A 49 ? 0.2658 0.3026 0.1623 -0.0792 0.0146  -0.0466 47   LYS A C     
716  O O     . LYS A 49 ? 0.2345 0.3159 0.2093 -0.1150 0.0539  -0.0535 47   LYS A O     
717  C CB    . LYS A 49 ? 0.1396 0.3495 0.4184 -0.0589 0.0131  -0.0870 47   LYS A CB    
718  C CG    . LYS A 49 ? 0.2701 0.4909 0.3305 -0.0550 0.0201  -0.0515 47   LYS A CG    
719  C CD    . LYS A 49 ? 0.2917 0.4199 0.3542 -0.0713 -0.0154 0.0095  47   LYS A CD    
720  C CE    . LYS A 49 ? 0.4094 0.5001 0.3801 -0.1303 -0.0135 0.0475  47   LYS A CE    
721  N NZ    . LYS A 49 ? 0.4669 0.5110 0.5127 -0.0905 -0.0135 0.0001  47   LYS A NZ    
735  N N     . ASN A 50 ? 0.5102 0.2768 0.1718 -0.1329 0.0204  -0.0085 48   ASN A N     
736  C CA    . ASN A 50 ? 0.4799 0.4372 0.3956 -0.0717 0.0453  0.0767  48   ASN A CA    
737  C C     . ASN A 50 ? 0.4214 0.4559 0.5850 -0.1218 0.1188  0.0126  48   ASN A C     
738  O O     . ASN A 50 ? 0.4744 0.4831 0.6557 -0.2428 0.0229  -0.0482 48   ASN A O     
739  C CB    . ASN A 50 ? 0.4822 0.4851 0.4919 0.0377  0.0292  0.1150  48   ASN A CB    
740  C CG    . ASN A 50 ? 0.6007 0.4555 0.3705 -0.0469 -0.0569 -0.0162 48   ASN A CG    
741  O OD1   . ASN A 50 ? 0.6745 0.6201 0.4481 -0.1192 0.0274  0.0418  48   ASN A OD1   
742  N ND2   . ASN A 50 ? 0.5652 0.5239 0.4352 -0.0011 -0.0334 -0.0015 48   ASN A ND2   
749  N N     . THR A 51 ? 0.5727 0.3596 0.5399 -0.2019 0.0891  0.1369  49   THR A N     
750  C CA    . THR A 51 ? 0.6254 0.4533 0.5671 -0.1374 0.0677  0.0568  49   THR A CA    
751  C C     . THR A 51 ? 0.4318 0.4632 0.4777 -0.0794 0.0112  -0.0356 49   THR A C     
752  O O     . THR A 51 ? 0.2292 0.5961 0.5271 -0.0923 0.0336  -0.1277 49   THR A O     
753  C CB    . THR A 51 ? 0.7731 0.6616 0.7018 -0.0385 0.0040  0.0233  49   THR A CB    
754  O OG1   . THR A 51 ? 0.8471 0.7724 0.7376 0.0008  -0.0003 0.0079  49   THR A OG1   
755  C CG2   . THR A 51 ? 0.8670 0.7252 0.7700 -0.0411 -0.0412 0.0308  49   THR A CG2   
763  N N     . VAL A 52 ? 0.4294 0.2727 0.3983 -0.1455 0.0798  -0.0227 50   VAL A N     
764  C CA    . VAL A 52 ? 0.2956 0.2606 0.2569 -0.0076 -0.0649 0.0050  50   VAL A CA    
765  C C     . VAL A 52 ? 0.2537 0.2466 0.2163 -0.0557 -0.0596 0.0484  50   VAL A C     
766  O O     . VAL A 52 ? 0.2336 0.3075 0.2912 -0.0465 0.0229  0.0320  50   VAL A O     
767  C CB    . VAL A 52 ? 0.2344 0.2625 0.3342 -0.0134 -0.0833 -0.0420 50   VAL A CB    
768  C CG1   . VAL A 52 ? 0.3312 0.2855 0.3775 -0.0703 -0.0617 0.0089  50   VAL A CG1   
769  C CG2   . VAL A 52 ? 0.2902 0.2421 0.3189 -0.0117 -0.0053 -0.0208 50   VAL A CG2   
779  N N     . SER A 53 ? 0.2887 0.3420 0.1616 -0.0649 -0.0314 0.0168  51   SER A N     
780  C CA    . SER A 53 ? 0.3062 0.3344 0.1668 -0.1286 -0.0274 -0.0211 51   SER A CA    
781  C C     . SER A 53 ? 0.3296 0.2742 0.1324 -0.1109 -0.0231 -0.0380 51   SER A C     
782  O O     . SER A 53 ? 0.3800 0.5033 0.1493 -0.1819 -0.0363 -0.0110 51   SER A O     
783  C CB    . SER A 53 ? 0.3787 0.3690 0.4135 -0.1002 -0.0015 -0.0437 51   SER A CB    
784  O OG    . SER A 53 ? 0.4518 0.4821 0.4906 -0.0044 0.0127  -0.0707 51   SER A OG    
790  N N     . GLN A 54 ? 0.2488 0.2725 0.1263 -0.1366 0.0207  -0.0505 52   GLN A N     
791  C CA    . GLN A 54 ? 0.1821 0.3356 0.1591 -0.1227 0.0398  0.0227  52   GLN A CA    
792  C C     . GLN A 54 ? 0.1335 0.2303 0.1879 -0.0942 0.0501  -0.0756 52   GLN A C     
793  O O     . GLN A 54 ? 0.2038 0.1947 0.1556 -0.0599 0.0612  -0.0437 52   GLN A O     
794  C CB    . GLN A 54 ? 0.2059 0.1633 0.4381 -0.0723 0.1346  -0.0180 52   GLN A CB    
795  C CG    . GLN A 54 ? 0.3752 0.3762 0.4046 -0.0044 0.0187  0.0843  52   GLN A CG    
796  C CD    . GLN A 54 ? 0.2312 0.4405 0.3521 0.0695  0.0047  -0.0698 52   GLN A CD    
797  O OE1   . GLN A 54 ? 0.3304 0.6267 0.4367 0.0011  -0.0939 -0.1092 52   GLN A OE1   
798  N NE2   . GLN A 54 ? 0.4441 0.4431 0.5237 -0.0404 -0.0276 -0.0370 52   GLN A NE2   
807  N N     . MET A 55 ? 0.1195 0.1739 0.1431 -0.0573 0.0051  -0.0163 53   MET A N     
808  C CA    . MET A 55 ? 0.0981 0.2063 0.1232 -0.0165 0.0009  -0.0070 53   MET A CA    
809  C C     . MET A 55 ? 0.1361 0.1414 0.0946 -0.0159 0.0047  0.0005  53   MET A C     
810  O O     . MET A 55 ? 0.1327 0.2265 0.1097 -0.0152 -0.0048 -0.0463 53   MET A O     
811  C CB    . MET A 55 ? 0.1065 0.1955 0.1407 -0.0286 0.0042  0.0003  53   MET A CB    
812  C CG    . MET A 55 ? 0.1966 0.1484 0.1359 -0.0331 0.0207  0.0163  53   MET A CG    
813  S SD    . MET A 55 ? 0.1531 0.2148 0.1470 -0.0272 -0.0097 0.0062  53   MET A SD    
814  C CE    . MET A 55 ? 0.2851 0.2420 0.1557 -0.0794 0.0755  -0.0359 53   MET A CE    
824  N N     . VAL A 56 ? 0.1348 0.1518 0.0959 -0.0476 -0.0128 -0.0055 54   VAL A N     
825  C CA    . VAL A 56 ? 0.1090 0.1662 0.0932 -0.0213 -0.0079 -0.0248 54   VAL A CA    
826  C C     . VAL A 56 ? 0.1076 0.1566 0.1219 -0.0455 -0.0191 -0.0225 54   VAL A C     
827  O O     . VAL A 56 ? 0.1273 0.1478 0.1384 -0.0227 0.0108  -0.0130 54   VAL A O     
828  C CB    . VAL A 56 ? 0.1313 0.1877 0.0966 -0.0294 -0.0042 -0.0080 54   VAL A CB    
829  C CG1   . VAL A 56 ? 0.1482 0.1879 0.1295 -0.0266 -0.0204 0.0070  54   VAL A CG1   
830  C CG2   . VAL A 56 ? 0.1458 0.1652 0.1526 -0.0527 -0.0049 0.0104  54   VAL A CG2   
840  N N     . TYR A 57 ? 0.1160 0.1453 0.1237 -0.0502 -0.0155 0.0054  55   TYR A N     
841  C CA    . TYR A 57 ? 0.1196 0.1853 0.0832 -0.0247 0.0038  -0.0032 55   TYR A CA    
842  C C     . TYR A 57 ? 0.0859 0.1448 0.1317 -0.0129 0.0161  0.0027  55   TYR A C     
843  O O     . TYR A 57 ? 0.1239 0.1180 0.1249 -0.0076 -0.0038 -0.0002 55   TYR A O     
844  C CB    . TYR A 57 ? 0.1066 0.1713 0.0975 -0.0199 0.0065  0.0055  55   TYR A CB    
845  C CG    . TYR A 57 ? 0.0964 0.2125 0.1078 -0.0183 0.0081  0.0165  55   TYR A CG    
846  C CD1   . TYR A 57 ? 0.1173 0.1768 0.1342 -0.0266 0.0055  0.0129  55   TYR A CD1   
847  C CD2   . TYR A 57 ? 0.1620 0.1650 0.1199 -0.0194 -0.0200 -0.0080 55   TYR A CD2   
848  C CE1   . TYR A 57 ? 0.1288 0.1802 0.1347 -0.0219 0.0190  -0.0001 55   TYR A CE1   
849  C CE2   . TYR A 57 ? 0.1598 0.1775 0.1242 -0.0253 0.0036  -0.0202 55   TYR A CE2   
850  C CZ    . TYR A 57 ? 0.1230 0.2121 0.1034 -0.0117 -0.0096 -0.0083 55   TYR A CZ    
851  O OH    . TYR A 57 ? 0.1681 0.2146 0.0919 -0.0365 -0.0078 -0.0059 55   TYR A OH    
861  N N     . LYS A 58 ? 0.1120 0.1121 0.1158 -0.0029 -0.0087 0.0034  56   LYS A N     
862  C CA    . LYS A 58 ? 0.1183 0.1490 0.0873 -0.0190 -0.0225 -0.0060 56   LYS A CA    
863  C C     . LYS A 58 ? 0.1077 0.1571 0.1189 -0.0306 -0.0141 0.0083  56   LYS A C     
864  O O     . LYS A 58 ? 0.1231 0.2004 0.0986 -0.0125 -0.0236 -0.0068 56   LYS A O     
865  C CB    . LYS A 58 ? 0.1189 0.1736 0.1115 -0.0291 -0.0108 -0.0008 56   LYS A CB    
866  C CG    . LYS A 58 ? 0.1182 0.1773 0.1107 -0.0260 -0.0086 0.0194  56   LYS A CG    
867  C CD    . LYS A 58 ? 0.1263 0.1784 0.1199 -0.0209 -0.0128 0.0033  56   LYS A CD    
868  C CE    . LYS A 58 ? 0.1333 0.1412 0.1698 -0.0106 -0.0148 -0.0356 56   LYS A CE    
869  N NZ    . LYS A 58 ? 0.1581 0.1643 0.1258 -0.0003 -0.0019 0.0195  56   LYS A NZ    
883  N N     . HIS A 59 ? 0.1096 0.1836 0.1062 -0.0517 -0.0048 -0.0050 57   HIS A N     
884  C CA    . HIS A 59 ? 0.1365 0.1899 0.1094 -0.0256 0.0069  -0.0278 57   HIS A CA    
885  C C     . HIS A 59 ? 0.1276 0.2257 0.0761 0.0060  -0.0132 -0.0107 57   HIS A C     
886  O O     . HIS A 59 ? 0.1245 0.2309 0.1419 0.0046  -0.0073 -0.0187 57   HIS A O     
887  C CB    . HIS A 59 ? 0.1577 0.1882 0.1221 -0.0477 0.0162  -0.0166 57   HIS A CB    
888  C CG    . HIS A 59 ? 0.1666 0.1778 0.1221 -0.0700 0.0470  -0.0265 57   HIS A CG    
889  N ND1   . HIS A 59 ? 0.1447 0.1803 0.1441 -0.0433 0.0437  -0.0267 57   HIS A ND1   
890  C CD2   . HIS A 59 ? 0.1441 0.2047 0.1087 -0.0561 0.0355  -0.0216 57   HIS A CD2   
891  C CE1   . HIS A 59 ? 0.1654 0.1426 0.1296 -0.0433 0.0227  -0.0091 57   HIS A CE1   
892  N NE2   . HIS A 59 ? 0.1526 0.1552 0.0852 -0.0367 0.0155  -0.0125 57   HIS A NE2   
900  N N     . ALA A 60 ? 0.1099 0.1902 0.1140 -0.0344 -0.0110 -0.0078 58   ALA A N     
901  C CA    . ALA A 60 ? 0.1247 0.2151 0.0919 -0.0152 0.0004  0.0010  58   ALA A CA    
902  C C     . ALA A 60 ? 0.1049 0.1569 0.1148 0.0015  0.0070  -0.0061 58   ALA A C     
903  O O     . ALA A 60 ? 0.1761 0.1536 0.1309 0.0048  0.0173  -0.0215 58   ALA A O     
904  C CB    . ALA A 60 ? 0.1342 0.2022 0.1258 -0.0269 -0.0079 -0.0321 58   ALA A CB    
910  N N     . ILE A 61 ? 0.1061 0.1665 0.1131 -0.0132 0.0000  -0.0165 59   ILE A N     
911  C CA    . ILE A 61 ? 0.0973 0.1691 0.1081 -0.0008 0.0232  -0.0014 59   ILE A CA    
912  C C     . ILE A 61 ? 0.1207 0.1365 0.1005 -0.0476 0.0270  0.0186  59   ILE A C     
913  O O     . ILE A 61 ? 0.1230 0.1543 0.1151 -0.0376 0.0210  0.0080  59   ILE A O     
914  C CB    . ILE A 61 ? 0.1314 0.1433 0.0786 -0.0545 -0.0024 -0.0024 59   ILE A CB    
915  C CG1   . ILE A 61 ? 0.1252 0.1500 0.1270 -0.0032 0.0182  -0.0098 59   ILE A CG1   
916  C CG2   . ILE A 61 ? 0.1152 0.1778 0.1375 -0.0202 0.0121  -0.0172 59   ILE A CG2   
917  C CD1   . ILE A 61 ? 0.1615 0.1306 0.1536 -0.0266 0.0001  0.0146  59   ILE A CD1   
929  N N     . SER A 62 ? 0.1358 0.1356 0.1084 -0.0265 0.0190  -0.0005 60   SER A N     
930  C CA    . SER A 62 ? 0.1503 0.1106 0.1131 -0.0274 -0.0055 0.0096  60   SER A CA    
931  C C     . SER A 62 ? 0.1013 0.1781 0.1389 -0.0230 0.0072  0.0158  60   SER A C     
932  O O     . SER A 62 ? 0.1541 0.1817 0.1258 -0.0472 0.0078  0.0271  60   SER A O     
933  C CB    . SER A 62 ? 0.1835 0.1692 0.2153 -0.0183 0.0524  0.0330  60   SER A CB    
934  O OG    . SER A 62 ? 0.1696 0.2266 0.2266 -0.0148 0.0280  0.0610  60   SER A OG    
940  N N     . THR A 63 ? 0.1075 0.1805 0.1167 -0.0317 -0.0054 -0.0003 61   THR A N     
941  C CA    . THR A 63 ? 0.1210 0.1468 0.1036 -0.0162 0.0106  0.0107  61   THR A CA    
942  C C     . THR A 63 ? 0.1445 0.2166 0.1219 -0.0559 0.0145  -0.0192 61   THR A C     
943  O O     . THR A 63 ? 0.1414 0.2384 0.1292 -0.0575 0.0335  -0.0328 61   THR A O     
944  C CB    . THR A 63 ? 0.1797 0.2616 0.1875 -0.0899 -0.0231 0.0426  61   THR A CB    
945  O OG1   . THR A 63 ? 0.2573 0.2354 0.2032 -0.0703 -0.0182 0.0334  61   THR A OG1   
946  C CG2   . THR A 63 ? 0.1711 0.2375 0.1628 -0.0447 0.0276  0.0427  61   THR A CG2   
954  N N     . VAL A 64 ? 0.1162 0.1809 0.1422 -0.0424 0.0133  -0.0070 62   VAL A N     
955  C CA    . VAL A 64 ? 0.1141 0.1653 0.1479 -0.0442 0.0159  -0.0002 62   VAL A CA    
956  C C     . VAL A 64 ? 0.1420 0.1436 0.1574 -0.0539 0.0023  0.0008  62   VAL A C     
957  O O     . VAL A 64 ? 0.1234 0.2201 0.1598 -0.0679 0.0224  -0.0315 62   VAL A O     
958  C CB    . VAL A 64 ? 0.1528 0.1436 0.1538 -0.0087 0.0381  0.0109  62   VAL A CB    
959  C CG1   . VAL A 64 ? 0.1205 0.1727 0.2272 -0.0191 -0.0021 -0.0004 62   VAL A CG1   
960  C CG2   . VAL A 64 ? 0.1798 0.1971 0.1277 -0.0391 -0.0029 -0.0121 62   VAL A CG2   
970  N N     . VAL A 65 ? 0.1664 0.2111 0.1268 -0.0637 -0.0020 0.0218  63   VAL A N     
971  C CA    . VAL A 65 ? 0.1550 0.2220 0.1369 -0.0413 0.0143  0.0303  63   VAL A CA    
972  C C     . VAL A 65 ? 0.1675 0.2090 0.1664 -0.0440 0.0337  0.0245  63   VAL A C     
973  O O     . VAL A 65 ? 0.1595 0.2285 0.1781 -0.0534 0.0351  0.0053  63   VAL A O     
974  C CB    . VAL A 65 ? 0.1597 0.2665 0.1438 -0.0369 0.0068  0.0607  63   VAL A CB    
975  C CG1   . VAL A 65 ? 0.1427 0.3710 0.1713 -0.0088 -0.0101 0.0554  63   VAL A CG1   
976  C CG2   . VAL A 65 ? 0.1025 0.3165 0.2983 -0.0136 0.0392  0.0014  63   VAL A CG2   
986  N N     . PRO A 66 ? 0.1551 0.1780 0.1775 -0.0238 0.0402  0.0022  64   PRO A N     
987  C CA    . PRO A 66 ? 0.1326 0.1470 0.1965 -0.0139 0.0431  0.0572  64   PRO A CA    
988  C C     . PRO A 66 ? 0.1294 0.2534 0.1621 0.0034  0.0695  0.0570  64   PRO A C     
989  O O     . PRO A 66 ? 0.1823 0.2092 0.1817 -0.0152 0.0194  0.0560  64   PRO A O     
990  C CB    . PRO A 66 ? 0.2067 0.2082 0.2393 -0.0059 0.0858  0.0358  64   PRO A CB    
991  C CG    . PRO A 66 ? 0.1930 0.3473 0.2778 0.0455  -0.0149 -0.1218 64   PRO A CG    
992  C CD    . PRO A 66 ? 0.2279 0.1927 0.1759 -0.0506 0.0074  0.0048  64   PRO A CD    
1000 N N     . SER A 67 ? 0.1251 0.2052 0.1735 -0.0225 0.0429  0.0286  65   SER A N     
1001 C CA    . SER A 67 ? 0.1912 0.2054 0.1914 -0.0428 0.0351  -0.0060 65   SER A CA    
1002 C C     . SER A 67 ? 0.2282 0.1984 0.2098 -0.0096 0.0213  0.0110  65   SER A C     
1003 O O     . SER A 67 ? 0.2917 0.2582 0.1853 -0.0122 0.0197  0.0444  65   SER A O     
1004 C CB    . SER A 67 ? 0.2070 0.1873 0.2349 0.0009  0.0054  0.0301  65   SER A CB    
1005 O OG    . SER A 67 ? 0.2175 0.2499 0.2302 -0.0474 0.0115  0.0277  65   SER A OG    
1011 N N     . ARG A 68 ? 0.1830 0.2121 0.1494 -0.0368 0.0198  0.0001  66   ARG A N     
1012 C CA    . ARG A 68 ? 0.1859 0.2751 0.1653 -0.0166 0.0298  0.0406  66   ARG A CA    
1013 C C     . ARG A 68 ? 0.1614 0.2945 0.2170 -0.0005 0.0408  0.0399  66   ARG A C     
1014 O O     . ARG A 68 ? 0.2099 0.2165 0.1816 -0.0368 0.0505  -0.0137 66   ARG A O     
1015 C CB    . ARG A 68 ? 0.2620 0.3572 0.1884 -0.0485 -0.0122 -0.0391 66   ARG A CB    
1016 C CG    . ARG A 68 ? 0.2472 0.4660 0.2694 0.0154  0.0014  0.0621  66   ARG A CG    
1017 C CD    . ARG A 68 ? 0.3822 0.4401 0.2927 0.0898  -0.0805 -0.0239 66   ARG A CD    
1018 N NE    . ARG A 68 ? 0.3148 0.4550 0.2332 0.0159  -0.0383 -0.0862 66   ARG A NE    
1019 C CZ    . ARG A 68 ? 0.3281 0.3891 0.1660 0.0079  -0.0524 0.0005  66   ARG A CZ    
1020 N NH1   . ARG A 68 ? 0.3198 0.4118 0.2583 0.0063  0.0179  -0.0286 66   ARG A NH1   
1021 N NH2   . ARG A 68 ? 0.3622 0.5472 0.2208 0.1584  -0.0462 -0.0571 66   ARG A NH2   
1035 N N     . PRO A 69 ? 0.2063 0.3143 0.1728 -0.0521 0.0266  -0.0048 67   PRO A N     
1036 C CA    . PRO A 69 ? 0.2284 0.2778 0.1499 -0.0234 -0.0047 -0.0070 67   PRO A CA    
1037 C C     . PRO A 69 ? 0.2430 0.2830 0.1103 -0.0219 -0.0249 -0.0330 67   PRO A C     
1038 O O     . PRO A 69 ? 0.2100 0.3371 0.2286 -0.0556 0.0232  -0.0625 67   PRO A O     
1039 C CB    . PRO A 69 ? 0.2337 0.2881 0.1518 -0.0002 -0.0265 -0.0358 67   PRO A CB    
1040 C CG    . PRO A 69 ? 0.2185 0.2646 0.2399 0.0571  -0.0002 0.0233  67   PRO A CG    
1041 C CD    . PRO A 69 ? 0.2711 0.3490 0.1765 -0.0535 -0.0107 0.0079  67   PRO A CD    
1049 N N     . VAL A 70 ? 0.2104 0.2901 0.2015 0.0104  0.0066  -0.0344 68   VAL A N     
1050 C CA    . VAL A 70 ? 0.2677 0.2804 0.1874 -0.0062 -0.0371 -0.0560 68   VAL A CA    
1051 C C     . VAL A 70 ? 0.2674 0.2326 0.1952 0.0620  -0.0552 0.0002  68   VAL A C     
1052 O O     . VAL A 70 ? 0.2458 0.3064 0.2263 0.0176  -0.0277 -0.0151 68   VAL A O     
1053 C CB    . VAL A 70 ? 0.3553 0.3564 0.2402 -0.0517 -0.0256 -0.0931 68   VAL A CB    
1054 C CG1   . VAL A 70 ? 0.5725 0.4551 0.3127 -0.0007 -0.0744 -0.0111 68   VAL A CG1   
1055 C CG2   . VAL A 70 ? 0.5392 0.4745 0.2578 0.0147  -0.0520 -0.0085 68   VAL A CG2   
1065 N N     . SER A 71 ? 0.3054 0.3039 0.1977 0.0627  -0.0578 -0.0067 69   SER A N     
1066 C CA    . SER A 71 ? 0.2927 0.3652 0.1457 0.1354  -0.0277 0.0328  69   SER A CA    
1067 C C     . SER A 71 ? 0.3311 0.3740 0.1820 0.0763  -0.0195 0.0248  69   SER A C     
1068 O O     . SER A 71 ? 0.4266 0.3997 0.1993 0.0859  -0.0006 0.0830  69   SER A O     
1069 C CB    . SER A 71 ? 0.3266 0.3879 0.2577 0.1482  -0.0580 -0.0288 69   SER A CB    
1070 O OG    . SER A 71 ? 0.4652 0.4378 0.3158 0.1576  -0.0295 -0.0622 69   SER A OG    
1076 N N     . HIS A 72 ? 0.3299 0.3972 0.2969 0.0557  0.0399  0.0828  70   HIS A N     
1077 C CA    . HIS A 72 ? 0.2909 0.4452 0.4372 0.0757  0.0611  0.0867  70   HIS A CA    
1078 C C     . HIS A 72 ? 0.3203 0.2968 0.5396 -0.0422 0.1910  -0.0348 70   HIS A C     
1079 O O     . HIS A 72 ? 0.4284 0.6389 0.6851 0.0867  0.1064  -0.0568 70   HIS A O     
1080 C CB    . HIS A 72 ? 0.3867 0.3587 0.3177 0.0337  -0.0317 0.0532  70   HIS A CB    
1081 C CG    . HIS A 72 ? 0.3168 0.3056 0.3147 -0.0070 0.1085  0.0183  70   HIS A CG    
1082 N ND1   . HIS A 72 ? 0.2773 0.3097 0.2626 0.0000  0.0676  -0.0547 70   HIS A ND1   
1083 C CD2   . HIS A 72 ? 0.2768 0.3301 0.2912 0.0060  0.0922  0.0340  70   HIS A CD2   
1084 C CE1   . HIS A 72 ? 0.2138 0.3520 0.2759 -0.0068 -0.0057 -0.0067 70   HIS A CE1   
1085 N NE2   . HIS A 72 ? 0.3014 0.3069 0.3533 -0.0418 0.0915  -0.0216 70   HIS A NE2   
1094 S S     . SCN B .  ? 0.2093 0.2472 0.2661 0.0105  0.0027  0.0166  1071 SCN A S     
1095 C C     . SCN B .  ? 0.1824 0.3931 0.2830 0.0060  -0.0201 0.0160  1071 SCN A C     
1096 N N     . SCN B .  ? 0.1840 0.3598 0.3110 -0.0128 -0.0562 -0.0064 1071 SCN A N     
1097 S S     . SCN C .  ? 0.3544 0.3376 0.2691 0.0253  -0.1099 -0.0414 1072 SCN A S     
1098 C C     . SCN C .  ? 0.3225 0.3542 0.2889 0.1328  -0.0501 0.0009  1072 SCN A C     
1099 N N     . SCN C .  ? 0.3285 0.5272 0.4626 0.0673  -0.0010 -0.0091 1072 SCN A N     
1100 P P     . U   D .  ? 0.2126 0.4547 0.2792 -0.0845 0.1147  -0.0909 1073 U   A P     
1101 O OP1   . U   D .  ? 0.2479 0.2883 0.3904 -0.1277 0.0680  -0.1294 1073 U   A OP1   
1102 O OP2   . U   D .  ? 0.3242 0.4358 0.2636 -0.0642 0.0887  -0.1068 1073 U   A OP2   
1103 O "O5'" . U   D .  ? 0.2798 0.3766 0.3129 0.0020  0.0772  -0.0329 1073 U   A "O5'" 
1104 C "C5'" . U   D .  ? 0.3723 0.3533 0.3895 -0.0908 0.0973  -0.0150 1073 U   A "C5'" 
1105 C "C4'" . U   D .  ? 0.2886 0.3307 0.1140 -0.0797 0.0249  -0.0565 1073 U   A "C4'" 
1106 O "O4'" . U   D .  ? 0.2150 0.3138 0.1477 -0.0767 0.0599  -0.0879 1073 U   A "O4'" 
1107 C "C3'" . U   D .  ? 0.2672 0.2335 0.1935 -0.0912 0.0197  -0.0008 1073 U   A "C3'" 
1108 O "O3'" . U   D .  ? 0.4325 0.3098 0.1647 -0.0864 0.0984  0.0005  1073 U   A "O3'" 
1109 C "C2'" . U   D .  ? 0.2690 0.2172 0.2566 -0.0870 0.0694  0.0185  1073 U   A "C2'" 
1110 O "O2'" . U   D .  ? 0.3439 0.2158 0.4056 -0.0831 0.2026  -0.0237 1073 U   A "O2'" 
1111 C "C1'" . U   D .  ? 0.2012 0.1993 0.2073 -0.0905 0.0482  -0.0415 1073 U   A "C1'" 
1112 N N1    . U   D .  ? 0.1882 0.2484 0.1761 -0.0938 0.0479  -0.0871 1073 U   A N1    
1113 C C2    . U   D .  ? 0.1966 0.3307 0.1891 -0.1057 0.0872  -0.0876 1073 U   A C2    
1114 O O2    . U   D .  ? 0.1833 0.3483 0.2100 -0.0976 0.0871  -0.1279 1073 U   A O2    
1115 N N3    . U   D .  ? 0.2081 0.3372 0.1614 -0.0533 0.0231  -0.0786 1073 U   A N3    
1116 C C4    . U   D .  ? 0.2386 0.2174 0.1822 -0.0360 0.0163  -0.0456 1073 U   A C4    
1117 O O4    . U   D .  ? 0.3004 0.2475 0.2273 -0.0317 0.0031  -0.0234 1073 U   A O4    
1118 C C5    . U   D .  ? 0.2081 0.2366 0.2010 -0.0302 -0.0110 -0.0154 1073 U   A C5    
1119 C C6    . U   D .  ? 0.2157 0.2379 0.2012 -0.0559 -0.0073 -0.0754 1073 U   A C6    
1130 O O     . HOH E .  ? 0.4586 0.4622 0.4718 0.0671  -0.0456 0.0981  2001 HOH A O     
1131 O O     . HOH E .  ? 0.3406 0.4239 0.6083 0.1266  0.0301  0.2607  2002 HOH A O     
1132 O O     . HOH E .  ? 0.4992 0.4410 0.5812 0.0159  0.0727  0.0927  2003 HOH A O     
1133 O O     . HOH E .  ? 0.4766 0.3331 0.2292 -0.0210 0.0381  -0.0004 2004 HOH A O     
1134 O O     . HOH E .  ? 0.5107 0.4673 0.4170 0.1193  0.0118  0.1228  2005 HOH A O     
1135 O O     . HOH E .  ? 0.2637 0.4786 0.3791 0.0369  -0.0183 -0.1114 2006 HOH A O     
1136 O O     . HOH E .  ? 0.2770 0.3100 0.4162 0.0028  0.0673  -0.0436 2007 HOH A O     
1137 O O     . HOH E .  ? 0.2964 0.4297 0.5041 -0.0780 0.0039  0.0639  2008 HOH A O     
1138 O O     . HOH E .  ? 0.4676 0.4258 0.5654 -0.0149 0.0777  0.0723  2009 HOH A O     
1139 O O     . HOH E .  ? 0.4395 0.4740 0.3840 -0.0555 -0.0109 -0.1497 2010 HOH A O     
1140 O O     . HOH E .  ? 0.2628 0.2144 0.1608 0.0169  0.0164  -0.0087 2011 HOH A O     
1141 O O     . HOH E .  ? 0.1886 0.3831 0.3593 -0.1024 0.1189  -0.1382 2012 HOH A O     
1142 O O     . HOH E .  ? 0.4078 0.5066 0.4157 -0.1476 0.0607  0.0938  2013 HOH A O     
1143 O O     . HOH E .  ? 0.2368 0.3471 0.3146 -0.0473 0.0150  -0.0128 2014 HOH A O     
1144 O O     . HOH E .  ? 0.5829 0.5110 0.3196 -0.0034 -0.0587 0.0040  2015 HOH A O     
1145 O O     . HOH E .  ? 0.3224 0.5537 0.4385 -0.0299 0.0987  -0.0297 2016 HOH A O     
1146 O O     . HOH E .  ? 0.3825 0.4380 0.4488 0.1421  0.0155  -0.0824 2017 HOH A O     
1147 O O     . HOH E .  ? 0.3388 0.3220 0.5650 -0.0199 0.0976  -0.0581 2018 HOH A O     
1148 O O     . HOH E .  ? 0.3626 0.2904 0.3037 0.0365  0.1328  0.0217  2019 HOH A O     
1149 O O     . HOH E .  ? 0.4944 0.2390 0.4358 0.0628  -0.0969 0.0841  2020 HOH A O     
1150 O O     . HOH E .  ? 0.5301 0.3798 0.4887 -0.0446 0.1345  0.0929  2021 HOH A O     
1151 O O     . HOH E .  ? 0.2110 0.2188 0.3075 0.0288  0.0292  0.0041  2022 HOH A O     
1152 O O     . HOH E .  ? 0.2642 0.7061 0.4740 0.0316  0.0766  0.1479  2023 HOH A O     
1153 O O     . HOH E .  ? 0.3378 0.2181 0.5135 0.1163  0.0463  0.0591  2024 HOH A O     
1154 O O     . HOH E .  ? 0.4536 0.4206 0.4540 0.1917  0.1283  0.1316  2025 HOH A O     
1155 O O     . HOH E .  ? 0.3601 0.5774 0.6721 0.0193  0.1092  0.0078  2026 HOH A O     
1156 O O     . HOH E .  ? 0.3332 0.2543 0.6346 -0.0586 0.1524  -0.0919 2027 HOH A O     
1157 O O     . HOH E .  ? 0.3999 0.5315 0.3988 -0.1126 0.0021  -0.1179 2028 HOH A O     
1158 O O     . HOH E .  ? 0.3991 0.4942 0.6173 -0.1411 -0.0601 0.0980  2029 HOH A O     
1159 O O     . HOH E .  ? 0.5087 0.4119 0.3416 -0.0052 0.1200  0.0080  2030 HOH A O     
1160 O O     . HOH E .  ? 0.2432 0.2980 0.3766 0.0513  0.0576  0.1108  2031 HOH A O     
1161 O O     . HOH E .  ? 0.2225 0.3006 0.3161 -0.0825 0.0659  -0.0945 2032 HOH A O     
1162 O O     . HOH E .  ? 0.6568 0.3807 0.2724 -0.0048 -0.1170 0.0341  2033 HOH A O     
1163 O O     . HOH E .  ? 0.4030 0.3925 0.2262 0.0519  -0.0421 0.0032  2034 HOH A O     
1164 O O     . HOH E .  ? 0.1826 0.1751 0.2575 -0.0373 -0.0250 0.0153  2035 HOH A O     
1165 O O     . HOH E .  ? 0.3740 0.5977 0.5437 0.0075  -0.0136 -0.0448 2036 HOH A O     
1166 O O     . HOH E .  ? 0.6573 0.5204 0.3751 -0.0068 -0.1497 0.0358  2037 HOH A O     
1167 O O     . HOH E .  ? 0.2559 0.3751 0.2475 0.0354  0.0736  0.0596  2038 HOH A O     
1168 O O     . HOH E .  ? 0.2159 0.5123 0.2277 -0.1422 -0.0014 -0.0914 2039 HOH A O     
1169 O O     . HOH E .  ? 0.3831 0.3551 0.3120 -0.0727 0.0335  -0.0649 2040 HOH A O     
1170 O O     . HOH E .  ? 0.4647 0.3975 0.4738 0.0030  -0.0634 0.0988  2041 HOH A O     
1171 O O     . HOH E .  ? 0.6748 0.4770 0.4666 -0.0299 -0.0560 -0.0570 2042 HOH A O     
1172 O O     . HOH E .  ? 0.6628 0.4016 0.4226 0.0675  -0.0581 0.0021  2043 HOH A O     
1173 O O     . HOH E .  ? 0.2935 0.4411 0.4682 -0.0788 0.1202  0.1050  2044 HOH A O     
1174 O O     . HOH E .  ? 0.2711 0.6060 0.3352 -0.1268 0.0101  -0.1612 2045 HOH A O     
1175 O O     . HOH E .  ? 0.2577 0.4721 0.3168 -0.0153 0.0047  -0.0559 2046 HOH A O     
1176 O O     . HOH E .  ? 0.4299 0.4578 0.6922 -0.0354 0.0418  0.0216  2047 HOH A O     
1177 O O     . HOH E .  ? 0.2683 0.4073 0.3241 -0.1100 0.0487  0.0328  2048 HOH A O     
1178 O O     . HOH E .  ? 0.2832 0.4940 0.6854 -0.0349 0.1560  0.0309  2049 HOH A O     
1179 O O     . HOH E .  ? 0.5239 0.4742 0.4634 -0.0128 -0.0328 0.1316  2050 HOH A O     
# 
loop_
_pdbx_poly_seq_scheme.asym_id 
_pdbx_poly_seq_scheme.entity_id 
_pdbx_poly_seq_scheme.seq_id 
_pdbx_poly_seq_scheme.mon_id 
_pdbx_poly_seq_scheme.ndb_seq_num 
_pdbx_poly_seq_scheme.pdb_seq_num 
_pdbx_poly_seq_scheme.auth_seq_num 
_pdbx_poly_seq_scheme.pdb_mon_id 
_pdbx_poly_seq_scheme.auth_mon_id 
_pdbx_poly_seq_scheme.pdb_strand_id 
_pdbx_poly_seq_scheme.pdb_ins_code 
_pdbx_poly_seq_scheme.hetero 
A 1 1  GLY 1  -1 ?  ?   ?   A . n 
A 1 2  ALA 2  0  ?  ?   ?   A . n 
A 1 3  MET 3  1  ?  ?   ?   A . n 
A 1 4  ALA 4  2  ?  ?   ?   A . n 
A 1 5  LYS 5  3  ?  ?   ?   A . n 
A 1 6  GLY 6  4  ?  ?   ?   A . n 
A 1 7  GLN 7  5  5  GLN GLN A . n 
A 1 8  SER 8  6  6  SER SER A . n 
A 1 9  LEU 9  7  7  LEU LEU A . n 
A 1 10 GLN 10 8  8  GLN GLN A . n 
A 1 11 ASP 11 9  9  ASP ASP A . n 
A 1 12 PRO 12 10 10 PRO PRO A . n 
A 1 13 PHE 13 11 11 PHE PHE A . n 
A 1 14 LEU 14 12 12 LEU LEU A . n 
A 1 15 ASN 15 13 13 ASN ASN A . n 
A 1 16 ALA 16 14 14 ALA ALA A . n 
A 1 17 LEU 17 15 15 LEU LEU A . n 
A 1 18 ARG 18 16 16 ARG ARG A . n 
A 1 19 ARG 19 17 17 ARG ARG A . n 
A 1 20 GLU 20 18 18 GLU GLU A . n 
A 1 21 ARG 21 19 19 ARG ARG A . n 
A 1 22 VAL 22 20 20 VAL VAL A . n 
A 1 23 PRO 23 21 21 PRO PRO A . n 
A 1 24 VAL 24 22 22 VAL VAL A . n 
A 1 25 SER 25 23 23 SER SER A . n 
A 1 26 ILE 26 24 24 ILE ILE A . n 
A 1 27 TYR 27 25 25 TYR TYR A . n 
A 1 28 LEU 28 26 26 LEU LEU A . n 
A 1 29 VAL 29 27 27 VAL VAL A . n 
A 1 30 ASN 30 28 28 ASN ASN A . n 
A 1 31 GLY 31 29 29 GLY GLY A . n 
A 1 32 ILE 32 30 30 ILE ILE A . n 
A 1 33 LYS 33 31 31 LYS LYS A . n 
A 1 34 LEU 34 32 32 LEU LEU A . n 
A 1 35 GLN 35 33 33 GLN GLN A . n 
A 1 36 GLY 36 34 34 GLY GLY A . n 
A 1 37 GLN 37 35 35 GLN GLN A . n 
A 1 38 ILE 38 36 36 ILE ILE A . n 
A 1 39 GLU 39 37 37 GLU GLU A . n 
A 1 40 SER 40 38 38 SER SER A . n 
A 1 41 PHE 41 39 39 PHE PHE A . n 
A 1 42 ASP 42 40 40 ASP ASP A . n 
A 1 43 GLN 43 41 41 GLN GLN A . n 
A 1 44 PHE 44 42 42 PHE PHE A . n 
A 1 45 VAL 45 43 43 VAL VAL A . n 
A 1 46 ILE 46 44 44 ILE ILE A . n 
A 1 47 LEU 47 45 45 LEU LEU A . n 
A 1 48 LEU 48 46 46 LEU LEU A . n 
A 1 49 LYS 49 47 47 LYS LYS A . n 
A 1 50 ASN 50 48 48 ASN ASN A . n 
A 1 51 THR 51 49 49 THR THR A . n 
A 1 52 VAL 52 50 50 VAL VAL A . n 
A 1 53 SER 53 51 51 SER SER A . n 
A 1 54 GLN 54 52 52 GLN GLN A . n 
A 1 55 MET 55 53 53 MET MET A . n 
A 1 56 VAL 56 54 54 VAL VAL A . n 
A 1 57 TYR 57 55 55 TYR TYR A . n 
A 1 58 LYS 58 56 56 LYS LYS A . n 
A 1 59 HIS 59 57 57 HIS HIS A . n 
A 1 60 ALA 60 58 58 ALA ALA A . n 
A 1 61 ILE 61 59 59 ILE ILE A . n 
A 1 62 SER 62 60 60 SER SER A . n 
A 1 63 THR 63 61 61 THR THR A . n 
A 1 64 VAL 64 62 62 VAL VAL A . n 
A 1 65 VAL 65 63 63 VAL VAL A . n 
A 1 66 PRO 66 64 64 PRO PRO A . n 
A 1 67 SER 67 65 65 SER SER A . n 
A 1 68 ARG 68 66 66 ARG ARG A . n 
A 1 69 PRO 69 67 67 PRO PRO A . n 
A 1 70 VAL 70 68 68 VAL VAL A . n 
A 1 71 SER 71 69 69 SER SER A . n 
A 1 72 HIS 72 70 70 HIS HIS A . n 
A 1 73 HIS 73 71 ?  ?   ?   A . n 
A 1 74 SER 74 72 ?  ?   ?   A . n 
# 
loop_
_pdbx_nonpoly_scheme.asym_id 
_pdbx_nonpoly_scheme.entity_id 
_pdbx_nonpoly_scheme.mon_id 
_pdbx_nonpoly_scheme.ndb_seq_num 
_pdbx_nonpoly_scheme.pdb_seq_num 
_pdbx_nonpoly_scheme.auth_seq_num 
_pdbx_nonpoly_scheme.pdb_mon_id 
_pdbx_nonpoly_scheme.auth_mon_id 
_pdbx_nonpoly_scheme.pdb_strand_id 
_pdbx_nonpoly_scheme.pdb_ins_code 
B 2 SCN 1  1071 1071 SCN SCN A . 
C 2 SCN 1  1072 1072 SCN SCN A . 
D 3 U   1  1073 1073 U   U   A . 
E 4 HOH 1  2001 2001 HOH HOH A . 
E 4 HOH 2  2002 2002 HOH HOH A . 
E 4 HOH 3  2003 2003 HOH HOH A . 
E 4 HOH 4  2004 2004 HOH HOH A . 
E 4 HOH 5  2005 2005 HOH HOH A . 
E 4 HOH 6  2006 2006 HOH HOH A . 
E 4 HOH 7  2007 2007 HOH HOH A . 
E 4 HOH 8  2008 2008 HOH HOH A . 
E 4 HOH 9  2009 2009 HOH HOH A . 
E 4 HOH 10 2010 2010 HOH HOH A . 
E 4 HOH 11 2011 2011 HOH HOH A . 
E 4 HOH 12 2012 2012 HOH HOH A . 
E 4 HOH 13 2013 2013 HOH HOH A . 
E 4 HOH 14 2014 2014 HOH HOH A . 
E 4 HOH 15 2015 2015 HOH HOH A . 
E 4 HOH 16 2016 2016 HOH HOH A . 
E 4 HOH 17 2017 2017 HOH HOH A . 
E 4 HOH 18 2018 2018 HOH HOH A . 
E 4 HOH 19 2019 2019 HOH HOH A . 
E 4 HOH 20 2020 2020 HOH HOH A . 
E 4 HOH 21 2021 2021 HOH HOH A . 
E 4 HOH 22 2022 2022 HOH HOH A . 
E 4 HOH 23 2023 2023 HOH HOH A . 
E 4 HOH 24 2024 2024 HOH HOH A . 
E 4 HOH 25 2025 2025 HOH HOH A . 
E 4 HOH 26 2026 2026 HOH HOH A . 
E 4 HOH 27 2027 2027 HOH HOH A . 
E 4 HOH 28 2028 2028 HOH HOH A . 
E 4 HOH 29 2029 2029 HOH HOH A . 
E 4 HOH 30 2030 2030 HOH HOH A . 
E 4 HOH 31 2031 2031 HOH HOH A . 
E 4 HOH 32 2032 2032 HOH HOH A . 
E 4 HOH 33 2033 2033 HOH HOH A . 
E 4 HOH 34 2034 2034 HOH HOH A . 
E 4 HOH 35 2035 2035 HOH HOH A . 
E 4 HOH 36 2036 2036 HOH HOH A . 
E 4 HOH 37 2037 2037 HOH HOH A . 
E 4 HOH 38 2038 2038 HOH HOH A . 
E 4 HOH 39 2039 2039 HOH HOH A . 
E 4 HOH 40 2040 2040 HOH HOH A . 
E 4 HOH 41 2041 2041 HOH HOH A . 
E 4 HOH 42 2042 2042 HOH HOH A . 
E 4 HOH 43 2043 2043 HOH HOH A . 
E 4 HOH 44 2044 2044 HOH HOH A . 
E 4 HOH 45 2045 2045 HOH HOH A . 
E 4 HOH 46 2046 2046 HOH HOH A . 
E 4 HOH 47 2047 2047 HOH HOH A . 
E 4 HOH 48 2048 2048 HOH HOH A . 
E 4 HOH 49 2049 2049 HOH HOH A . 
E 4 HOH 50 2050 2050 HOH HOH A . 
# 
_pdbx_struct_assembly.id                   1 
_pdbx_struct_assembly.details              author_and_software_defined_assembly 
_pdbx_struct_assembly.method_details       PISA 
_pdbx_struct_assembly.oligomeric_details   hexameric 
_pdbx_struct_assembly.oligomeric_count     6 
# 
_pdbx_struct_assembly_gen.assembly_id       1 
_pdbx_struct_assembly_gen.oper_expression   1,2,3,4,5,6 
_pdbx_struct_assembly_gen.asym_id_list      A,B,C,D,E 
# 
loop_
_pdbx_struct_assembly_prop.biol_id 
_pdbx_struct_assembly_prop.type 
_pdbx_struct_assembly_prop.value 
_pdbx_struct_assembly_prop.details 
1 'ABSA (A^2)' 11160  ? 
1 MORE         -118.1 ? 
1 'SSA (A^2)'  18320  ? 
# 
loop_
_pdbx_struct_oper_list.id 
_pdbx_struct_oper_list.type 
_pdbx_struct_oper_list.name 
_pdbx_struct_oper_list.symmetry_operation 
_pdbx_struct_oper_list.matrix[1][1] 
_pdbx_struct_oper_list.matrix[1][2] 
_pdbx_struct_oper_list.matrix[1][3] 
_pdbx_struct_oper_list.vector[1] 
_pdbx_struct_oper_list.matrix[2][1] 
_pdbx_struct_oper_list.matrix[2][2] 
_pdbx_struct_oper_list.matrix[2][3] 
_pdbx_struct_oper_list.vector[2] 
_pdbx_struct_oper_list.matrix[3][1] 
_pdbx_struct_oper_list.matrix[3][2] 
_pdbx_struct_oper_list.matrix[3][3] 
_pdbx_struct_oper_list.vector[3] 
1 'identity operation'         1_555 x,y,z     1.0000000000  0.0000000000  0.0000000000  0.0000000000   0.0000000000  1.0000000000 0.0000000000  0.0000000000  0.0000000000  0.0000000000  1.0000000000  0.0000000000   
2 'crystal symmetry operation' 3_555 -x+y,-x,z -0.4300568248 -0.3899733632 -0.8142308662 -18.8906653738 -0.2400641155 0.9188204336 -0.3132702210 -1.7662520479 0.8702989991  0.0607436161  -0.4887636087 27.2836131227  
3 'crystal symmetry operation' 6_555 x-y,x,z   0.5233143917  -0.0300516226 0.8516096215  -15.2317612076 -0.1799608703 0.9729401445 0.1449191511  -4.3454447563 -0.8329202438 -0.2290946860 0.5037454638  -10.8274975682 
4 'crystal symmetry operation' 4_555 -x,-y,z   -0.9067424331 -0.4200249858 0.0373787553  -34.1224265814 -0.4200249858 0.8917605781 -0.1683510699 -6.1116968042 0.0373787553  -0.1683510699 -0.9850181450 16.4561155546  
5 'crystal symmetry operation' 2_555 -y,x-y,z  -0.4300568248 -0.2400641155 0.8702989991  -32.2929744983 -0.3899733632 0.9188204336 0.0607436161  -7.4012931584 -0.8142308662 -0.3132702210 -0.4887636087 -2.5994397909  
6 'crystal symmetry operation' 5_555 y,-x+y,z  0.5233143917  -0.1799608703 -0.8329202438 -1.8294520831  -0.0300516226 0.9729401445 -0.2290946860 1.2895963542  0.8516096215  0.1449191511  0.5037454638  19.0555553454 
# 
loop_
_pdbx_audit_revision_history.ordinal 
_pdbx_audit_revision_history.data_content_type 
_pdbx_audit_revision_history.major_revision 
_pdbx_audit_revision_history.minor_revision 
_pdbx_audit_revision_history.revision_date 
1 'Structure model' 1 0 2011-07-20 
2 'Structure model' 1 1 2011-08-24 
3 'Structure model' 1 2 2019-10-30 
4 'Structure model' 1 3 2023-12-20 
# 
_pdbx_audit_revision_details.ordinal             1 
_pdbx_audit_revision_details.revision_ordinal    1 
_pdbx_audit_revision_details.data_content_type   'Structure model' 
_pdbx_audit_revision_details.provider            repository 
_pdbx_audit_revision_details.type                'Initial release' 
_pdbx_audit_revision_details.description         ? 
_pdbx_audit_revision_details.details             ? 
# 
loop_
_pdbx_audit_revision_group.ordinal 
_pdbx_audit_revision_group.revision_ordinal 
_pdbx_audit_revision_group.data_content_type 
_pdbx_audit_revision_group.group 
1 2 'Structure model' 'Database references'    
2 3 'Structure model' Advisory                 
3 3 'Structure model' 'Data collection'        
4 3 'Structure model' 'Derived calculations'   
5 3 'Structure model' Other                    
6 4 'Structure model' 'Data collection'        
7 4 'Structure model' 'Database references'    
8 4 'Structure model' 'Derived calculations'   
9 4 'Structure model' 'Refinement description' 
# 
loop_
_pdbx_audit_revision_category.ordinal 
_pdbx_audit_revision_category.revision_ordinal 
_pdbx_audit_revision_category.data_content_type 
_pdbx_audit_revision_category.category 
1 3 'Structure model' pdbx_database_status          
2 3 'Structure model' pdbx_unobs_or_zero_occ_atoms  
3 3 'Structure model' pdbx_validate_symm_contact    
4 3 'Structure model' struct_conn                   
5 4 'Structure model' chem_comp_atom                
6 4 'Structure model' chem_comp_bond                
7 4 'Structure model' database_2                    
8 4 'Structure model' pdbx_initial_refinement_model 
9 4 'Structure model' struct_site                   
# 
loop_
_pdbx_audit_revision_item.ordinal 
_pdbx_audit_revision_item.revision_ordinal 
_pdbx_audit_revision_item.data_content_type 
_pdbx_audit_revision_item.item 
1 3 'Structure model' '_pdbx_database_status.status_code_sf' 
2 4 'Structure model' '_database_2.pdbx_DOI'                 
3 4 'Structure model' '_database_2.pdbx_database_accession'  
4 4 'Structure model' '_struct_site.pdbx_auth_asym_id'       
5 4 'Structure model' '_struct_site.pdbx_auth_comp_id'       
6 4 'Structure model' '_struct_site.pdbx_auth_seq_id'        
# 
loop_
_software.name 
_software.classification 
_software.version 
_software.citation_id 
_software.pdbx_ordinal 
PHENIX refinement       '(PHENIX.REFINE)' ? 1 
XDS    'data reduction' .                 ? 2 
XSCALE 'data scaling'   .                 ? 3 
PHASER phasing          .                 ? 4 
# 
_pdbx_database_remark.id     650 
_pdbx_database_remark.text   
;
HELIX
DETERMINATION METHOD: AUTHOR PROVIDED.
;
# 
_pdbx_entry_details.entry_id                 2YLC 
_pdbx_entry_details.compound_details         ? 
_pdbx_entry_details.source_details           ? 
_pdbx_entry_details.nonpolymer_details       ? 
_pdbx_entry_details.sequence_details         
;THE SEQUENCE IS PRECEDED BY A GA TAG REMAINING FROM THE
PURIFICATION TAG
;
_pdbx_entry_details.has_ligand_of_interest   ? 
# 
_pdbx_validate_symm_contact.id                1 
_pdbx_validate_symm_contact.PDB_model_num     1 
_pdbx_validate_symm_contact.auth_atom_id_1    P 
_pdbx_validate_symm_contact.auth_asym_id_1    A 
_pdbx_validate_symm_contact.auth_comp_id_1    U 
_pdbx_validate_symm_contact.auth_seq_id_1     1073 
_pdbx_validate_symm_contact.PDB_ins_code_1    ? 
_pdbx_validate_symm_contact.label_alt_id_1    ? 
_pdbx_validate_symm_contact.site_symmetry_1   1_555 
_pdbx_validate_symm_contact.auth_atom_id_2    "O3'" 
_pdbx_validate_symm_contact.auth_asym_id_2    A 
_pdbx_validate_symm_contact.auth_comp_id_2    U 
_pdbx_validate_symm_contact.auth_seq_id_2     1073 
_pdbx_validate_symm_contact.PDB_ins_code_2    ? 
_pdbx_validate_symm_contact.label_alt_id_2    ? 
_pdbx_validate_symm_contact.site_symmetry_2   5_555 
_pdbx_validate_symm_contact.dist              1.64 
# 
loop_
_pdbx_validate_torsion.id 
_pdbx_validate_torsion.PDB_model_num 
_pdbx_validate_torsion.auth_comp_id 
_pdbx_validate_torsion.auth_asym_id 
_pdbx_validate_torsion.auth_seq_id 
_pdbx_validate_torsion.PDB_ins_code 
_pdbx_validate_torsion.label_alt_id 
_pdbx_validate_torsion.phi 
_pdbx_validate_torsion.psi 
1 1 ASP A 40 ? ? -142.34 -157.07 
2 1 ASN A 48 ? ? -140.38 -120.93 
# 
_pdbx_distant_solvent_atoms.id                                1 
_pdbx_distant_solvent_atoms.PDB_model_num                     1 
_pdbx_distant_solvent_atoms.auth_atom_id                      O 
_pdbx_distant_solvent_atoms.label_alt_id                      ? 
_pdbx_distant_solvent_atoms.auth_asym_id                      A 
_pdbx_distant_solvent_atoms.auth_comp_id                      HOH 
_pdbx_distant_solvent_atoms.auth_seq_id                       2009 
_pdbx_distant_solvent_atoms.PDB_ins_code                      ? 
_pdbx_distant_solvent_atoms.neighbor_macromolecule_distance   5.93 
_pdbx_distant_solvent_atoms.neighbor_ligand_distance          . 
# 
_pdbx_unobs_or_zero_occ_atoms.id               1 
_pdbx_unobs_or_zero_occ_atoms.PDB_model_num    1 
_pdbx_unobs_or_zero_occ_atoms.polymer_flag     N 
_pdbx_unobs_or_zero_occ_atoms.occupancy_flag   1 
_pdbx_unobs_or_zero_occ_atoms.auth_asym_id     A 
_pdbx_unobs_or_zero_occ_atoms.auth_comp_id     U 
_pdbx_unobs_or_zero_occ_atoms.auth_seq_id      1073 
_pdbx_unobs_or_zero_occ_atoms.PDB_ins_code     ? 
_pdbx_unobs_or_zero_occ_atoms.auth_atom_id     OP3 
_pdbx_unobs_or_zero_occ_atoms.label_alt_id     ? 
_pdbx_unobs_or_zero_occ_atoms.label_asym_id    D 
_pdbx_unobs_or_zero_occ_atoms.label_comp_id    U 
_pdbx_unobs_or_zero_occ_atoms.label_seq_id     1 
_pdbx_unobs_or_zero_occ_atoms.label_atom_id    OP3 
# 
loop_
_pdbx_unobs_or_zero_occ_residues.id 
_pdbx_unobs_or_zero_occ_residues.PDB_model_num 
_pdbx_unobs_or_zero_occ_residues.polymer_flag 
_pdbx_unobs_or_zero_occ_residues.occupancy_flag 
_pdbx_unobs_or_zero_occ_residues.auth_asym_id 
_pdbx_unobs_or_zero_occ_residues.auth_comp_id 
_pdbx_unobs_or_zero_occ_residues.auth_seq_id 
_pdbx_unobs_or_zero_occ_residues.PDB_ins_code 
_pdbx_unobs_or_zero_occ_residues.label_asym_id 
_pdbx_unobs_or_zero_occ_residues.label_comp_id 
_pdbx_unobs_or_zero_occ_residues.label_seq_id 
1 1 Y 1 A GLY -1 ? A GLY 1  
2 1 Y 1 A ALA 0  ? A ALA 2  
3 1 Y 1 A MET 1  ? A MET 3  
4 1 Y 1 A ALA 2  ? A ALA 4  
5 1 Y 1 A LYS 3  ? A LYS 5  
6 1 Y 1 A GLY 4  ? A GLY 6  
7 1 Y 1 A HIS 71 ? A HIS 73 
8 1 Y 1 A SER 72 ? A SER 74 
# 
loop_
_chem_comp_atom.comp_id 
_chem_comp_atom.atom_id 
_chem_comp_atom.type_symbol 
_chem_comp_atom.pdbx_aromatic_flag 
_chem_comp_atom.pdbx_stereo_config 
_chem_comp_atom.pdbx_ordinal 
ALA N      N N N 1   
ALA CA     C N S 2   
ALA C      C N N 3   
ALA O      O N N 4   
ALA CB     C N N 5   
ALA OXT    O N N 6   
ALA H      H N N 7   
ALA H2     H N N 8   
ALA HA     H N N 9   
ALA HB1    H N N 10  
ALA HB2    H N N 11  
ALA HB3    H N N 12  
ALA HXT    H N N 13  
ARG N      N N N 14  
ARG CA     C N S 15  
ARG C      C N N 16  
ARG O      O N N 17  
ARG CB     C N N 18  
ARG CG     C N N 19  
ARG CD     C N N 20  
ARG NE     N N N 21  
ARG CZ     C N N 22  
ARG NH1    N N N 23  
ARG NH2    N N N 24  
ARG OXT    O N N 25  
ARG H      H N N 26  
ARG H2     H N N 27  
ARG HA     H N N 28  
ARG HB2    H N N 29  
ARG HB3    H N N 30  
ARG HG2    H N N 31  
ARG HG3    H N N 32  
ARG HD2    H N N 33  
ARG HD3    H N N 34  
ARG HE     H N N 35  
ARG HH11   H N N 36  
ARG HH12   H N N 37  
ARG HH21   H N N 38  
ARG HH22   H N N 39  
ARG HXT    H N N 40  
ASN N      N N N 41  
ASN CA     C N S 42  
ASN C      C N N 43  
ASN O      O N N 44  
ASN CB     C N N 45  
ASN CG     C N N 46  
ASN OD1    O N N 47  
ASN ND2    N N N 48  
ASN OXT    O N N 49  
ASN H      H N N 50  
ASN H2     H N N 51  
ASN HA     H N N 52  
ASN HB2    H N N 53  
ASN HB3    H N N 54  
ASN HD21   H N N 55  
ASN HD22   H N N 56  
ASN HXT    H N N 57  
ASP N      N N N 58  
ASP CA     C N S 59  
ASP C      C N N 60  
ASP O      O N N 61  
ASP CB     C N N 62  
ASP CG     C N N 63  
ASP OD1    O N N 64  
ASP OD2    O N N 65  
ASP OXT    O N N 66  
ASP H      H N N 67  
ASP H2     H N N 68  
ASP HA     H N N 69  
ASP HB2    H N N 70  
ASP HB3    H N N 71  
ASP HD2    H N N 72  
ASP HXT    H N N 73  
GLN N      N N N 74  
GLN CA     C N S 75  
GLN C      C N N 76  
GLN O      O N N 77  
GLN CB     C N N 78  
GLN CG     C N N 79  
GLN CD     C N N 80  
GLN OE1    O N N 81  
GLN NE2    N N N 82  
GLN OXT    O N N 83  
GLN H      H N N 84  
GLN H2     H N N 85  
GLN HA     H N N 86  
GLN HB2    H N N 87  
GLN HB3    H N N 88  
GLN HG2    H N N 89  
GLN HG3    H N N 90  
GLN HE21   H N N 91  
GLN HE22   H N N 92  
GLN HXT    H N N 93  
GLU N      N N N 94  
GLU CA     C N S 95  
GLU C      C N N 96  
GLU O      O N N 97  
GLU CB     C N N 98  
GLU CG     C N N 99  
GLU CD     C N N 100 
GLU OE1    O N N 101 
GLU OE2    O N N 102 
GLU OXT    O N N 103 
GLU H      H N N 104 
GLU H2     H N N 105 
GLU HA     H N N 106 
GLU HB2    H N N 107 
GLU HB3    H N N 108 
GLU HG2    H N N 109 
GLU HG3    H N N 110 
GLU HE2    H N N 111 
GLU HXT    H N N 112 
GLY N      N N N 113 
GLY CA     C N N 114 
GLY C      C N N 115 
GLY O      O N N 116 
GLY OXT    O N N 117 
GLY H      H N N 118 
GLY H2     H N N 119 
GLY HA2    H N N 120 
GLY HA3    H N N 121 
GLY HXT    H N N 122 
HIS N      N N N 123 
HIS CA     C N S 124 
HIS C      C N N 125 
HIS O      O N N 126 
HIS CB     C N N 127 
HIS CG     C Y N 128 
HIS ND1    N Y N 129 
HIS CD2    C Y N 130 
HIS CE1    C Y N 131 
HIS NE2    N Y N 132 
HIS OXT    O N N 133 
HIS H      H N N 134 
HIS H2     H N N 135 
HIS HA     H N N 136 
HIS HB2    H N N 137 
HIS HB3    H N N 138 
HIS HD1    H N N 139 
HIS HD2    H N N 140 
HIS HE1    H N N 141 
HIS HE2    H N N 142 
HIS HXT    H N N 143 
HOH O      O N N 144 
HOH H1     H N N 145 
HOH H2     H N N 146 
ILE N      N N N 147 
ILE CA     C N S 148 
ILE C      C N N 149 
ILE O      O N N 150 
ILE CB     C N S 151 
ILE CG1    C N N 152 
ILE CG2    C N N 153 
ILE CD1    C N N 154 
ILE OXT    O N N 155 
ILE H      H N N 156 
ILE H2     H N N 157 
ILE HA     H N N 158 
ILE HB     H N N 159 
ILE HG12   H N N 160 
ILE HG13   H N N 161 
ILE HG21   H N N 162 
ILE HG22   H N N 163 
ILE HG23   H N N 164 
ILE HD11   H N N 165 
ILE HD12   H N N 166 
ILE HD13   H N N 167 
ILE HXT    H N N 168 
LEU N      N N N 169 
LEU CA     C N S 170 
LEU C      C N N 171 
LEU O      O N N 172 
LEU CB     C N N 173 
LEU CG     C N N 174 
LEU CD1    C N N 175 
LEU CD2    C N N 176 
LEU OXT    O N N 177 
LEU H      H N N 178 
LEU H2     H N N 179 
LEU HA     H N N 180 
LEU HB2    H N N 181 
LEU HB3    H N N 182 
LEU HG     H N N 183 
LEU HD11   H N N 184 
LEU HD12   H N N 185 
LEU HD13   H N N 186 
LEU HD21   H N N 187 
LEU HD22   H N N 188 
LEU HD23   H N N 189 
LEU HXT    H N N 190 
LYS N      N N N 191 
LYS CA     C N S 192 
LYS C      C N N 193 
LYS O      O N N 194 
LYS CB     C N N 195 
LYS CG     C N N 196 
LYS CD     C N N 197 
LYS CE     C N N 198 
LYS NZ     N N N 199 
LYS OXT    O N N 200 
LYS H      H N N 201 
LYS H2     H N N 202 
LYS HA     H N N 203 
LYS HB2    H N N 204 
LYS HB3    H N N 205 
LYS HG2    H N N 206 
LYS HG3    H N N 207 
LYS HD2    H N N 208 
LYS HD3    H N N 209 
LYS HE2    H N N 210 
LYS HE3    H N N 211 
LYS HZ1    H N N 212 
LYS HZ2    H N N 213 
LYS HZ3    H N N 214 
LYS HXT    H N N 215 
MET N      N N N 216 
MET CA     C N S 217 
MET C      C N N 218 
MET O      O N N 219 
MET CB     C N N 220 
MET CG     C N N 221 
MET SD     S N N 222 
MET CE     C N N 223 
MET OXT    O N N 224 
MET H      H N N 225 
MET H2     H N N 226 
MET HA     H N N 227 
MET HB2    H N N 228 
MET HB3    H N N 229 
MET HG2    H N N 230 
MET HG3    H N N 231 
MET HE1    H N N 232 
MET HE2    H N N 233 
MET HE3    H N N 234 
MET HXT    H N N 235 
PHE N      N N N 236 
PHE CA     C N S 237 
PHE C      C N N 238 
PHE O      O N N 239 
PHE CB     C N N 240 
PHE CG     C Y N 241 
PHE CD1    C Y N 242 
PHE CD2    C Y N 243 
PHE CE1    C Y N 244 
PHE CE2    C Y N 245 
PHE CZ     C Y N 246 
PHE OXT    O N N 247 
PHE H      H N N 248 
PHE H2     H N N 249 
PHE HA     H N N 250 
PHE HB2    H N N 251 
PHE HB3    H N N 252 
PHE HD1    H N N 253 
PHE HD2    H N N 254 
PHE HE1    H N N 255 
PHE HE2    H N N 256 
PHE HZ     H N N 257 
PHE HXT    H N N 258 
PRO N      N N N 259 
PRO CA     C N S 260 
PRO C      C N N 261 
PRO O      O N N 262 
PRO CB     C N N 263 
PRO CG     C N N 264 
PRO CD     C N N 265 
PRO OXT    O N N 266 
PRO H      H N N 267 
PRO HA     H N N 268 
PRO HB2    H N N 269 
PRO HB3    H N N 270 
PRO HG2    H N N 271 
PRO HG3    H N N 272 
PRO HD2    H N N 273 
PRO HD3    H N N 274 
PRO HXT    H N N 275 
SCN S      S N N 276 
SCN C      C N N 277 
SCN N      N N N 278 
SER N      N N N 279 
SER CA     C N S 280 
SER C      C N N 281 
SER O      O N N 282 
SER CB     C N N 283 
SER OG     O N N 284 
SER OXT    O N N 285 
SER H      H N N 286 
SER H2     H N N 287 
SER HA     H N N 288 
SER HB2    H N N 289 
SER HB3    H N N 290 
SER HG     H N N 291 
SER HXT    H N N 292 
THR N      N N N 293 
THR CA     C N S 294 
THR C      C N N 295 
THR O      O N N 296 
THR CB     C N R 297 
THR OG1    O N N 298 
THR CG2    C N N 299 
THR OXT    O N N 300 
THR H      H N N 301 
THR H2     H N N 302 
THR HA     H N N 303 
THR HB     H N N 304 
THR HG1    H N N 305 
THR HG21   H N N 306 
THR HG22   H N N 307 
THR HG23   H N N 308 
THR HXT    H N N 309 
TYR N      N N N 310 
TYR CA     C N S 311 
TYR C      C N N 312 
TYR O      O N N 313 
TYR CB     C N N 314 
TYR CG     C Y N 315 
TYR CD1    C Y N 316 
TYR CD2    C Y N 317 
TYR CE1    C Y N 318 
TYR CE2    C Y N 319 
TYR CZ     C Y N 320 
TYR OH     O N N 321 
TYR OXT    O N N 322 
TYR H      H N N 323 
TYR H2     H N N 324 
TYR HA     H N N 325 
TYR HB2    H N N 326 
TYR HB3    H N N 327 
TYR HD1    H N N 328 
TYR HD2    H N N 329 
TYR HE1    H N N 330 
TYR HE2    H N N 331 
TYR HH     H N N 332 
TYR HXT    H N N 333 
U   OP3    O N N 334 
U   P      P N N 335 
U   OP1    O N N 336 
U   OP2    O N N 337 
U   "O5'"  O N N 338 
U   "C5'"  C N N 339 
U   "C4'"  C N R 340 
U   "O4'"  O N N 341 
U   "C3'"  C N S 342 
U   "O3'"  O N N 343 
U   "C2'"  C N R 344 
U   "O2'"  O N N 345 
U   "C1'"  C N R 346 
U   N1     N N N 347 
U   C2     C N N 348 
U   O2     O N N 349 
U   N3     N N N 350 
U   C4     C N N 351 
U   O4     O N N 352 
U   C5     C N N 353 
U   C6     C N N 354 
U   HOP3   H N N 355 
U   HOP2   H N N 356 
U   "H5'"  H N N 357 
U   "H5''" H N N 358 
U   "H4'"  H N N 359 
U   "H3'"  H N N 360 
U   "HO3'" H N N 361 
U   "H2'"  H N N 362 
U   "HO2'" H N N 363 
U   "H1'"  H N N 364 
U   H3     H N N 365 
U   H5     H N N 366 
U   H6     H N N 367 
VAL N      N N N 368 
VAL CA     C N S 369 
VAL C      C N N 370 
VAL O      O N N 371 
VAL CB     C N N 372 
VAL CG1    C N N 373 
VAL CG2    C N N 374 
VAL OXT    O N N 375 
VAL H      H N N 376 
VAL H2     H N N 377 
VAL HA     H N N 378 
VAL HB     H N N 379 
VAL HG11   H N N 380 
VAL HG12   H N N 381 
VAL HG13   H N N 382 
VAL HG21   H N N 383 
VAL HG22   H N N 384 
VAL HG23   H N N 385 
VAL HXT    H N N 386 
# 
loop_
_chem_comp_bond.comp_id 
_chem_comp_bond.atom_id_1 
_chem_comp_bond.atom_id_2 
_chem_comp_bond.value_order 
_chem_comp_bond.pdbx_aromatic_flag 
_chem_comp_bond.pdbx_stereo_config 
_chem_comp_bond.pdbx_ordinal 
ALA N     CA     sing N N 1   
ALA N     H      sing N N 2   
ALA N     H2     sing N N 3   
ALA CA    C      sing N N 4   
ALA CA    CB     sing N N 5   
ALA CA    HA     sing N N 6   
ALA C     O      doub N N 7   
ALA C     OXT    sing N N 8   
ALA CB    HB1    sing N N 9   
ALA CB    HB2    sing N N 10  
ALA CB    HB3    sing N N 11  
ALA OXT   HXT    sing N N 12  
ARG N     CA     sing N N 13  
ARG N     H      sing N N 14  
ARG N     H2     sing N N 15  
ARG CA    C      sing N N 16  
ARG CA    CB     sing N N 17  
ARG CA    HA     sing N N 18  
ARG C     O      doub N N 19  
ARG C     OXT    sing N N 20  
ARG CB    CG     sing N N 21  
ARG CB    HB2    sing N N 22  
ARG CB    HB3    sing N N 23  
ARG CG    CD     sing N N 24  
ARG CG    HG2    sing N N 25  
ARG CG    HG3    sing N N 26  
ARG CD    NE     sing N N 27  
ARG CD    HD2    sing N N 28  
ARG CD    HD3    sing N N 29  
ARG NE    CZ     sing N N 30  
ARG NE    HE     sing N N 31  
ARG CZ    NH1    sing N N 32  
ARG CZ    NH2    doub N N 33  
ARG NH1   HH11   sing N N 34  
ARG NH1   HH12   sing N N 35  
ARG NH2   HH21   sing N N 36  
ARG NH2   HH22   sing N N 37  
ARG OXT   HXT    sing N N 38  
ASN N     CA     sing N N 39  
ASN N     H      sing N N 40  
ASN N     H2     sing N N 41  
ASN CA    C      sing N N 42  
ASN CA    CB     sing N N 43  
ASN CA    HA     sing N N 44  
ASN C     O      doub N N 45  
ASN C     OXT    sing N N 46  
ASN CB    CG     sing N N 47  
ASN CB    HB2    sing N N 48  
ASN CB    HB3    sing N N 49  
ASN CG    OD1    doub N N 50  
ASN CG    ND2    sing N N 51  
ASN ND2   HD21   sing N N 52  
ASN ND2   HD22   sing N N 53  
ASN OXT   HXT    sing N N 54  
ASP N     CA     sing N N 55  
ASP N     H      sing N N 56  
ASP N     H2     sing N N 57  
ASP CA    C      sing N N 58  
ASP CA    CB     sing N N 59  
ASP CA    HA     sing N N 60  
ASP C     O      doub N N 61  
ASP C     OXT    sing N N 62  
ASP CB    CG     sing N N 63  
ASP CB    HB2    sing N N 64  
ASP CB    HB3    sing N N 65  
ASP CG    OD1    doub N N 66  
ASP CG    OD2    sing N N 67  
ASP OD2   HD2    sing N N 68  
ASP OXT   HXT    sing N N 69  
GLN N     CA     sing N N 70  
GLN N     H      sing N N 71  
GLN N     H2     sing N N 72  
GLN CA    C      sing N N 73  
GLN CA    CB     sing N N 74  
GLN CA    HA     sing N N 75  
GLN C     O      doub N N 76  
GLN C     OXT    sing N N 77  
GLN CB    CG     sing N N 78  
GLN CB    HB2    sing N N 79  
GLN CB    HB3    sing N N 80  
GLN CG    CD     sing N N 81  
GLN CG    HG2    sing N N 82  
GLN CG    HG3    sing N N 83  
GLN CD    OE1    doub N N 84  
GLN CD    NE2    sing N N 85  
GLN NE2   HE21   sing N N 86  
GLN NE2   HE22   sing N N 87  
GLN OXT   HXT    sing N N 88  
GLU N     CA     sing N N 89  
GLU N     H      sing N N 90  
GLU N     H2     sing N N 91  
GLU CA    C      sing N N 92  
GLU CA    CB     sing N N 93  
GLU CA    HA     sing N N 94  
GLU C     O      doub N N 95  
GLU C     OXT    sing N N 96  
GLU CB    CG     sing N N 97  
GLU CB    HB2    sing N N 98  
GLU CB    HB3    sing N N 99  
GLU CG    CD     sing N N 100 
GLU CG    HG2    sing N N 101 
GLU CG    HG3    sing N N 102 
GLU CD    OE1    doub N N 103 
GLU CD    OE2    sing N N 104 
GLU OE2   HE2    sing N N 105 
GLU OXT   HXT    sing N N 106 
GLY N     CA     sing N N 107 
GLY N     H      sing N N 108 
GLY N     H2     sing N N 109 
GLY CA    C      sing N N 110 
GLY CA    HA2    sing N N 111 
GLY CA    HA3    sing N N 112 
GLY C     O      doub N N 113 
GLY C     OXT    sing N N 114 
GLY OXT   HXT    sing N N 115 
HIS N     CA     sing N N 116 
HIS N     H      sing N N 117 
HIS N     H2     sing N N 118 
HIS CA    C      sing N N 119 
HIS CA    CB     sing N N 120 
HIS CA    HA     sing N N 121 
HIS C     O      doub N N 122 
HIS C     OXT    sing N N 123 
HIS CB    CG     sing N N 124 
HIS CB    HB2    sing N N 125 
HIS CB    HB3    sing N N 126 
HIS CG    ND1    sing Y N 127 
HIS CG    CD2    doub Y N 128 
HIS ND1   CE1    doub Y N 129 
HIS ND1   HD1    sing N N 130 
HIS CD2   NE2    sing Y N 131 
HIS CD2   HD2    sing N N 132 
HIS CE1   NE2    sing Y N 133 
HIS CE1   HE1    sing N N 134 
HIS NE2   HE2    sing N N 135 
HIS OXT   HXT    sing N N 136 
HOH O     H1     sing N N 137 
HOH O     H2     sing N N 138 
ILE N     CA     sing N N 139 
ILE N     H      sing N N 140 
ILE N     H2     sing N N 141 
ILE CA    C      sing N N 142 
ILE CA    CB     sing N N 143 
ILE CA    HA     sing N N 144 
ILE C     O      doub N N 145 
ILE C     OXT    sing N N 146 
ILE CB    CG1    sing N N 147 
ILE CB    CG2    sing N N 148 
ILE CB    HB     sing N N 149 
ILE CG1   CD1    sing N N 150 
ILE CG1   HG12   sing N N 151 
ILE CG1   HG13   sing N N 152 
ILE CG2   HG21   sing N N 153 
ILE CG2   HG22   sing N N 154 
ILE CG2   HG23   sing N N 155 
ILE CD1   HD11   sing N N 156 
ILE CD1   HD12   sing N N 157 
ILE CD1   HD13   sing N N 158 
ILE OXT   HXT    sing N N 159 
LEU N     CA     sing N N 160 
LEU N     H      sing N N 161 
LEU N     H2     sing N N 162 
LEU CA    C      sing N N 163 
LEU CA    CB     sing N N 164 
LEU CA    HA     sing N N 165 
LEU C     O      doub N N 166 
LEU C     OXT    sing N N 167 
LEU CB    CG     sing N N 168 
LEU CB    HB2    sing N N 169 
LEU CB    HB3    sing N N 170 
LEU CG    CD1    sing N N 171 
LEU CG    CD2    sing N N 172 
LEU CG    HG     sing N N 173 
LEU CD1   HD11   sing N N 174 
LEU CD1   HD12   sing N N 175 
LEU CD1   HD13   sing N N 176 
LEU CD2   HD21   sing N N 177 
LEU CD2   HD22   sing N N 178 
LEU CD2   HD23   sing N N 179 
LEU OXT   HXT    sing N N 180 
LYS N     CA     sing N N 181 
LYS N     H      sing N N 182 
LYS N     H2     sing N N 183 
LYS CA    C      sing N N 184 
LYS CA    CB     sing N N 185 
LYS CA    HA     sing N N 186 
LYS C     O      doub N N 187 
LYS C     OXT    sing N N 188 
LYS CB    CG     sing N N 189 
LYS CB    HB2    sing N N 190 
LYS CB    HB3    sing N N 191 
LYS CG    CD     sing N N 192 
LYS CG    HG2    sing N N 193 
LYS CG    HG3    sing N N 194 
LYS CD    CE     sing N N 195 
LYS CD    HD2    sing N N 196 
LYS CD    HD3    sing N N 197 
LYS CE    NZ     sing N N 198 
LYS CE    HE2    sing N N 199 
LYS CE    HE3    sing N N 200 
LYS NZ    HZ1    sing N N 201 
LYS NZ    HZ2    sing N N 202 
LYS NZ    HZ3    sing N N 203 
LYS OXT   HXT    sing N N 204 
MET N     CA     sing N N 205 
MET N     H      sing N N 206 
MET N     H2     sing N N 207 
MET CA    C      sing N N 208 
MET CA    CB     sing N N 209 
MET CA    HA     sing N N 210 
MET C     O      doub N N 211 
MET C     OXT    sing N N 212 
MET CB    CG     sing N N 213 
MET CB    HB2    sing N N 214 
MET CB    HB3    sing N N 215 
MET CG    SD     sing N N 216 
MET CG    HG2    sing N N 217 
MET CG    HG3    sing N N 218 
MET SD    CE     sing N N 219 
MET CE    HE1    sing N N 220 
MET CE    HE2    sing N N 221 
MET CE    HE3    sing N N 222 
MET OXT   HXT    sing N N 223 
PHE N     CA     sing N N 224 
PHE N     H      sing N N 225 
PHE N     H2     sing N N 226 
PHE CA    C      sing N N 227 
PHE CA    CB     sing N N 228 
PHE CA    HA     sing N N 229 
PHE C     O      doub N N 230 
PHE C     OXT    sing N N 231 
PHE CB    CG     sing N N 232 
PHE CB    HB2    sing N N 233 
PHE CB    HB3    sing N N 234 
PHE CG    CD1    doub Y N 235 
PHE CG    CD2    sing Y N 236 
PHE CD1   CE1    sing Y N 237 
PHE CD1   HD1    sing N N 238 
PHE CD2   CE2    doub Y N 239 
PHE CD2   HD2    sing N N 240 
PHE CE1   CZ     doub Y N 241 
PHE CE1   HE1    sing N N 242 
PHE CE2   CZ     sing Y N 243 
PHE CE2   HE2    sing N N 244 
PHE CZ    HZ     sing N N 245 
PHE OXT   HXT    sing N N 246 
PRO N     CA     sing N N 247 
PRO N     CD     sing N N 248 
PRO N     H      sing N N 249 
PRO CA    C      sing N N 250 
PRO CA    CB     sing N N 251 
PRO CA    HA     sing N N 252 
PRO C     O      doub N N 253 
PRO C     OXT    sing N N 254 
PRO CB    CG     sing N N 255 
PRO CB    HB2    sing N N 256 
PRO CB    HB3    sing N N 257 
PRO CG    CD     sing N N 258 
PRO CG    HG2    sing N N 259 
PRO CG    HG3    sing N N 260 
PRO CD    HD2    sing N N 261 
PRO CD    HD3    sing N N 262 
PRO OXT   HXT    sing N N 263 
SCN S     C      sing N N 264 
SCN C     N      trip N N 265 
SER N     CA     sing N N 266 
SER N     H      sing N N 267 
SER N     H2     sing N N 268 
SER CA    C      sing N N 269 
SER CA    CB     sing N N 270 
SER CA    HA     sing N N 271 
SER C     O      doub N N 272 
SER C     OXT    sing N N 273 
SER CB    OG     sing N N 274 
SER CB    HB2    sing N N 275 
SER CB    HB3    sing N N 276 
SER OG    HG     sing N N 277 
SER OXT   HXT    sing N N 278 
THR N     CA     sing N N 279 
THR N     H      sing N N 280 
THR N     H2     sing N N 281 
THR CA    C      sing N N 282 
THR CA    CB     sing N N 283 
THR CA    HA     sing N N 284 
THR C     O      doub N N 285 
THR C     OXT    sing N N 286 
THR CB    OG1    sing N N 287 
THR CB    CG2    sing N N 288 
THR CB    HB     sing N N 289 
THR OG1   HG1    sing N N 290 
THR CG2   HG21   sing N N 291 
THR CG2   HG22   sing N N 292 
THR CG2   HG23   sing N N 293 
THR OXT   HXT    sing N N 294 
TYR N     CA     sing N N 295 
TYR N     H      sing N N 296 
TYR N     H2     sing N N 297 
TYR CA    C      sing N N 298 
TYR CA    CB     sing N N 299 
TYR CA    HA     sing N N 300 
TYR C     O      doub N N 301 
TYR C     OXT    sing N N 302 
TYR CB    CG     sing N N 303 
TYR CB    HB2    sing N N 304 
TYR CB    HB3    sing N N 305 
TYR CG    CD1    doub Y N 306 
TYR CG    CD2    sing Y N 307 
TYR CD1   CE1    sing Y N 308 
TYR CD1   HD1    sing N N 309 
TYR CD2   CE2    doub Y N 310 
TYR CD2   HD2    sing N N 311 
TYR CE1   CZ     doub Y N 312 
TYR CE1   HE1    sing N N 313 
TYR CE2   CZ     sing Y N 314 
TYR CE2   HE2    sing N N 315 
TYR CZ    OH     sing N N 316 
TYR OH    HH     sing N N 317 
TYR OXT   HXT    sing N N 318 
U   OP3   P      sing N N 319 
U   OP3   HOP3   sing N N 320 
U   P     OP1    doub N N 321 
U   P     OP2    sing N N 322 
U   P     "O5'"  sing N N 323 
U   OP2   HOP2   sing N N 324 
U   "O5'" "C5'"  sing N N 325 
U   "C5'" "C4'"  sing N N 326 
U   "C5'" "H5'"  sing N N 327 
U   "C5'" "H5''" sing N N 328 
U   "C4'" "O4'"  sing N N 329 
U   "C4'" "C3'"  sing N N 330 
U   "C4'" "H4'"  sing N N 331 
U   "O4'" "C1'"  sing N N 332 
U   "C3'" "O3'"  sing N N 333 
U   "C3'" "C2'"  sing N N 334 
U   "C3'" "H3'"  sing N N 335 
U   "O3'" "HO3'" sing N N 336 
U   "C2'" "O2'"  sing N N 337 
U   "C2'" "C1'"  sing N N 338 
U   "C2'" "H2'"  sing N N 339 
U   "O2'" "HO2'" sing N N 340 
U   "C1'" N1     sing N N 341 
U   "C1'" "H1'"  sing N N 342 
U   N1    C2     sing N N 343 
U   N1    C6     sing N N 344 
U   C2    O2     doub N N 345 
U   C2    N3     sing N N 346 
U   N3    C4     sing N N 347 
U   N3    H3     sing N N 348 
U   C4    O4     doub N N 349 
U   C4    C5     sing N N 350 
U   C5    C6     doub N N 351 
U   C5    H5     sing N N 352 
U   C6    H6     sing N N 353 
VAL N     CA     sing N N 354 
VAL N     H      sing N N 355 
VAL N     H2     sing N N 356 
VAL CA    C      sing N N 357 
VAL CA    CB     sing N N 358 
VAL CA    HA     sing N N 359 
VAL C     O      doub N N 360 
VAL C     OXT    sing N N 361 
VAL CB    CG1    sing N N 362 
VAL CB    CG2    sing N N 363 
VAL CB    HB     sing N N 364 
VAL CG1   HG11   sing N N 365 
VAL CG1   HG12   sing N N 366 
VAL CG1   HG13   sing N N 367 
VAL CG2   HG21   sing N N 368 
VAL CG2   HG22   sing N N 369 
VAL CG2   HG23   sing N N 370 
VAL OXT   HXT    sing N N 371 
# 
loop_
_pdbx_entity_nonpoly.entity_id 
_pdbx_entity_nonpoly.name 
_pdbx_entity_nonpoly.comp_id 
2 'THIOCYANATE ION'          SCN 
3 "URIDINE-5'-MONOPHOSPHATE" U   
4 water                      HOH 
# 
_pdbx_initial_refinement_model.id               1 
_pdbx_initial_refinement_model.entity_id_list   ? 
_pdbx_initial_refinement_model.type             'experimental model' 
_pdbx_initial_refinement_model.source_name      PDB 
_pdbx_initial_refinement_model.accession_code   2YLB 
_pdbx_initial_refinement_model.details          'PDB ENTRY 2YLB' 
# 
